data_4OAV
#
_entry.id   4OAV
#
_cell.length_a   58.610
_cell.length_b   160.700
_cell.length_c   230.800
_cell.angle_alpha   90.00
_cell.angle_beta   90.00
_cell.angle_gamma   90.00
#
_symmetry.space_group_name_H-M   'P 21 21 21'
#
loop_
_entity.id
_entity.type
_entity.pdbx_description
1 polymer 'PROTEIN (RNase L)'
2 polymer "RNA (5'-R(P*(PO4)P*(PO4)P*AP*AP*AP*AP*(PO4))-2')"
3 non-polymer 'PHOSPHOMETHYLPHOSPHONIC ACID ADENYLATE ESTER'
4 non-polymer 'MAGNESIUM ION'
5 non-polymer '(2R,3S,4R,5R)-5-(2,4-dioxo-3,4-dihydropyrimidin-1(2H)-yl)-4-hydroxy-2-({[(S)-hydroxy{[(2R,3S,4S)-4-hydroxy-2-(hydroxymethyl)tetrahydrofuran-3-yl]oxy}phosphoryl]oxy}methyl)tetrahydrofuran-3-yl dihydrogen phosphate'
6 water water
#
loop_
_entity_poly.entity_id
_entity_poly.type
_entity_poly.pdbx_seq_one_letter_code
_entity_poly.pdbx_strand_id
1 'polypeptide(L)'
;AAVEDNHLLIKAVQNEDVDLVQQLLEGGANVNFQEEEGGWTPLHNAVQMSREDIVELLLRHGADPVLRKKNGATPFILAA
IAGSVKLLKLFLSKGADVNECDFYGFTAFMEAAVYGKVKALKFLYKRGANVNLRRKTKEDQERLRKGGATALMDAAEKGH
VEVLKILLDEMGADVNACDNMGRNALIHALLSSDDSDVEAITHLLLDHGADVNVRGERGKTPLILAVEKKHLGLVQRLLE
QEHIEINDTDSDGKTALLLAVELKLKKIAELLCKRGASTDCGDLVMTARRNYDHSLVKVLLSHGAKEDFHPPAEDWKPQS
SHWGAALKDLHRIYRPMIGKLKFFIDEKYKIADTSEGGIYLGFYEKQEVAVKTFCEGSPRAQREVSCLQSSRENSHLVTF
YGSESHRGHLFVCVTLCEQTLEACLDVHRGEDVENEEDEFARNVLSSIFKAVQELHLSCGYTHQDLQPQNILIDSKKAAH
LADFDKSIKWAGDPQEVKRDLEDLGRLVLYVVKKGSISFEDLKAQSNEEVVQLSPDEETKDLIHRLFHPGEHVRDCLSDL
LGHPFFWTWESRYRTLRNVGNESDIKTRKSESEILRLLQPGPSEHSKSFDKWTTKINECVMKKMNKFYEKRGNFYQNTVG
DLLKFIRNLGENIDEEKHKKMKLKIGDPSLYFQKTFPDLVIYVYTKLQNTEYRKHFPQT
;
B,D
2 'polyribonucleotide' (PO4)(PO4)AAAA(PO4) A,C
#
# COMPACT_ATOMS: atom_id res chain seq x y z
N GLU A 4 -26.30 -21.55 -30.42
CA GLU A 4 -26.72 -22.09 -29.14
C GLU A 4 -26.55 -23.60 -29.09
N ASP A 5 -26.79 -24.26 -30.22
CA ASP A 5 -26.61 -25.70 -30.33
C ASP A 5 -25.16 -26.09 -30.04
N ASN A 6 -24.25 -25.18 -30.37
CA ASN A 6 -22.83 -25.38 -30.09
C ASN A 6 -22.54 -25.42 -28.60
N HIS A 7 -23.13 -24.47 -27.86
CA HIS A 7 -23.02 -24.49 -26.40
C HIS A 7 -23.79 -25.66 -25.78
N LEU A 8 -24.90 -26.04 -26.41
CA LEU A 8 -25.62 -27.22 -25.97
C LEU A 8 -24.75 -28.47 -26.11
N LEU A 9 -23.98 -28.52 -27.19
CA LEU A 9 -23.12 -29.67 -27.46
C LEU A 9 -22.11 -29.85 -26.33
N ILE A 10 -21.42 -28.78 -25.98
CA ILE A 10 -20.44 -28.84 -24.90
C ILE A 10 -21.09 -29.25 -23.58
N LYS A 11 -22.25 -28.70 -23.27
CA LYS A 11 -22.96 -29.08 -22.04
C LYS A 11 -23.43 -30.53 -22.09
N ALA A 12 -23.92 -30.97 -23.24
CA ALA A 12 -24.33 -32.36 -23.42
C ALA A 12 -23.18 -33.32 -23.14
N VAL A 13 -21.98 -32.94 -23.59
CA VAL A 13 -20.78 -33.74 -23.34
C VAL A 13 -20.39 -33.73 -21.87
N GLN A 14 -20.42 -32.55 -21.26
CA GLN A 14 -20.05 -32.37 -19.85
C GLN A 14 -20.95 -33.17 -18.90
N ASN A 15 -22.20 -33.35 -19.30
CA ASN A 15 -23.15 -34.15 -18.52
C ASN A 15 -23.24 -35.61 -18.99
N GLU A 16 -22.36 -35.99 -19.90
CA GLU A 16 -22.26 -37.37 -20.38
C GLU A 16 -23.60 -37.90 -20.90
N ASP A 17 -24.35 -37.04 -21.57
CA ASP A 17 -25.62 -37.44 -22.16
C ASP A 17 -25.42 -37.88 -23.61
N VAL A 18 -25.12 -39.17 -23.78
CA VAL A 18 -24.78 -39.72 -25.10
C VAL A 18 -25.87 -39.47 -26.13
N ASP A 19 -27.12 -39.68 -25.73
CA ASP A 19 -28.24 -39.53 -26.64
C ASP A 19 -28.38 -38.10 -27.15
N LEU A 20 -28.22 -37.14 -26.24
CA LEU A 20 -28.31 -35.74 -26.60
C LEU A 20 -27.16 -35.33 -27.50
N VAL A 21 -25.96 -35.80 -27.17
CA VAL A 21 -24.80 -35.56 -28.03
C VAL A 21 -25.05 -36.10 -29.44
N GLN A 22 -25.54 -37.33 -29.54
CA GLN A 22 -25.91 -37.90 -30.83
C GLN A 22 -26.92 -37.01 -31.53
N GLN A 23 -27.94 -36.59 -30.79
CA GLN A 23 -29.02 -35.80 -31.35
C GLN A 23 -28.50 -34.48 -31.91
N LEU A 24 -27.66 -33.80 -31.13
CA LEU A 24 -27.10 -32.51 -31.52
C LEU A 24 -26.15 -32.62 -32.72
N LEU A 25 -25.29 -33.63 -32.71
CA LEU A 25 -24.37 -33.85 -33.82
C LEU A 25 -25.12 -34.20 -35.10
N GLU A 26 -26.09 -35.09 -34.98
CA GLU A 26 -26.88 -35.51 -36.14
C GLU A 26 -27.77 -34.38 -36.63
N GLY A 27 -28.03 -33.42 -35.75
CA GLY A 27 -28.79 -32.22 -36.10
C GLY A 27 -27.95 -31.13 -36.77
N GLY A 28 -26.63 -31.30 -36.77
CA GLY A 28 -25.74 -30.37 -37.47
C GLY A 28 -24.87 -29.47 -36.62
N ALA A 29 -24.77 -29.74 -35.32
CA ALA A 29 -23.96 -28.88 -34.45
C ALA A 29 -22.49 -28.87 -34.85
N ASN A 30 -21.81 -27.75 -34.58
CA ASN A 30 -20.40 -27.61 -34.89
C ASN A 30 -19.57 -28.49 -33.96
N VAL A 31 -19.02 -29.57 -34.52
CA VAL A 31 -18.31 -30.58 -33.73
C VAL A 31 -16.97 -30.05 -33.21
N ASN A 32 -16.44 -29.01 -33.86
CA ASN A 32 -15.16 -28.42 -33.47
C ASN A 32 -15.30 -27.04 -32.82
N PHE A 33 -16.45 -26.77 -32.22
CA PHE A 33 -16.68 -25.50 -31.56
C PHE A 33 -15.71 -25.27 -30.39
N GLN A 34 -15.10 -24.09 -30.34
CA GLN A 34 -14.25 -23.74 -29.21
C GLN A 34 -14.86 -22.60 -28.39
N GLU A 35 -15.03 -22.84 -27.09
CA GLU A 35 -15.53 -21.78 -26.20
C GLU A 35 -14.48 -20.69 -26.07
N GLU A 36 -14.92 -19.46 -25.80
CA GLU A 36 -14.06 -18.30 -25.96
C GLU A 36 -12.81 -18.26 -25.08
N GLU A 37 -12.98 -18.24 -23.77
CA GLU A 37 -11.81 -18.15 -22.91
C GLU A 37 -11.36 -19.52 -22.40
N GLY A 38 -10.44 -20.14 -23.13
CA GLY A 38 -9.92 -21.45 -22.80
C GLY A 38 -9.65 -22.29 -24.04
N GLY A 39 -10.45 -22.07 -25.08
CA GLY A 39 -10.34 -22.83 -26.31
C GLY A 39 -10.79 -24.28 -26.21
N TRP A 40 -11.60 -24.59 -25.20
CA TRP A 40 -12.10 -25.96 -24.99
C TRP A 40 -13.09 -26.37 -26.08
N THR A 41 -12.94 -27.61 -26.57
CA THR A 41 -13.84 -28.17 -27.58
C THR A 41 -14.72 -29.25 -26.94
N PRO A 42 -15.74 -29.71 -27.67
CA PRO A 42 -16.46 -30.89 -27.19
C PRO A 42 -15.51 -32.07 -26.97
N LEU A 43 -14.52 -32.21 -27.84
CA LEU A 43 -13.60 -33.34 -27.73
C LEU A 43 -12.75 -33.28 -26.46
N HIS A 44 -12.22 -32.09 -26.16
CA HIS A 44 -11.47 -31.89 -24.92
C HIS A 44 -12.34 -32.28 -23.72
N ASN A 45 -13.59 -31.85 -23.72
CA ASN A 45 -14.52 -32.20 -22.64
C ASN A 45 -14.77 -33.70 -22.55
N ALA A 46 -14.95 -34.35 -23.70
CA ALA A 46 -15.21 -35.79 -23.73
C ALA A 46 -14.03 -36.59 -23.16
N VAL A 47 -12.82 -36.17 -23.51
CA VAL A 47 -11.62 -36.82 -23.01
C VAL A 47 -11.48 -36.57 -21.49
N GLN A 48 -11.73 -35.33 -21.08
CA GLN A 48 -11.64 -34.99 -19.66
C GLN A 48 -12.62 -35.81 -18.82
N MET A 49 -13.79 -36.12 -19.39
CA MET A 49 -14.77 -36.99 -18.74
C MET A 49 -14.42 -38.46 -18.90
N SER A 50 -13.34 -38.73 -19.63
CA SER A 50 -12.85 -40.10 -19.86
C SER A 50 -13.91 -40.99 -20.52
N ARG A 51 -14.71 -40.39 -21.41
CA ARG A 51 -15.78 -41.14 -22.07
C ARG A 51 -15.40 -41.52 -23.51
N GLU A 52 -14.89 -42.73 -23.68
CA GLU A 52 -14.42 -43.19 -24.97
C GLU A 52 -15.53 -43.26 -26.01
N ASP A 53 -16.74 -43.60 -25.57
CA ASP A 53 -17.87 -43.67 -26.47
C ASP A 53 -18.21 -42.29 -27.04
N ILE A 54 -18.22 -41.29 -26.16
CA ILE A 54 -18.50 -39.92 -26.60
C ILE A 54 -17.36 -39.41 -27.49
N VAL A 55 -16.12 -39.71 -27.12
CA VAL A 55 -14.96 -39.35 -27.95
C VAL A 55 -15.10 -39.90 -29.36
N GLU A 56 -15.41 -41.20 -29.47
CA GLU A 56 -15.50 -41.87 -30.77
C GLU A 56 -16.63 -41.27 -31.60
N LEU A 57 -17.74 -40.98 -30.93
CA LEU A 57 -18.87 -40.32 -31.54
C LEU A 57 -18.47 -38.98 -32.15
N LEU A 58 -17.70 -38.20 -31.39
CA LEU A 58 -17.25 -36.89 -31.86
C LEU A 58 -16.30 -37.01 -33.04
N LEU A 59 -15.34 -37.94 -32.95
CA LEU A 59 -14.39 -38.17 -34.04
C LEU A 59 -15.08 -38.59 -35.33
N ARG A 60 -16.12 -39.43 -35.21
CA ARG A 60 -16.81 -39.92 -36.39
C ARG A 60 -17.69 -38.87 -37.03
N HIS A 61 -17.98 -37.81 -36.28
CA HIS A 61 -18.71 -36.66 -36.81
C HIS A 61 -17.75 -35.56 -37.26
N GLY A 62 -16.46 -35.88 -37.32
CA GLY A 62 -15.47 -34.97 -37.89
C GLY A 62 -14.65 -34.11 -36.95
N ALA A 63 -14.66 -34.43 -35.66
CA ALA A 63 -13.83 -33.70 -34.70
C ALA A 63 -12.35 -33.83 -35.03
N ASP A 64 -11.65 -32.71 -35.04
CA ASP A 64 -10.20 -32.69 -35.25
C ASP A 64 -9.52 -33.35 -34.04
N PRO A 65 -8.86 -34.51 -34.26
CA PRO A 65 -8.30 -35.30 -33.15
C PRO A 65 -7.08 -34.68 -32.48
N VAL A 66 -6.47 -33.68 -33.09
CA VAL A 66 -5.27 -33.07 -32.50
C VAL A 66 -5.41 -31.56 -32.28
N LEU A 67 -6.65 -31.07 -32.34
CA LEU A 67 -6.91 -29.65 -32.14
C LEU A 67 -6.62 -29.26 -30.69
N ARG A 68 -5.68 -28.34 -30.50
CA ARG A 68 -5.25 -27.92 -29.17
C ARG A 68 -6.16 -26.84 -28.61
N LYS A 69 -6.22 -26.75 -27.28
CA LYS A 69 -6.88 -25.62 -26.65
C LYS A 69 -5.86 -24.52 -26.39
N LYS A 70 -6.27 -23.46 -25.70
CA LYS A 70 -5.45 -22.26 -25.58
C LYS A 70 -4.09 -22.48 -24.92
N ASN A 71 -4.01 -23.34 -23.92
CA ASN A 71 -2.73 -23.63 -23.29
C ASN A 71 -1.88 -24.61 -24.08
N GLY A 72 -2.37 -24.99 -25.25
CA GLY A 72 -1.64 -25.88 -26.14
C GLY A 72 -1.83 -27.37 -25.90
N ALA A 73 -2.68 -27.71 -24.94
CA ALA A 73 -2.94 -29.13 -24.65
C ALA A 73 -3.78 -29.80 -25.74
N THR A 74 -3.37 -31.01 -26.11
CA THR A 74 -4.07 -31.82 -27.08
C THR A 74 -5.02 -32.79 -26.37
N PRO A 75 -5.97 -33.39 -27.11
CA PRO A 75 -6.78 -34.46 -26.50
C PRO A 75 -5.92 -35.60 -25.96
N PHE A 76 -4.82 -35.91 -26.64
CA PHE A 76 -3.89 -36.95 -26.20
C PHE A 76 -3.36 -36.65 -24.81
N ILE A 77 -2.90 -35.43 -24.60
CA ILE A 77 -2.39 -35.02 -23.29
C ILE A 77 -3.47 -35.08 -22.21
N LEU A 78 -4.67 -34.64 -22.54
CA LEU A 78 -5.79 -34.71 -21.60
C LEU A 78 -6.11 -36.16 -21.23
N ALA A 79 -5.90 -37.07 -22.17
CA ALA A 79 -6.15 -38.49 -21.94
C ALA A 79 -5.25 -39.05 -20.84
N ALA A 80 -4.03 -38.52 -20.77
CA ALA A 80 -3.08 -38.91 -19.73
C ALA A 80 -3.54 -38.37 -18.38
N ILE A 81 -4.03 -37.13 -18.37
CA ILE A 81 -4.55 -36.53 -17.15
C ILE A 81 -5.71 -37.35 -16.60
N ALA A 82 -6.58 -37.81 -17.49
CA ALA A 82 -7.73 -38.62 -17.10
C ALA A 82 -7.31 -40.05 -16.75
N GLY A 83 -6.13 -40.44 -17.20
CA GLY A 83 -5.60 -41.77 -16.93
C GLY A 83 -6.13 -42.87 -17.81
N SER A 84 -6.63 -42.52 -19.00
CA SER A 84 -7.22 -43.51 -19.89
C SER A 84 -6.25 -44.08 -20.93
N VAL A 85 -5.83 -45.33 -20.74
CA VAL A 85 -4.97 -45.98 -21.72
C VAL A 85 -5.68 -46.12 -23.07
N LYS A 86 -6.98 -46.44 -23.03
CA LYS A 86 -7.75 -46.59 -24.26
C LYS A 86 -7.72 -45.31 -25.10
N LEU A 87 -7.89 -44.17 -24.45
CA LEU A 87 -7.87 -42.90 -25.16
C LEU A 87 -6.46 -42.50 -25.63
N LEU A 88 -5.45 -42.79 -24.81
CA LEU A 88 -4.07 -42.50 -25.19
C LEU A 88 -3.71 -43.30 -26.44
N LYS A 89 -4.12 -44.56 -26.45
CA LYS A 89 -3.90 -45.45 -27.59
C LYS A 89 -4.62 -44.91 -28.84
N LEU A 90 -5.87 -44.50 -28.66
CA LEU A 90 -6.67 -43.99 -29.77
C LEU A 90 -6.02 -42.77 -30.43
N PHE A 91 -5.63 -41.78 -29.64
CA PHE A 91 -5.08 -40.56 -30.22
C PHE A 91 -3.72 -40.79 -30.87
N LEU A 92 -2.96 -41.76 -30.35
CA LEU A 92 -1.70 -42.15 -31.00
C LEU A 92 -1.94 -42.76 -32.39
N SER A 93 -3.11 -43.35 -32.60
CA SER A 93 -3.47 -43.88 -33.91
C SER A 93 -4.08 -42.78 -34.80
N LYS A 94 -4.30 -41.61 -34.22
CA LYS A 94 -4.89 -40.49 -34.95
C LYS A 94 -3.89 -39.36 -35.19
N GLY A 95 -2.61 -39.66 -34.97
CA GLY A 95 -1.57 -38.70 -35.30
C GLY A 95 -0.91 -37.97 -34.15
N ALA A 96 -1.30 -38.25 -32.91
CA ALA A 96 -0.61 -37.65 -31.77
C ALA A 96 0.81 -38.20 -31.70
N ASP A 97 1.73 -37.39 -31.20
CA ASP A 97 3.09 -37.85 -30.94
C ASP A 97 3.25 -38.06 -29.45
N VAL A 98 3.87 -39.17 -29.06
CA VAL A 98 3.95 -39.54 -27.65
C VAL A 98 4.66 -38.47 -26.79
N ASN A 99 5.61 -37.76 -27.40
CA ASN A 99 6.38 -36.75 -26.68
C ASN A 99 5.91 -35.31 -26.92
N GLU A 100 4.72 -35.13 -27.48
CA GLU A 100 4.21 -33.77 -27.71
C GLU A 100 3.94 -33.08 -26.38
N CYS A 101 3.95 -31.75 -26.39
CA CYS A 101 3.77 -30.99 -25.14
C CYS A 101 2.89 -29.77 -25.33
N ASP A 102 2.32 -29.28 -24.23
CA ASP A 102 1.56 -28.04 -24.27
C ASP A 102 2.52 -26.84 -24.29
N PHE A 103 1.97 -25.63 -24.21
CA PHE A 103 2.80 -24.43 -24.38
C PHE A 103 3.67 -24.12 -23.15
N TYR A 104 3.45 -24.86 -22.07
CA TYR A 104 4.26 -24.74 -20.87
C TYR A 104 5.19 -25.94 -20.72
N GLY A 105 5.17 -26.82 -21.71
CA GLY A 105 6.10 -27.93 -21.76
C GLY A 105 5.62 -29.26 -21.20
N PHE A 106 4.36 -29.34 -20.77
CA PHE A 106 3.83 -30.58 -20.22
C PHE A 106 3.57 -31.62 -21.29
N THR A 107 4.18 -32.79 -21.12
CA THR A 107 3.90 -33.94 -21.97
C THR A 107 2.86 -34.83 -21.31
N ALA A 108 2.33 -35.77 -22.07
CA ALA A 108 1.38 -36.74 -21.53
C ALA A 108 1.99 -37.49 -20.36
N PHE A 109 3.27 -37.83 -20.48
CA PHE A 109 3.97 -38.60 -19.45
C PHE A 109 4.07 -37.83 -18.14
N MET A 110 4.39 -36.53 -18.21
CA MET A 110 4.43 -35.68 -17.03
C MET A 110 3.06 -35.59 -16.36
N GLU A 111 2.03 -35.46 -17.18
CA GLU A 111 0.67 -35.34 -16.66
C GLU A 111 0.23 -36.61 -15.96
N ALA A 112 0.57 -37.76 -16.52
CA ALA A 112 0.32 -39.03 -15.86
C ALA A 112 1.00 -39.06 -14.49
N ALA A 113 2.21 -38.49 -14.42
CA ALA A 113 2.94 -38.41 -13.16
C ALA A 113 2.28 -37.42 -12.20
N VAL A 114 1.90 -36.26 -12.72
CA VAL A 114 1.20 -35.23 -11.94
C VAL A 114 -0.07 -35.80 -11.29
N TYR A 115 -0.83 -36.55 -12.07
CA TYR A 115 -2.12 -37.04 -11.61
C TYR A 115 -2.08 -38.45 -11.02
N GLY A 116 -0.88 -39.01 -10.88
CA GLY A 116 -0.71 -40.33 -10.29
C GLY A 116 -1.37 -41.46 -11.07
N LYS A 117 -1.36 -41.35 -12.40
CA LYS A 117 -2.01 -42.33 -13.25
C LYS A 117 -1.06 -43.43 -13.68
N VAL A 118 -1.04 -44.52 -12.91
CA VAL A 118 -0.04 -45.58 -13.07
C VAL A 118 -0.12 -46.32 -14.40
N LYS A 119 -1.33 -46.73 -14.78
CA LYS A 119 -1.48 -47.47 -16.03
C LYS A 119 -1.17 -46.60 -17.26
N ALA A 120 -1.58 -45.33 -17.21
CA ALA A 120 -1.24 -44.38 -18.27
C ALA A 120 0.28 -44.23 -18.33
N LEU A 121 0.89 -44.05 -17.17
CA LEU A 121 2.34 -43.84 -17.10
C LEU A 121 3.09 -45.01 -17.72
N LYS A 122 2.70 -46.23 -17.35
CA LYS A 122 3.33 -47.42 -17.90
C LYS A 122 3.10 -47.55 -19.40
N PHE A 123 1.88 -47.31 -19.84
CA PHE A 123 1.55 -47.37 -21.26
C PHE A 123 2.39 -46.40 -22.09
N LEU A 124 2.52 -45.18 -21.59
CA LEU A 124 3.28 -44.14 -22.29
C LEU A 124 4.76 -44.47 -22.37
N TYR A 125 5.32 -44.97 -21.27
CA TYR A 125 6.70 -45.41 -21.25
C TYR A 125 6.97 -46.44 -22.35
N LYS A 126 6.08 -47.41 -22.47
CA LYS A 126 6.25 -48.49 -23.44
C LYS A 126 5.93 -48.05 -24.88
N ARG A 127 5.37 -46.85 -25.03
CA ARG A 127 5.14 -46.26 -26.34
C ARG A 127 6.22 -45.24 -26.69
N GLY A 128 7.28 -45.18 -25.88
CA GLY A 128 8.44 -44.35 -26.18
C GLY A 128 8.52 -42.98 -25.53
N ALA A 129 7.71 -42.73 -24.52
CA ALA A 129 7.78 -41.44 -23.80
C ALA A 129 9.18 -41.23 -23.22
N ASN A 130 9.74 -40.05 -23.44
CA ASN A 130 11.01 -39.68 -22.86
C ASN A 130 10.79 -39.32 -21.39
N VAL A 131 11.42 -40.08 -20.50
CA VAL A 131 11.19 -39.98 -19.07
C VAL A 131 11.79 -38.72 -18.45
N ASN A 132 12.93 -38.29 -18.99
CA ASN A 132 13.72 -37.26 -18.33
C ASN A 132 13.68 -35.88 -18.98
N LEU A 133 12.69 -35.65 -19.84
CA LEU A 133 12.46 -34.33 -20.41
C LEU A 133 12.26 -33.30 -19.31
N ARG A 134 12.93 -32.15 -19.47
CA ARG A 134 12.71 -31.01 -18.59
C ARG A 134 11.81 -30.03 -19.33
N ARG A 135 10.81 -29.49 -18.65
CA ARG A 135 9.83 -28.65 -19.31
C ARG A 135 10.43 -27.40 -19.97
N LYS A 136 10.13 -27.24 -21.25
CA LYS A 136 10.51 -26.04 -21.99
C LYS A 136 9.28 -25.14 -22.02
N THR A 137 9.40 -23.97 -21.42
CA THR A 137 8.27 -23.06 -21.34
C THR A 137 8.52 -21.78 -22.14
N LYS A 138 7.64 -20.80 -22.01
CA LYS A 138 7.77 -19.54 -22.74
C LYS A 138 8.95 -18.70 -22.26
N GLU A 139 9.48 -17.88 -23.16
CA GLU A 139 10.64 -17.03 -22.86
C GLU A 139 10.43 -16.17 -21.62
N ASP A 140 9.23 -15.61 -21.51
CA ASP A 140 8.88 -14.76 -20.37
C ASP A 140 9.00 -15.53 -19.07
N GLN A 141 8.38 -16.70 -19.04
CA GLN A 141 8.42 -17.56 -17.85
C GLN A 141 9.86 -17.93 -17.50
N GLU A 142 10.66 -18.20 -18.52
CA GLU A 142 12.05 -18.64 -18.35
C GLU A 142 12.92 -17.57 -17.67
N ARG A 143 12.68 -16.29 -17.98
CA ARG A 143 13.39 -15.21 -17.29
C ARG A 143 13.04 -15.21 -15.80
N LEU A 144 11.85 -15.69 -15.47
CA LEU A 144 11.43 -15.81 -14.08
C LEU A 144 11.95 -17.08 -13.43
N ARG A 145 12.81 -17.81 -14.14
CA ARG A 145 13.34 -19.10 -13.68
C ARG A 145 12.27 -20.19 -13.55
N LYS A 146 11.17 -20.03 -14.28
CA LYS A 146 10.16 -21.07 -14.40
C LYS A 146 10.60 -22.10 -15.44
N GLY A 147 9.93 -23.25 -15.46
CA GLY A 147 10.26 -24.30 -16.41
C GLY A 147 11.37 -25.23 -15.93
N GLY A 148 11.59 -26.31 -16.69
CA GLY A 148 12.66 -27.24 -16.40
C GLY A 148 12.33 -28.42 -15.49
N ALA A 149 11.07 -28.49 -15.02
CA ALA A 149 10.68 -29.58 -14.14
C ALA A 149 10.50 -30.90 -14.91
N THR A 150 10.56 -32.01 -14.18
CA THR A 150 10.42 -33.34 -14.77
C THR A 150 9.28 -34.14 -14.15
N ALA A 151 8.94 -35.25 -14.79
CA ALA A 151 7.91 -36.16 -14.29
C ALA A 151 8.18 -36.60 -12.85
N LEU A 152 9.45 -36.85 -12.54
CA LEU A 152 9.85 -37.27 -11.19
C LEU A 152 9.53 -36.20 -10.15
N MET A 153 9.87 -34.95 -10.47
CA MET A 153 9.56 -33.82 -9.61
C MET A 153 8.06 -33.69 -9.42
N ASP A 154 7.31 -33.92 -10.50
CA ASP A 154 5.85 -33.87 -10.43
C ASP A 154 5.32 -34.93 -9.47
N ALA A 155 5.81 -36.16 -9.61
CA ALA A 155 5.37 -37.25 -8.75
C ALA A 155 5.72 -36.97 -7.29
N ALA A 156 6.93 -36.45 -7.07
CA ALA A 156 7.37 -36.12 -5.72
C ALA A 156 6.51 -35.02 -5.11
N GLU A 157 6.27 -33.94 -5.86
CA GLU A 157 5.51 -32.81 -5.32
C GLU A 157 4.05 -33.16 -5.05
N LYS A 158 3.48 -34.05 -5.87
CA LYS A 158 2.08 -34.43 -5.70
C LYS A 158 1.90 -35.64 -4.78
N GLY A 159 3.01 -36.17 -4.26
CA GLY A 159 2.95 -37.23 -3.28
C GLY A 159 2.55 -38.61 -3.80
N HIS A 160 2.86 -38.88 -5.07
CA HIS A 160 2.51 -40.16 -5.68
C HIS A 160 3.63 -41.20 -5.53
N VAL A 161 3.58 -41.95 -4.44
CA VAL A 161 4.63 -42.89 -4.06
C VAL A 161 4.89 -43.98 -5.09
N GLU A 162 3.83 -44.63 -5.55
CA GLU A 162 3.97 -45.71 -6.52
C GLU A 162 4.53 -45.23 -7.85
N VAL A 163 4.07 -44.08 -8.32
CA VAL A 163 4.60 -43.49 -9.53
C VAL A 163 6.09 -43.22 -9.39
N LEU A 164 6.48 -42.63 -8.25
CA LEU A 164 7.88 -42.32 -7.98
C LEU A 164 8.76 -43.58 -7.99
N LYS A 165 8.27 -44.64 -7.35
CA LYS A 165 8.98 -45.91 -7.33
C LYS A 165 9.17 -46.48 -8.74
N ILE A 166 8.11 -46.43 -9.53
CA ILE A 166 8.17 -46.93 -10.89
C ILE A 166 9.14 -46.11 -11.72
N LEU A 167 9.10 -44.79 -11.55
CA LEU A 167 9.98 -43.90 -12.27
C LEU A 167 11.44 -44.21 -11.97
N LEU A 168 11.76 -44.40 -10.69
CA LEU A 168 13.13 -44.64 -10.26
C LEU A 168 13.64 -46.05 -10.61
N ASP A 169 12.82 -47.07 -10.35
CA ASP A 169 13.27 -48.45 -10.46
C ASP A 169 13.02 -49.10 -11.82
N GLU A 170 12.07 -48.58 -12.59
CA GLU A 170 11.67 -49.24 -13.83
C GLU A 170 11.80 -48.39 -15.09
N MET A 171 11.92 -47.07 -14.93
CA MET A 171 11.91 -46.19 -16.09
C MET A 171 13.15 -45.30 -16.22
N GLY A 172 14.15 -45.53 -15.37
CA GLY A 172 15.40 -44.79 -15.44
C GLY A 172 15.31 -43.29 -15.26
N ALA A 173 14.44 -42.83 -14.36
CA ALA A 173 14.36 -41.41 -14.06
C ALA A 173 15.63 -40.91 -13.37
N ASP A 174 16.14 -39.76 -13.80
CA ASP A 174 17.29 -39.12 -13.17
C ASP A 174 16.86 -38.49 -11.84
N VAL A 175 17.34 -39.07 -10.74
CA VAL A 175 16.94 -38.62 -9.40
C VAL A 175 17.43 -37.21 -9.10
N ASN A 176 18.53 -36.80 -9.73
CA ASN A 176 19.18 -35.54 -9.37
C ASN A 176 19.06 -34.40 -10.39
N ALA A 177 18.14 -34.54 -11.35
CA ALA A 177 17.84 -33.44 -12.28
C ALA A 177 17.34 -32.23 -11.50
N CYS A 178 17.58 -31.03 -12.04
CA CYS A 178 17.11 -29.81 -11.41
C CYS A 178 16.26 -28.95 -12.35
N ASP A 179 15.21 -28.32 -11.82
CA ASP A 179 14.42 -27.39 -12.63
C ASP A 179 15.17 -26.05 -12.77
N ASN A 180 14.59 -25.09 -13.46
CA ASN A 180 15.26 -23.80 -13.67
C ASN A 180 15.43 -22.98 -12.39
N MET A 181 14.66 -23.31 -11.34
CA MET A 181 14.82 -22.67 -10.03
C MET A 181 15.92 -23.38 -9.23
N GLY A 182 16.51 -24.41 -9.83
CA GLY A 182 17.56 -25.18 -9.18
C GLY A 182 17.04 -26.29 -8.27
N ARG A 183 15.72 -26.48 -8.22
CA ARG A 183 15.11 -27.49 -7.36
C ARG A 183 15.18 -28.90 -7.94
N ASN A 184 15.55 -29.88 -7.12
CA ASN A 184 15.47 -31.27 -7.54
C ASN A 184 14.22 -31.96 -6.99
N ALA A 185 14.06 -33.24 -7.28
CA ALA A 185 12.88 -33.98 -6.82
C ALA A 185 12.73 -33.95 -5.30
N LEU A 186 13.85 -34.01 -4.59
CA LEU A 186 13.84 -33.98 -3.13
C LEU A 186 13.26 -32.67 -2.61
N ILE A 187 13.70 -31.56 -3.18
CA ILE A 187 13.15 -30.26 -2.83
C ILE A 187 11.66 -30.20 -3.14
N HIS A 188 11.28 -30.67 -4.32
CA HIS A 188 9.88 -30.67 -4.72
C HIS A 188 9.03 -31.47 -3.74
N ALA A 189 9.55 -32.60 -3.29
CA ALA A 189 8.83 -33.44 -2.33
C ALA A 189 8.58 -32.68 -1.03
N LEU A 190 9.58 -31.94 -0.58
CA LEU A 190 9.48 -31.19 0.67
C LEU A 190 8.69 -29.89 0.51
N LEU A 191 8.20 -29.65 -0.70
CA LEU A 191 7.31 -28.53 -0.98
C LEU A 191 5.87 -29.01 -1.20
N SER A 192 5.67 -30.32 -1.10
CA SER A 192 4.34 -30.91 -1.19
C SER A 192 3.42 -30.27 -0.16
N SER A 193 2.22 -29.90 -0.60
CA SER A 193 1.19 -29.44 0.32
C SER A 193 0.50 -30.67 0.92
N ASP A 194 0.71 -31.81 0.28
CA ASP A 194 0.16 -33.09 0.74
C ASP A 194 1.21 -33.85 1.53
N ASP A 195 1.35 -33.53 2.82
CA ASP A 195 2.35 -34.17 3.67
C ASP A 195 2.08 -35.66 3.93
N SER A 196 1.01 -36.18 3.31
CA SER A 196 0.55 -37.54 3.55
C SER A 196 1.57 -38.63 3.23
N ASP A 197 2.48 -38.37 2.30
CA ASP A 197 3.43 -39.38 1.88
C ASP A 197 4.87 -38.85 1.80
N VAL A 198 5.08 -37.64 2.30
CA VAL A 198 6.39 -36.99 2.20
C VAL A 198 7.53 -37.84 2.77
N GLU A 199 7.28 -38.56 3.86
CA GLU A 199 8.33 -39.37 4.48
C GLU A 199 8.75 -40.55 3.59
N ALA A 200 7.77 -41.28 3.07
CA ALA A 200 8.05 -42.39 2.17
C ALA A 200 8.75 -41.90 0.91
N ILE A 201 8.26 -40.78 0.36
CA ILE A 201 8.86 -40.18 -0.82
C ILE A 201 10.31 -39.80 -0.54
N THR A 202 10.55 -39.14 0.59
CA THR A 202 11.89 -38.69 0.96
C THR A 202 12.86 -39.86 1.14
N HIS A 203 12.40 -40.91 1.81
CA HIS A 203 13.18 -42.14 1.95
C HIS A 203 13.59 -42.72 0.59
N LEU A 204 12.63 -42.82 -0.31
CA LEU A 204 12.89 -43.39 -1.64
C LEU A 204 13.91 -42.57 -2.41
N LEU A 205 13.75 -41.25 -2.38
CA LEU A 205 14.66 -40.38 -3.10
C LEU A 205 16.08 -40.47 -2.55
N LEU A 206 16.21 -40.43 -1.22
CA LEU A 206 17.51 -40.49 -0.58
C LEU A 206 18.22 -41.81 -0.88
N ASP A 207 17.46 -42.90 -0.82
CA ASP A 207 18.00 -44.23 -1.12
C ASP A 207 18.48 -44.35 -2.57
N HIS A 208 17.92 -43.55 -3.45
CA HIS A 208 18.34 -43.57 -4.85
C HIS A 208 19.42 -42.53 -5.14
N GLY A 209 20.02 -42.00 -4.08
CA GLY A 209 21.13 -41.08 -4.21
C GLY A 209 20.77 -39.63 -4.45
N ALA A 210 19.60 -39.20 -3.99
CA ALA A 210 19.23 -37.80 -4.10
C ALA A 210 20.22 -36.90 -3.35
N ASP A 211 20.54 -35.74 -3.92
CA ASP A 211 21.45 -34.80 -3.30
C ASP A 211 20.75 -33.99 -2.20
N VAL A 212 21.16 -34.20 -0.95
CA VAL A 212 20.60 -33.46 0.19
C VAL A 212 21.08 -32.03 0.27
N ASN A 213 22.20 -31.72 -0.37
CA ASN A 213 22.77 -30.39 -0.31
C ASN A 213 22.44 -29.58 -1.55
N VAL A 214 21.16 -29.24 -1.67
CA VAL A 214 20.63 -28.54 -2.82
C VAL A 214 19.72 -27.44 -2.26
N ARG A 215 19.49 -26.38 -3.02
CA ARG A 215 18.74 -25.25 -2.51
C ARG A 215 17.40 -25.05 -3.22
N GLY A 216 16.39 -24.68 -2.45
CA GLY A 216 15.12 -24.25 -3.00
C GLY A 216 15.06 -22.73 -3.11
N GLU A 217 13.85 -22.17 -3.15
CA GLU A 217 13.67 -20.74 -3.38
C GLU A 217 14.45 -19.82 -2.43
N ARG A 218 13.98 -19.69 -1.20
CA ARG A 218 14.60 -18.75 -0.26
C ARG A 218 15.84 -19.33 0.42
N GLY A 219 16.74 -19.91 -0.37
CA GLY A 219 17.93 -20.54 0.17
C GLY A 219 17.62 -21.77 1.01
N LYS A 220 16.37 -22.26 0.96
CA LYS A 220 15.93 -23.39 1.78
C LYS A 220 16.55 -24.72 1.36
N THR A 221 17.26 -25.35 2.29
CA THR A 221 17.78 -26.70 2.06
C THR A 221 16.72 -27.73 2.44
N PRO A 222 16.90 -28.99 1.99
CA PRO A 222 15.99 -30.04 2.43
C PRO A 222 15.89 -30.15 3.95
N LEU A 223 17.02 -30.00 4.66
CA LEU A 223 17.01 -30.12 6.11
C LEU A 223 16.20 -28.99 6.75
N ILE A 224 16.38 -27.77 6.23
CA ILE A 224 15.64 -26.62 6.75
C ILE A 224 14.13 -26.76 6.51
N LEU A 225 13.75 -27.25 5.33
CA LEU A 225 12.33 -27.47 5.02
C LEU A 225 11.72 -28.52 5.94
N ALA A 226 12.51 -29.54 6.28
CA ALA A 226 12.04 -30.60 7.16
C ALA A 226 11.80 -30.03 8.55
N VAL A 227 12.72 -29.17 9.00
CA VAL A 227 12.57 -28.49 10.27
C VAL A 227 11.34 -27.58 10.27
N GLU A 228 11.14 -26.84 9.18
CA GLU A 228 9.98 -25.96 9.10
C GLU A 228 8.66 -26.73 9.03
N LYS A 229 8.72 -27.98 8.58
CA LYS A 229 7.56 -28.87 8.64
C LYS A 229 7.34 -29.44 10.03
N LYS A 230 8.28 -29.15 10.94
CA LYS A 230 8.20 -29.63 12.32
C LYS A 230 8.09 -31.15 12.37
N HIS A 231 8.76 -31.80 11.42
CA HIS A 231 8.65 -33.23 11.22
C HIS A 231 9.91 -33.95 11.70
N LEU A 232 9.85 -34.54 12.89
CA LEU A 232 11.01 -35.19 13.49
C LEU A 232 11.51 -36.36 12.65
N GLY A 233 10.58 -37.08 12.02
CA GLY A 233 10.94 -38.21 11.18
C GLY A 233 11.75 -37.82 9.96
N LEU A 234 11.31 -36.75 9.28
CA LEU A 234 12.05 -36.23 8.13
C LEU A 234 13.46 -35.80 8.54
N VAL A 235 13.54 -35.02 9.62
CA VAL A 235 14.83 -34.54 10.12
C VAL A 235 15.77 -35.70 10.43
N GLN A 236 15.26 -36.71 11.15
CA GLN A 236 16.04 -37.90 11.49
C GLN A 236 16.62 -38.58 10.25
N ARG A 237 15.78 -38.75 9.23
CA ARG A 237 16.19 -39.43 8.02
C ARG A 237 17.25 -38.64 7.25
N LEU A 238 17.06 -37.32 7.17
CA LEU A 238 18.01 -36.46 6.48
C LEU A 238 19.37 -36.46 7.16
N LEU A 239 19.37 -36.45 8.50
CA LEU A 239 20.61 -36.44 9.26
C LEU A 239 21.34 -37.79 9.20
N GLU A 240 20.65 -38.82 8.71
CA GLU A 240 21.30 -40.11 8.52
C GLU A 240 22.17 -40.12 7.25
N GLN A 241 21.99 -39.11 6.41
CA GLN A 241 22.88 -38.91 5.26
C GLN A 241 24.27 -38.56 5.76
N GLU A 242 25.29 -39.18 5.18
CA GLU A 242 26.65 -39.03 5.70
C GLU A 242 27.27 -37.64 5.46
N HIS A 243 26.86 -36.97 4.38
CA HIS A 243 27.47 -35.68 4.06
C HIS A 243 26.44 -34.57 3.92
N ILE A 244 25.50 -34.49 4.86
CA ILE A 244 24.58 -33.37 4.84
C ILE A 244 25.27 -32.14 5.46
N GLU A 245 25.12 -30.98 4.82
CA GLU A 245 25.71 -29.75 5.36
C GLU A 245 24.79 -29.14 6.41
N ILE A 246 25.06 -29.49 7.66
CA ILE A 246 24.16 -29.18 8.76
C ILE A 246 24.10 -27.69 9.10
N ASN A 247 25.13 -26.93 8.72
CA ASN A 247 25.23 -25.52 9.08
C ASN A 247 24.83 -24.53 7.96
N ASP A 248 24.19 -25.04 6.91
CA ASP A 248 23.68 -24.18 5.85
C ASP A 248 22.69 -23.16 6.39
N THR A 249 22.66 -21.98 5.76
CA THR A 249 21.73 -20.93 6.14
C THR A 249 20.80 -20.58 4.98
N ASP A 250 19.55 -20.25 5.30
CA ASP A 250 18.60 -19.79 4.29
C ASP A 250 18.85 -18.33 3.90
N SER A 251 17.95 -17.75 3.13
CA SER A 251 18.14 -16.38 2.65
C SER A 251 18.09 -15.34 3.76
N ASP A 252 17.56 -15.73 4.92
CA ASP A 252 17.55 -14.87 6.11
C ASP A 252 18.77 -15.14 6.99
N GLY A 253 19.69 -15.94 6.49
CA GLY A 253 20.89 -16.29 7.25
C GLY A 253 20.65 -17.25 8.41
N LYS A 254 19.52 -17.96 8.38
CA LYS A 254 19.15 -18.86 9.47
C LYS A 254 19.50 -20.32 9.20
N THR A 255 20.12 -20.97 10.18
CA THR A 255 20.39 -22.40 10.09
C THR A 255 19.15 -23.22 10.49
N ALA A 256 19.22 -24.52 10.24
CA ALA A 256 18.19 -25.45 10.68
C ALA A 256 18.00 -25.39 12.19
N LEU A 257 19.12 -25.34 12.92
CA LEU A 257 19.07 -25.31 14.37
C LEU A 257 18.39 -24.05 14.90
N LEU A 258 18.75 -22.89 14.34
CA LEU A 258 18.16 -21.63 14.78
C LEU A 258 16.66 -21.65 14.54
N LEU A 259 16.24 -22.10 13.37
CA LEU A 259 14.83 -22.22 13.05
C LEU A 259 14.12 -23.17 14.02
N ALA A 260 14.76 -24.30 14.33
CA ALA A 260 14.18 -25.27 15.25
C ALA A 260 13.92 -24.66 16.62
N VAL A 261 14.90 -23.90 17.11
CA VAL A 261 14.75 -23.21 18.39
C VAL A 261 13.63 -22.18 18.33
N GLU A 262 13.60 -21.39 17.25
CA GLU A 262 12.58 -20.36 17.09
C GLU A 262 11.18 -20.94 16.99
N LEU A 263 11.07 -22.13 16.40
CA LEU A 263 9.78 -22.80 16.25
C LEU A 263 9.47 -23.68 17.45
N LYS A 264 10.29 -23.58 18.50
CA LYS A 264 10.06 -24.30 19.75
C LYS A 264 10.06 -25.82 19.57
N LEU A 265 10.86 -26.31 18.63
CA LEU A 265 10.98 -27.74 18.39
C LEU A 265 12.18 -28.30 19.17
N LYS A 266 11.94 -28.67 20.43
CA LYS A 266 13.01 -29.09 21.33
C LYS A 266 13.69 -30.38 20.88
N LYS A 267 12.89 -31.38 20.50
CA LYS A 267 13.46 -32.66 20.11
C LYS A 267 14.28 -32.55 18.82
N ILE A 268 13.77 -31.79 17.87
CA ILE A 268 14.48 -31.54 16.63
C ILE A 268 15.77 -30.76 16.89
N ALA A 269 15.68 -29.75 17.74
CA ALA A 269 16.85 -28.93 18.10
C ALA A 269 17.93 -29.77 18.77
N GLU A 270 17.50 -30.64 19.68
CA GLU A 270 18.44 -31.50 20.40
C GLU A 270 19.11 -32.49 19.46
N LEU A 271 18.36 -33.00 18.50
CA LEU A 271 18.89 -33.93 17.51
C LEU A 271 19.96 -33.23 16.67
N LEU A 272 19.66 -32.01 16.22
CA LEU A 272 20.62 -31.22 15.48
C LEU A 272 21.91 -31.01 16.28
N CYS A 273 21.78 -30.66 17.56
CA CYS A 273 22.95 -30.50 18.43
C CYS A 273 23.75 -31.79 18.57
N LYS A 274 23.06 -32.90 18.75
CA LYS A 274 23.74 -34.19 18.90
C LYS A 274 24.44 -34.60 17.61
N ARG A 275 23.88 -34.18 16.47
CA ARG A 275 24.52 -34.43 15.18
C ARG A 275 25.65 -33.44 14.89
N GLY A 276 25.87 -32.51 15.81
CA GLY A 276 27.01 -31.61 15.72
C GLY A 276 26.74 -30.30 15.00
N ALA A 277 25.49 -29.87 14.97
CA ALA A 277 25.17 -28.55 14.41
C ALA A 277 25.87 -27.47 15.22
N SER A 278 26.38 -26.45 14.53
CA SER A 278 27.02 -25.32 15.21
C SER A 278 26.00 -24.54 16.03
N THR A 279 26.38 -24.19 17.25
CA THR A 279 25.53 -23.38 18.10
C THR A 279 25.92 -21.90 18.03
N ASP A 280 26.89 -21.59 17.19
CA ASP A 280 27.27 -20.22 16.90
C ASP A 280 26.53 -19.78 15.63
N CYS A 281 25.22 -19.58 15.74
CA CYS A 281 24.41 -19.30 14.56
C CYS A 281 23.19 -18.42 14.86
N GLY A 282 23.30 -17.60 15.91
CA GLY A 282 22.22 -16.71 16.28
C GLY A 282 22.02 -16.68 17.77
N ASP A 283 20.98 -15.97 18.20
CA ASP A 283 20.64 -15.88 19.63
C ASP A 283 19.85 -17.11 20.07
N LEU A 284 20.55 -18.24 20.16
CA LEU A 284 19.89 -19.51 20.46
C LEU A 284 19.42 -19.58 21.91
N VAL A 285 20.33 -19.35 22.85
CA VAL A 285 19.99 -19.44 24.27
C VAL A 285 18.92 -18.42 24.66
N MET A 286 19.07 -17.18 24.22
CA MET A 286 18.10 -16.14 24.57
C MET A 286 16.71 -16.47 24.03
N THR A 287 16.66 -17.06 22.83
CA THR A 287 15.37 -17.46 22.26
C THR A 287 14.70 -18.57 23.08
N ALA A 288 15.48 -19.57 23.48
CA ALA A 288 14.94 -20.68 24.26
C ALA A 288 14.49 -20.17 25.64
N ARG A 289 15.28 -19.27 26.20
CA ARG A 289 14.97 -18.66 27.49
C ARG A 289 13.65 -17.90 27.39
N ARG A 290 13.51 -17.16 26.30
CA ARG A 290 12.33 -16.33 26.08
C ARG A 290 11.08 -17.19 25.91
N ASN A 291 11.28 -18.41 25.43
CA ASN A 291 10.18 -19.36 25.28
C ASN A 291 10.01 -20.25 26.51
N TYR A 292 10.68 -19.87 27.59
CA TYR A 292 10.62 -20.59 28.86
C TYR A 292 10.92 -22.08 28.71
N ASP A 293 11.91 -22.42 27.88
CA ASP A 293 12.29 -23.80 27.70
C ASP A 293 13.63 -24.07 28.37
N HIS A 294 13.58 -24.28 29.69
CA HIS A 294 14.78 -24.53 30.48
C HIS A 294 15.56 -25.73 29.98
N SER A 295 14.85 -26.78 29.60
CA SER A 295 15.49 -28.00 29.11
C SER A 295 16.29 -27.74 27.83
N LEU A 296 15.69 -27.01 26.89
CA LEU A 296 16.40 -26.65 25.66
C LEU A 296 17.58 -25.72 25.95
N VAL A 297 17.39 -24.79 26.90
CA VAL A 297 18.48 -23.90 27.32
C VAL A 297 19.71 -24.71 27.74
N LYS A 298 19.51 -25.77 28.51
CA LYS A 298 20.62 -26.59 28.97
C LYS A 298 21.27 -27.35 27.81
N VAL A 299 20.46 -27.92 26.93
CA VAL A 299 20.97 -28.64 25.77
C VAL A 299 21.86 -27.73 24.91
N LEU A 300 21.41 -26.50 24.70
CA LEU A 300 22.18 -25.55 23.91
C LEU A 300 23.52 -25.21 24.57
N LEU A 301 23.46 -24.85 25.85
CA LEU A 301 24.68 -24.50 26.59
C LEU A 301 25.67 -25.66 26.66
N SER A 302 25.17 -26.87 26.86
CA SER A 302 26.04 -28.04 26.94
C SER A 302 26.66 -28.37 25.58
N HIS A 303 26.11 -27.77 24.52
CA HIS A 303 26.70 -27.92 23.19
C HIS A 303 27.43 -26.65 22.75
N GLY A 304 27.85 -25.84 23.71
CA GLY A 304 28.74 -24.71 23.45
C GLY A 304 28.09 -23.42 23.00
N ALA A 305 26.76 -23.33 23.07
CA ALA A 305 26.06 -22.11 22.70
C ALA A 305 26.51 -20.93 23.56
N LYS A 306 26.63 -19.76 22.94
CA LYS A 306 27.16 -18.57 23.60
C LYS A 306 26.11 -17.80 24.38
N GLU A 307 26.57 -16.77 25.09
CA GLU A 307 25.69 -15.81 25.76
C GLU A 307 26.47 -14.58 26.23
N TRP A 316 19.68 3.61 14.61
CA TRP A 316 18.48 3.92 13.85
C TRP A 316 17.83 5.21 14.34
N LYS A 317 17.16 5.92 13.43
CA LYS A 317 16.57 7.21 13.76
C LYS A 317 15.10 7.30 13.33
N PRO A 318 14.22 7.70 14.26
CA PRO A 318 12.80 7.89 13.97
C PRO A 318 12.55 9.19 13.23
N GLN A 319 11.48 9.24 12.45
CA GLN A 319 11.10 10.46 11.75
C GLN A 319 10.27 11.35 12.66
N SER A 320 9.32 10.74 13.37
CA SER A 320 8.41 11.50 14.21
C SER A 320 9.10 12.19 15.36
N SER A 321 8.68 13.41 15.65
CA SER A 321 9.15 14.13 16.83
C SER A 321 8.35 13.74 18.06
N HIS A 322 7.03 13.85 17.97
CA HIS A 322 6.16 13.59 19.12
C HIS A 322 6.32 12.15 19.62
N TRP A 323 6.16 11.20 18.71
CA TRP A 323 6.52 9.82 18.99
C TRP A 323 8.01 9.76 18.70
N GLY A 324 8.62 8.59 18.77
CA GLY A 324 10.04 8.54 18.46
C GLY A 324 10.86 8.10 19.65
N ALA A 325 10.64 8.72 20.80
CA ALA A 325 11.22 8.21 22.03
C ALA A 325 10.63 6.81 22.24
N ALA A 326 9.31 6.70 22.08
CA ALA A 326 8.65 5.40 22.15
C ALA A 326 9.02 4.53 20.94
N LEU A 327 9.12 5.16 19.76
CA LEU A 327 9.48 4.43 18.55
C LEU A 327 10.88 3.83 18.65
N LYS A 328 11.79 4.57 19.29
CA LYS A 328 13.14 4.06 19.54
C LYS A 328 13.13 2.84 20.44
N ASP A 329 12.25 2.84 21.45
CA ASP A 329 12.10 1.69 22.33
C ASP A 329 11.49 0.52 21.57
N LEU A 330 10.42 0.79 20.82
CA LEU A 330 9.75 -0.24 20.04
C LEU A 330 10.69 -0.86 19.00
N HIS A 331 11.58 -0.04 18.44
CA HIS A 331 12.54 -0.52 17.45
C HIS A 331 13.57 -1.47 18.07
N ARG A 332 13.85 -1.30 19.35
CA ARG A 332 14.87 -2.08 20.05
C ARG A 332 14.35 -3.41 20.61
N ILE A 333 13.19 -3.36 21.25
CA ILE A 333 12.70 -4.51 22.01
C ILE A 333 12.39 -5.71 21.12
N TYR A 334 12.40 -6.90 21.73
CA TYR A 334 11.97 -8.09 21.02
C TYR A 334 10.46 -8.08 20.85
N ARG A 335 10.01 -8.41 19.65
CA ARG A 335 8.61 -8.60 19.37
C ARG A 335 8.46 -9.62 18.26
N PRO A 336 7.51 -10.56 18.42
CA PRO A 336 7.22 -11.47 17.31
C PRO A 336 6.55 -10.69 16.17
N MET A 337 6.98 -10.96 14.95
CA MET A 337 6.42 -10.32 13.77
C MET A 337 5.01 -10.83 13.48
N ILE A 338 4.13 -9.93 13.05
CA ILE A 338 2.85 -10.35 12.47
C ILE A 338 2.86 -9.96 11.00
N GLY A 339 3.23 -10.91 10.15
CA GLY A 339 3.44 -10.63 8.74
C GLY A 339 4.50 -9.56 8.58
N LYS A 340 4.10 -8.44 8.01
CA LYS A 340 5.01 -7.31 7.80
C LYS A 340 5.03 -6.35 8.99
N LEU A 341 4.19 -6.60 9.99
CA LEU A 341 4.04 -5.66 11.09
C LEU A 341 4.77 -6.06 12.37
N LYS A 342 5.55 -5.12 12.91
CA LYS A 342 6.10 -5.26 14.25
C LYS A 342 5.45 -4.21 15.15
N PHE A 343 4.68 -4.66 16.14
CA PHE A 343 4.14 -3.74 17.13
C PHE A 343 3.80 -4.44 18.44
N PHE A 344 3.32 -3.67 19.40
CA PHE A 344 3.10 -4.18 20.74
C PHE A 344 1.88 -3.47 21.32
N ILE A 345 0.80 -4.22 21.49
CA ILE A 345 -0.38 -3.68 22.15
C ILE A 345 -0.06 -3.47 23.62
N ASP A 346 0.25 -2.23 23.97
CA ASP A 346 0.68 -1.88 25.32
C ASP A 346 0.54 -0.38 25.50
N GLU A 347 0.28 0.03 26.74
CA GLU A 347 0.02 1.43 27.06
C GLU A 347 1.17 2.35 26.60
N LYS A 348 2.39 1.83 26.68
CA LYS A 348 3.59 2.58 26.34
C LYS A 348 3.61 3.01 24.87
N TYR A 349 2.92 2.26 24.03
CA TYR A 349 2.96 2.48 22.59
C TYR A 349 1.59 2.86 22.03
N LYS A 350 0.67 3.18 22.93
CA LYS A 350 -0.68 3.54 22.52
C LYS A 350 -0.79 5.03 22.17
N ILE A 351 -1.40 5.31 21.03
CA ILE A 351 -1.67 6.67 20.58
C ILE A 351 -3.05 7.13 21.06
N ALA A 352 -4.03 6.23 21.03
CA ALA A 352 -5.38 6.56 21.48
C ALA A 352 -6.26 5.33 21.74
N ASP A 353 -7.27 5.50 22.58
CA ASP A 353 -8.30 4.51 22.80
C ASP A 353 -9.32 4.57 21.67
N THR A 354 -9.88 3.38 21.37
CA THR A 354 -10.71 3.12 20.19
C THR A 354 -11.74 2.03 20.50
N SER A 355 -12.85 2.06 19.76
CA SER A 355 -13.98 1.19 20.04
C SER A 355 -13.56 -0.28 20.03
N GLU A 356 -12.69 -0.65 19.12
CA GLU A 356 -12.25 -2.03 19.00
C GLU A 356 -10.75 -2.17 19.26
N GLY A 357 -10.30 -1.48 20.31
CA GLY A 357 -8.91 -1.59 20.74
C GLY A 357 -8.24 -0.24 20.91
N GLY A 358 -7.28 0.05 20.03
CA GLY A 358 -6.63 1.35 20.05
C GLY A 358 -5.85 1.67 18.78
N ILE A 359 -5.25 2.86 18.75
CA ILE A 359 -4.25 3.21 17.75
C ILE A 359 -2.89 3.01 18.41
N TYR A 360 -1.97 2.36 17.71
CA TYR A 360 -0.67 2.04 18.29
C TYR A 360 0.46 2.37 17.33
N LEU A 361 1.64 2.66 17.89
CA LEU A 361 2.83 2.79 17.07
C LEU A 361 3.16 1.44 16.48
N GLY A 362 3.82 1.43 15.32
CA GLY A 362 4.27 0.20 14.71
C GLY A 362 5.28 0.42 13.61
N PHE A 363 5.85 -0.68 13.13
CA PHE A 363 6.70 -0.67 11.95
C PHE A 363 6.13 -1.65 10.94
N TYR A 364 5.75 -1.17 9.76
CA TYR A 364 5.06 -2.02 8.78
C TYR A 364 5.93 -2.66 7.71
N GLU A 365 7.01 -1.99 7.32
CA GLU A 365 7.95 -2.59 6.41
C GLU A 365 9.24 -1.87 6.72
N LYS A 366 9.57 -1.94 8.03
CA LYS A 366 10.61 -1.13 8.67
C LYS A 366 10.21 0.35 8.75
N GLN A 367 9.00 0.68 8.31
CA GLN A 367 8.53 2.06 8.28
C GLN A 367 7.64 2.35 9.48
N GLU A 368 7.88 3.47 10.18
CA GLU A 368 7.02 3.82 11.30
C GLU A 368 5.61 4.15 10.80
N VAL A 369 4.60 3.62 11.49
CA VAL A 369 3.21 3.79 11.10
C VAL A 369 2.33 3.90 12.32
N ALA A 370 1.07 4.28 12.11
CA ALA A 370 0.06 4.15 13.14
C ALA A 370 -0.75 2.90 12.84
N VAL A 371 -1.09 2.14 13.88
CA VAL A 371 -1.84 0.90 13.69
C VAL A 371 -3.19 0.98 14.36
N LYS A 372 -4.25 0.86 13.56
CA LYS A 372 -5.61 0.84 14.07
C LYS A 372 -6.07 -0.61 14.18
N THR A 373 -6.46 -1.02 15.38
CA THR A 373 -6.89 -2.40 15.62
C THR A 373 -8.40 -2.55 15.44
N PHE A 374 -8.83 -3.71 14.93
CA PHE A 374 -10.25 -4.01 14.74
C PHE A 374 -10.50 -5.46 15.10
N CYS A 375 -11.74 -5.78 15.47
CA CYS A 375 -12.19 -7.17 15.42
C CYS A 375 -12.41 -7.49 13.95
N GLU A 376 -11.70 -8.49 13.45
CA GLU A 376 -11.61 -8.75 12.00
C GLU A 376 -12.94 -8.77 11.23
N GLY A 377 -14.00 -9.28 11.84
CA GLY A 377 -15.25 -9.36 11.13
C GLY A 377 -16.06 -8.07 11.04
N SER A 378 -15.74 -7.11 11.91
CA SER A 378 -16.67 -6.05 12.27
C SER A 378 -17.09 -5.11 11.13
N PRO A 379 -18.28 -4.51 11.24
CA PRO A 379 -18.73 -3.48 10.30
C PRO A 379 -17.75 -2.31 10.19
N ARG A 380 -17.13 -1.92 11.31
CA ARG A 380 -16.12 -0.87 11.29
C ARG A 380 -14.90 -1.32 10.50
N ALA A 381 -14.48 -2.56 10.72
CA ALA A 381 -13.32 -3.11 10.03
C ALA A 381 -13.48 -3.08 8.52
N GLN A 382 -14.60 -3.59 8.03
CA GLN A 382 -14.83 -3.61 6.58
C GLN A 382 -15.04 -2.23 5.99
N ARG A 383 -15.65 -1.32 6.74
CA ARG A 383 -15.81 0.05 6.26
C ARG A 383 -14.45 0.75 6.13
N GLU A 384 -13.64 0.68 7.18
CA GLU A 384 -12.29 1.27 7.17
C GLU A 384 -11.44 0.69 6.05
N VAL A 385 -11.35 -0.63 5.99
CA VAL A 385 -10.47 -1.30 5.05
C VAL A 385 -10.92 -1.17 3.59
N SER A 386 -12.23 -1.22 3.34
CA SER A 386 -12.72 -1.11 1.97
C SER A 386 -12.40 0.26 1.38
N CYS A 387 -12.57 1.30 2.18
CA CYS A 387 -12.27 2.65 1.74
C CYS A 387 -10.77 2.81 1.48
N LEU A 388 -9.96 2.36 2.43
CA LEU A 388 -8.51 2.48 2.31
C LEU A 388 -7.95 1.73 1.11
N GLN A 389 -8.50 0.55 0.82
CA GLN A 389 -8.04 -0.23 -0.33
C GLN A 389 -8.34 0.48 -1.64
N SER A 390 -9.38 1.30 -1.64
CA SER A 390 -9.84 1.97 -2.85
C SER A 390 -9.34 3.40 -3.01
N SER A 391 -8.48 3.86 -2.10
CA SER A 391 -8.15 5.29 -2.08
C SER A 391 -6.66 5.60 -2.08
N ARG A 392 -5.85 4.66 -2.57
CA ARG A 392 -4.40 4.82 -2.59
C ARG A 392 -3.91 5.97 -3.48
N GLU A 393 -4.70 6.33 -4.49
CA GLU A 393 -4.30 7.40 -5.41
C GLU A 393 -4.68 8.80 -4.90
N ASN A 394 -5.35 8.85 -3.76
CA ASN A 394 -5.78 10.11 -3.15
C ASN A 394 -4.69 10.66 -2.24
N SER A 395 -3.96 11.68 -2.71
CA SER A 395 -2.79 12.18 -1.98
C SER A 395 -3.10 12.90 -0.66
N HIS A 396 -4.31 13.42 -0.52
CA HIS A 396 -4.67 14.16 0.68
C HIS A 396 -5.28 13.31 1.79
N LEU A 397 -5.38 12.01 1.51
CA LEU A 397 -5.78 11.06 2.52
C LEU A 397 -4.54 10.58 3.23
N VAL A 398 -4.69 10.17 4.48
CA VAL A 398 -3.61 9.46 5.16
C VAL A 398 -3.30 8.24 4.30
N THR A 399 -2.03 7.92 4.07
CA THR A 399 -1.75 6.83 3.14
C THR A 399 -1.79 5.45 3.79
N PHE A 400 -2.47 4.54 3.10
CA PHE A 400 -2.64 3.16 3.56
C PHE A 400 -1.39 2.37 3.20
N TYR A 401 -0.69 1.88 4.22
CA TYR A 401 0.48 1.03 3.99
C TYR A 401 0.05 -0.40 3.69
N GLY A 402 -0.71 -0.98 4.61
CA GLY A 402 -1.22 -2.32 4.43
C GLY A 402 -1.91 -2.80 5.68
N SER A 403 -2.48 -4.00 5.61
CA SER A 403 -3.16 -4.56 6.77
C SER A 403 -2.68 -5.98 7.05
N GLU A 404 -2.78 -6.39 8.31
CA GLU A 404 -2.47 -7.75 8.71
C GLU A 404 -3.62 -8.32 9.52
N SER A 405 -3.96 -9.59 9.26
CA SER A 405 -4.94 -10.34 10.03
C SER A 405 -4.19 -11.42 10.78
N HIS A 406 -4.60 -11.69 12.02
CA HIS A 406 -3.87 -12.68 12.82
C HIS A 406 -4.76 -13.80 13.38
N ARG A 407 -5.44 -13.52 14.47
CA ARG A 407 -6.30 -14.51 15.13
C ARG A 407 -7.66 -13.88 15.38
N GLY A 408 -8.35 -13.50 14.31
CA GLY A 408 -9.61 -12.80 14.43
C GLY A 408 -9.42 -11.32 14.68
N HIS A 409 -8.17 -10.85 14.67
CA HIS A 409 -7.88 -9.42 14.80
C HIS A 409 -7.39 -8.86 13.47
N LEU A 410 -7.72 -7.60 13.21
CA LEU A 410 -7.25 -6.91 12.01
C LEU A 410 -6.47 -5.66 12.38
N PHE A 411 -5.26 -5.55 11.86
CA PHE A 411 -4.42 -4.41 12.17
C PHE A 411 -4.18 -3.57 10.90
N VAL A 412 -4.71 -2.35 10.91
CA VAL A 412 -4.64 -1.47 9.75
C VAL A 412 -3.57 -0.41 9.91
N CYS A 413 -2.62 -0.38 8.98
CA CYS A 413 -1.46 0.49 9.08
C CYS A 413 -1.53 1.67 8.12
N VAL A 414 -1.13 2.84 8.63
CA VAL A 414 -1.46 4.10 8.00
C VAL A 414 -0.40 5.12 8.44
N THR A 415 -0.17 6.17 7.64
CA THR A 415 0.84 7.18 7.95
C THR A 415 0.79 7.62 9.41
N LEU A 416 1.93 7.59 10.07
CA LEU A 416 2.03 8.11 11.43
C LEU A 416 2.09 9.63 11.37
N CYS A 417 1.13 10.30 12.01
CA CYS A 417 1.11 11.75 12.08
C CYS A 417 1.40 12.25 13.51
N GLU A 418 1.75 13.53 13.62
CA GLU A 418 2.15 14.09 14.91
C GLU A 418 0.97 14.32 15.87
N GLN A 419 -0.12 14.86 15.34
CA GLN A 419 -1.21 15.34 16.18
C GLN A 419 -2.44 15.59 15.32
N THR A 420 -3.57 15.82 15.98
CA THR A 420 -4.79 16.15 15.25
C THR A 420 -4.87 17.67 15.04
N LEU A 421 -5.78 18.06 14.14
CA LEU A 421 -6.08 19.47 13.91
C LEU A 421 -6.53 20.14 15.21
N GLU A 422 -7.32 19.41 16.00
CA GLU A 422 -7.84 19.93 17.26
C GLU A 422 -6.71 20.26 18.23
N ALA A 423 -5.76 19.34 18.36
CA ALA A 423 -4.61 19.54 19.24
C ALA A 423 -3.73 20.68 18.74
N CYS A 424 -3.65 20.81 17.42
CA CYS A 424 -2.81 21.82 16.81
C CYS A 424 -3.35 23.22 17.07
N LEU A 425 -4.66 23.35 17.05
CA LEU A 425 -5.32 24.64 17.26
C LEU A 425 -5.30 25.07 18.72
N ASP A 426 -5.19 24.10 19.62
CA ASP A 426 -5.11 24.41 21.05
C ASP A 426 -3.77 25.05 21.40
N VAL A 427 -2.81 24.92 20.49
CA VAL A 427 -1.51 25.54 20.66
C VAL A 427 -1.45 26.90 19.97
N GLU A 436 -4.23 39.66 12.03
CA GLU A 436 -3.24 39.04 11.16
C GLU A 436 -3.90 38.00 10.25
N GLU A 437 -3.31 37.79 9.08
CA GLU A 437 -3.87 36.87 8.10
C GLU A 437 -3.67 35.41 8.52
N ASP A 438 -4.77 34.70 8.69
CA ASP A 438 -4.72 33.30 9.11
C ASP A 438 -4.42 32.38 7.93
N GLU A 439 -3.15 32.24 7.59
CA GLU A 439 -2.74 31.39 6.47
C GLU A 439 -2.92 29.91 6.78
N PHE A 440 -2.75 29.53 8.04
CA PHE A 440 -2.92 28.14 8.45
C PHE A 440 -4.32 27.62 8.11
N ALA A 441 -5.33 28.42 8.43
CA ALA A 441 -6.71 28.04 8.15
C ALA A 441 -6.93 27.78 6.67
N ARG A 442 -6.36 28.64 5.83
CA ARG A 442 -6.52 28.54 4.38
C ARG A 442 -6.01 27.24 3.78
N ASN A 443 -4.76 26.90 4.06
CA ASN A 443 -4.17 25.72 3.46
C ASN A 443 -4.57 24.40 4.13
N VAL A 444 -5.00 24.48 5.39
CA VAL A 444 -5.55 23.29 6.04
C VAL A 444 -6.89 22.95 5.42
N LEU A 445 -7.76 23.96 5.31
CA LEU A 445 -9.08 23.75 4.72
C LEU A 445 -8.98 23.38 3.25
N SER A 446 -8.00 23.96 2.57
CA SER A 446 -7.73 23.63 1.18
C SER A 446 -7.41 22.14 1.02
N SER A 447 -6.50 21.64 1.85
CA SER A 447 -6.14 20.22 1.80
C SER A 447 -7.33 19.33 2.09
N ILE A 448 -8.13 19.72 3.07
CA ILE A 448 -9.30 18.94 3.48
C ILE A 448 -10.39 18.94 2.40
N PHE A 449 -10.65 20.10 1.81
CA PHE A 449 -11.55 20.21 0.67
C PHE A 449 -11.14 19.24 -0.43
N LYS A 450 -9.85 19.23 -0.74
CA LYS A 450 -9.32 18.35 -1.79
C LYS A 450 -9.42 16.89 -1.40
N ALA A 451 -9.22 16.62 -0.10
CA ALA A 451 -9.36 15.26 0.41
C ALA A 451 -10.79 14.75 0.20
N VAL A 452 -11.76 15.53 0.69
CA VAL A 452 -13.16 15.16 0.57
C VAL A 452 -13.58 15.02 -0.89
N GLN A 453 -13.11 15.94 -1.72
CA GLN A 453 -13.42 15.91 -3.15
C GLN A 453 -12.94 14.62 -3.81
N GLU A 454 -11.68 14.27 -3.58
CA GLU A 454 -11.12 13.05 -4.15
C GLU A 454 -11.83 11.82 -3.60
N LEU A 455 -12.19 11.84 -2.32
CA LEU A 455 -12.91 10.74 -1.70
C LEU A 455 -14.24 10.51 -2.41
N HIS A 456 -15.00 11.59 -2.61
CA HIS A 456 -16.30 11.49 -3.25
C HIS A 456 -16.22 11.09 -4.72
N LEU A 457 -15.39 11.82 -5.47
CA LEU A 457 -15.38 11.72 -6.92
C LEU A 457 -14.49 10.60 -7.47
N SER A 458 -13.31 10.43 -6.89
CA SER A 458 -12.38 9.41 -7.35
C SER A 458 -12.60 8.08 -6.64
N CYS A 459 -12.64 8.13 -5.31
CA CYS A 459 -12.77 6.91 -4.51
C CYS A 459 -14.19 6.36 -4.49
N GLY A 460 -15.17 7.25 -4.60
CA GLY A 460 -16.57 6.84 -4.57
C GLY A 460 -17.08 6.53 -3.18
N TYR A 461 -16.53 7.21 -2.18
CA TYR A 461 -16.99 7.07 -0.80
C TYR A 461 -17.35 8.44 -0.20
N THR A 462 -18.27 8.44 0.76
CA THR A 462 -18.44 9.58 1.64
C THR A 462 -17.86 9.22 3.01
N HIS A 463 -17.49 10.23 3.78
CA HIS A 463 -16.75 10.02 5.02
C HIS A 463 -17.65 9.78 6.24
N GLN A 464 -18.68 10.60 6.36
CA GLN A 464 -19.67 10.53 7.45
C GLN A 464 -19.17 10.90 8.85
N ASP A 465 -17.88 11.21 8.99
CA ASP A 465 -17.34 11.55 10.31
C ASP A 465 -16.30 12.66 10.21
N LEU A 466 -16.57 13.63 9.35
CA LEU A 466 -15.71 14.80 9.21
C LEU A 466 -15.73 15.64 10.47
N GLN A 467 -14.59 15.70 11.15
CA GLN A 467 -14.48 16.37 12.43
C GLN A 467 -12.99 16.58 12.72
N PRO A 468 -12.66 17.56 13.58
CA PRO A 468 -11.26 17.94 13.83
C PRO A 468 -10.34 16.79 14.30
N GLN A 469 -10.86 15.80 15.01
CA GLN A 469 -10.02 14.69 15.49
C GLN A 469 -9.57 13.78 14.36
N ASN A 470 -10.30 13.82 13.25
CA ASN A 470 -10.00 12.95 12.12
C ASN A 470 -9.14 13.66 11.08
N ILE A 471 -8.84 14.92 11.33
CA ILE A 471 -7.85 15.62 10.51
C ILE A 471 -6.50 15.50 11.19
N LEU A 472 -5.54 14.89 10.49
CA LEU A 472 -4.23 14.64 11.07
C LEU A 472 -3.17 15.54 10.49
N ILE A 473 -2.32 16.07 11.36
CA ILE A 473 -1.30 17.02 10.96
C ILE A 473 0.10 16.40 10.91
N ASP A 474 0.74 16.52 9.75
CA ASP A 474 2.14 16.12 9.55
C ASP A 474 3.09 16.89 10.43
N SER A 475 4.37 16.53 10.35
CA SER A 475 5.43 17.33 10.94
C SER A 475 5.85 18.44 9.96
N LYS A 476 4.94 18.81 9.06
CA LYS A 476 5.25 19.71 7.94
C LYS A 476 4.89 21.21 8.01
N LYS A 477 3.68 21.60 8.44
CA LYS A 477 2.63 20.76 9.00
C LYS A 477 1.45 20.57 8.05
N ALA A 478 1.55 19.58 7.17
CA ALA A 478 0.48 19.32 6.20
C ALA A 478 -0.65 18.46 6.77
N ALA A 479 -1.88 18.75 6.37
CA ALA A 479 -3.04 18.04 6.90
C ALA A 479 -3.47 16.84 6.05
N HIS A 480 -3.99 15.81 6.71
CA HIS A 480 -4.44 14.59 6.04
C HIS A 480 -5.77 14.09 6.61
N LEU A 481 -6.66 13.64 5.73
CA LEU A 481 -7.94 13.08 6.16
C LEU A 481 -7.74 11.63 6.61
N ALA A 482 -8.34 11.27 7.74
CA ALA A 482 -8.24 9.91 8.28
C ALA A 482 -9.57 9.43 8.85
N ASP A 483 -9.56 8.21 9.40
CA ASP A 483 -10.71 7.60 10.07
C ASP A 483 -11.88 7.32 9.12
N PHE A 484 -11.89 6.12 8.55
CA PHE A 484 -12.88 5.77 7.55
C PHE A 484 -13.83 4.67 7.99
N ASP A 485 -13.84 4.36 9.29
CA ASP A 485 -14.65 3.23 9.77
C ASP A 485 -16.15 3.53 9.85
N LYS A 486 -16.53 4.73 9.42
CA LYS A 486 -17.95 5.07 9.25
C LYS A 486 -18.25 5.52 7.83
N SER A 487 -17.28 5.36 6.94
CA SER A 487 -17.44 5.69 5.53
C SER A 487 -18.46 4.77 4.85
N ILE A 488 -19.12 5.30 3.82
CA ILE A 488 -20.14 4.57 3.07
C ILE A 488 -19.84 4.61 1.58
N LYS A 489 -19.90 3.45 0.93
CA LYS A 489 -19.76 3.39 -0.52
C LYS A 489 -20.91 4.15 -1.18
N TRP A 490 -20.58 4.95 -2.18
CA TRP A 490 -21.55 5.84 -2.81
C TRP A 490 -22.40 5.17 -3.88
N ALA A 491 -23.70 5.04 -3.61
CA ALA A 491 -24.62 4.47 -4.59
C ALA A 491 -25.36 5.56 -5.35
N GLY A 492 -25.56 6.71 -4.72
CA GLY A 492 -26.17 7.84 -5.38
C GLY A 492 -27.05 8.73 -4.50
N ASP A 493 -27.21 8.36 -3.24
CA ASP A 493 -28.10 9.07 -2.32
C ASP A 493 -27.56 10.43 -1.89
N PRO A 494 -28.08 11.52 -2.47
CA PRO A 494 -27.53 12.87 -2.28
C PRO A 494 -27.44 13.29 -0.82
N GLN A 495 -28.21 12.63 0.04
CA GLN A 495 -28.19 12.92 1.47
C GLN A 495 -26.85 12.56 2.11
N GLU A 496 -26.17 11.55 1.58
CA GLU A 496 -24.88 11.14 2.11
C GLU A 496 -23.79 12.15 1.80
N VAL A 497 -23.81 12.71 0.58
CA VAL A 497 -22.89 13.78 0.22
C VAL A 497 -23.17 15.03 1.06
N LYS A 498 -24.44 15.37 1.19
CA LYS A 498 -24.85 16.56 1.94
C LYS A 498 -24.31 16.54 3.36
N ARG A 499 -24.34 15.37 4.00
CA ARG A 499 -23.82 15.24 5.36
C ARG A 499 -22.35 15.61 5.47
N ASP A 500 -21.54 15.13 4.52
CA ASP A 500 -20.13 15.51 4.46
C ASP A 500 -19.99 17.02 4.23
N LEU A 501 -20.81 17.58 3.34
CA LEU A 501 -20.71 19.01 3.03
C LEU A 501 -21.08 19.89 4.23
N GLU A 502 -22.11 19.53 4.97
CA GLU A 502 -22.49 20.37 6.11
C GLU A 502 -21.63 20.17 7.35
N ASP A 503 -20.96 19.02 7.44
CA ASP A 503 -19.88 18.86 8.44
C ASP A 503 -18.65 19.67 8.02
N LEU A 504 -18.39 19.71 6.71
CA LEU A 504 -17.29 20.49 6.17
C LEU A 504 -17.51 21.98 6.44
N GLY A 505 -18.76 22.41 6.34
CA GLY A 505 -19.11 23.80 6.60
C GLY A 505 -18.82 24.17 8.03
N ARG A 506 -19.16 23.26 8.94
CA ARG A 506 -18.91 23.47 10.35
C ARG A 506 -17.41 23.40 10.63
N LEU A 507 -16.71 22.60 9.84
CA LEU A 507 -15.26 22.48 9.99
C LEU A 507 -14.57 23.77 9.56
N VAL A 508 -15.11 24.41 8.53
CA VAL A 508 -14.61 25.71 8.10
C VAL A 508 -14.64 26.69 9.26
N LEU A 509 -15.82 26.85 9.86
CA LEU A 509 -15.98 27.78 10.96
C LEU A 509 -15.11 27.39 12.15
N TYR A 510 -15.02 26.09 12.42
CA TYR A 510 -14.21 25.60 13.53
C TYR A 510 -12.76 26.06 13.41
N VAL A 511 -12.22 25.94 12.20
CA VAL A 511 -10.83 26.29 11.93
C VAL A 511 -10.61 27.82 11.92
N VAL A 512 -11.56 28.55 11.34
CA VAL A 512 -11.47 30.00 11.32
C VAL A 512 -11.51 30.56 12.75
N LYS A 513 -12.37 29.98 13.58
CA LYS A 513 -12.45 30.37 14.99
C LYS A 513 -11.30 29.81 15.84
N LYS A 514 -10.35 29.15 15.18
CA LYS A 514 -9.14 28.62 15.83
C LYS A 514 -9.45 27.66 16.98
N GLY A 515 -10.54 26.89 16.84
CA GLY A 515 -10.89 25.90 17.85
C GLY A 515 -11.55 26.46 19.10
N SER A 516 -11.82 27.76 19.10
CA SER A 516 -12.43 28.41 20.26
C SER A 516 -13.85 27.92 20.51
N ILE A 517 -14.50 27.40 19.47
CA ILE A 517 -15.82 26.81 19.61
C ILE A 517 -15.71 25.31 19.33
N SER A 518 -16.12 24.48 20.27
CA SER A 518 -16.00 23.03 20.08
C SER A 518 -16.81 22.59 18.86
N PHE A 519 -16.38 21.49 18.25
CA PHE A 519 -17.08 21.03 17.06
C PHE A 519 -18.45 20.46 17.39
N GLU A 520 -18.61 19.94 18.59
CA GLU A 520 -19.87 19.28 18.95
C GLU A 520 -21.05 20.24 19.05
N ASP A 521 -20.86 21.41 19.65
CA ASP A 521 -21.95 22.37 19.68
C ASP A 521 -22.09 23.13 18.36
N LEU A 522 -21.09 23.04 17.49
CA LEU A 522 -21.28 23.50 16.11
C LEU A 522 -22.22 22.53 15.40
N LYS A 523 -22.08 21.25 15.71
CA LYS A 523 -22.96 20.22 15.16
C LYS A 523 -24.36 20.39 15.75
N ALA A 524 -24.42 20.85 16.99
CA ALA A 524 -25.68 20.98 17.71
C ALA A 524 -26.56 22.10 17.16
N GLN A 525 -25.96 23.07 16.48
CA GLN A 525 -26.75 24.18 15.94
C GLN A 525 -27.00 24.08 14.44
N SER A 526 -28.06 24.75 13.99
CA SER A 526 -28.53 24.64 12.61
C SER A 526 -27.56 25.28 11.62
N ASN A 527 -27.76 24.97 10.34
CA ASN A 527 -26.96 25.53 9.27
C ASN A 527 -26.94 27.05 9.29
N GLU A 528 -28.11 27.65 9.46
CA GLU A 528 -28.21 29.11 9.44
C GLU A 528 -27.51 29.74 10.64
N GLU A 529 -27.57 29.06 11.78
CA GLU A 529 -26.88 29.53 12.98
C GLU A 529 -25.36 29.47 12.80
N VAL A 530 -24.89 28.43 12.12
CA VAL A 530 -23.46 28.31 11.83
C VAL A 530 -23.02 29.42 10.88
N VAL A 531 -23.85 29.70 9.87
CA VAL A 531 -23.55 30.75 8.91
C VAL A 531 -23.43 32.12 9.58
N GLN A 532 -24.39 32.42 10.46
CA GLN A 532 -24.44 33.72 11.10
C GLN A 532 -23.35 33.88 12.18
N LEU A 533 -22.64 32.80 12.45
CA LEU A 533 -21.56 32.79 13.42
C LEU A 533 -20.24 33.20 12.77
N SER A 534 -20.22 33.21 11.44
CA SER A 534 -19.04 33.59 10.66
C SER A 534 -18.56 35.01 10.97
N PRO A 535 -17.26 35.16 11.25
CA PRO A 535 -16.66 36.46 11.61
C PRO A 535 -16.34 37.36 10.42
N ASP A 536 -16.43 36.84 9.21
CA ASP A 536 -16.15 37.65 8.02
C ASP A 536 -16.96 37.15 6.83
N GLU A 537 -17.16 38.02 5.84
CA GLU A 537 -18.04 37.73 4.73
C GLU A 537 -17.55 36.57 3.85
N GLU A 538 -16.24 36.40 3.74
CA GLU A 538 -15.67 35.30 2.96
C GLU A 538 -16.04 33.94 3.55
N THR A 539 -15.86 33.78 4.86
CA THR A 539 -16.20 32.52 5.50
C THR A 539 -17.71 32.32 5.50
N LYS A 540 -18.45 33.42 5.61
CA LYS A 540 -19.90 33.38 5.63
C LYS A 540 -20.45 32.90 4.29
N ASP A 541 -19.92 33.45 3.21
CA ASP A 541 -20.34 33.06 1.86
C ASP A 541 -19.90 31.64 1.52
N LEU A 542 -18.69 31.26 1.94
CA LEU A 542 -18.16 29.93 1.65
C LEU A 542 -18.97 28.84 2.33
N ILE A 543 -19.28 29.04 3.60
CA ILE A 543 -20.06 28.08 4.36
C ILE A 543 -21.48 27.98 3.81
N HIS A 544 -22.08 29.12 3.48
CA HIS A 544 -23.41 29.13 2.89
C HIS A 544 -23.48 28.33 1.60
N ARG A 545 -22.44 28.47 0.77
CA ARG A 545 -22.37 27.72 -0.48
C ARG A 545 -22.23 26.21 -0.23
N LEU A 546 -21.53 25.85 0.84
CA LEU A 546 -21.42 24.44 1.21
C LEU A 546 -22.77 23.89 1.64
N PHE A 547 -23.54 24.72 2.35
CA PHE A 547 -24.85 24.33 2.85
C PHE A 547 -25.91 24.37 1.76
N HIS A 548 -25.68 25.21 0.75
CA HIS A 548 -26.64 25.33 -0.34
C HIS A 548 -25.96 25.16 -1.70
N PRO A 549 -25.45 23.94 -1.97
CA PRO A 549 -24.84 23.72 -3.28
C PRO A 549 -25.92 23.65 -4.34
N GLY A 550 -25.57 23.92 -5.59
CA GLY A 550 -26.55 23.92 -6.65
C GLY A 550 -26.96 22.52 -7.05
N GLU A 551 -27.51 22.39 -8.25
CA GLU A 551 -27.70 21.08 -8.84
C GLU A 551 -26.33 20.52 -9.21
N HIS A 552 -25.37 21.44 -9.37
CA HIS A 552 -23.98 21.07 -9.62
C HIS A 552 -23.24 20.74 -8.34
N VAL A 553 -23.81 19.85 -7.53
CA VAL A 553 -23.18 19.41 -6.29
C VAL A 553 -21.83 18.76 -6.58
N ARG A 554 -21.74 18.06 -7.71
CA ARG A 554 -20.53 17.35 -8.08
C ARG A 554 -19.31 18.29 -8.15
N ASP A 555 -19.51 19.46 -8.76
CA ASP A 555 -18.44 20.43 -8.96
C ASP A 555 -18.27 21.39 -7.80
N CYS A 556 -19.04 21.19 -6.75
CA CYS A 556 -19.08 22.13 -5.62
C CYS A 556 -17.69 22.38 -5.01
N LEU A 557 -17.02 21.34 -4.56
CA LEU A 557 -15.71 21.50 -3.93
C LEU A 557 -14.64 22.01 -4.89
N SER A 558 -14.76 21.64 -6.16
CA SER A 558 -13.84 22.13 -7.19
C SER A 558 -13.96 23.65 -7.32
N ASP A 559 -15.19 24.11 -7.51
CA ASP A 559 -15.48 25.54 -7.66
C ASP A 559 -15.07 26.33 -6.42
N LEU A 560 -15.38 25.79 -5.25
CA LEU A 560 -15.13 26.50 -4.00
C LEU A 560 -13.65 26.66 -3.67
N LEU A 561 -12.78 25.89 -4.32
CA LEU A 561 -11.35 26.09 -4.15
C LEU A 561 -10.91 27.42 -4.77
N GLY A 562 -11.75 27.97 -5.64
CA GLY A 562 -11.51 29.27 -6.25
C GLY A 562 -12.23 30.41 -5.56
N HIS A 563 -12.94 30.08 -4.48
CA HIS A 563 -13.67 31.06 -3.68
C HIS A 563 -12.71 32.03 -2.98
N PRO A 564 -13.11 33.30 -2.83
CA PRO A 564 -12.23 34.32 -2.22
C PRO A 564 -11.71 33.93 -0.83
N PHE A 565 -12.40 33.03 -0.14
CA PHE A 565 -11.92 32.53 1.15
C PHE A 565 -10.47 32.04 1.04
N PHE A 566 -10.15 31.43 -0.09
CA PHE A 566 -8.80 30.90 -0.31
C PHE A 566 -7.84 31.90 -0.97
N TRP A 567 -8.33 33.07 -1.33
CA TRP A 567 -7.47 34.13 -1.86
C TRP A 567 -6.69 34.78 -0.72
N THR A 568 -5.39 34.98 -0.91
CA THR A 568 -4.60 35.73 0.05
C THR A 568 -5.08 37.18 0.09
N TRP A 569 -4.75 37.90 1.14
CA TRP A 569 -5.12 39.31 1.23
C TRP A 569 -4.51 40.10 0.08
N GLU A 570 -3.29 39.73 -0.32
CA GLU A 570 -2.65 40.39 -1.45
C GLU A 570 -3.43 40.11 -2.74
N SER A 571 -3.91 38.88 -2.90
CA SER A 571 -4.66 38.48 -4.07
C SER A 571 -6.01 39.18 -4.17
N ARG A 572 -6.72 39.31 -3.05
CA ARG A 572 -8.00 40.01 -3.04
C ARG A 572 -7.79 41.46 -3.48
N TYR A 573 -6.80 42.11 -2.88
CA TYR A 573 -6.43 43.48 -3.17
C TYR A 573 -6.07 43.64 -4.65
N ARG A 574 -5.26 42.70 -5.16
CA ARG A 574 -4.86 42.73 -6.57
C ARG A 574 -6.05 42.65 -7.52
N THR A 575 -6.98 41.73 -7.28
CA THR A 575 -8.14 41.60 -8.16
C THR A 575 -9.05 42.82 -8.12
N LEU A 576 -9.15 43.47 -6.97
CA LEU A 576 -9.93 44.69 -6.87
C LEU A 576 -9.32 45.76 -7.77
N ARG A 577 -8.00 45.88 -7.73
CA ARG A 577 -7.27 46.81 -8.56
C ARG A 577 -7.38 46.45 -10.04
N ASN A 578 -7.32 45.15 -10.33
CA ASN A 578 -7.45 44.64 -11.69
C ASN A 578 -8.76 45.06 -12.33
N VAL A 579 -9.85 44.88 -11.58
CA VAL A 579 -11.17 45.27 -12.08
C VAL A 579 -11.28 46.79 -12.17
N GLY A 580 -10.64 47.48 -11.24
CA GLY A 580 -10.61 48.94 -11.25
C GLY A 580 -9.85 49.49 -12.42
N ASN A 581 -9.02 48.65 -13.03
CA ASN A 581 -8.24 49.07 -14.19
C ASN A 581 -8.99 48.94 -15.51
N GLU A 582 -10.20 48.37 -15.46
CA GLU A 582 -11.05 48.33 -16.65
C GLU A 582 -11.35 49.74 -17.13
N SER A 583 -11.08 50.01 -18.39
CA SER A 583 -11.26 51.36 -18.94
C SER A 583 -12.72 51.79 -18.89
N ASP A 584 -13.64 50.83 -19.02
CA ASP A 584 -15.06 51.12 -18.96
C ASP A 584 -15.45 51.63 -17.57
N ILE A 585 -14.70 51.19 -16.57
CA ILE A 585 -14.86 51.70 -15.21
C ILE A 585 -14.16 53.05 -15.05
N LYS A 586 -12.95 53.14 -15.57
CA LYS A 586 -12.15 54.36 -15.46
C LYS A 586 -12.84 55.54 -16.13
N THR A 587 -13.64 55.26 -17.14
CA THR A 587 -14.49 56.25 -17.78
C THR A 587 -15.92 55.73 -17.75
N ARG A 588 -16.71 56.21 -16.80
CA ARG A 588 -18.04 55.66 -16.51
C ARG A 588 -18.94 55.52 -17.74
N LYS A 589 -18.65 54.53 -18.57
CA LYS A 589 -19.46 54.26 -19.75
C LYS A 589 -20.84 53.78 -19.29
N SER A 590 -21.88 54.45 -19.77
CA SER A 590 -23.24 54.23 -19.27
C SER A 590 -23.71 52.78 -19.38
N GLU A 591 -24.01 52.35 -20.61
CA GLU A 591 -24.53 51.01 -20.84
C GLU A 591 -23.44 49.94 -20.96
N SER A 592 -22.30 50.17 -20.30
CA SER A 592 -21.19 49.24 -20.36
C SER A 592 -21.53 47.92 -19.68
N GLU A 593 -20.97 46.83 -20.18
CA GLU A 593 -21.26 45.49 -19.65
C GLU A 593 -20.82 45.34 -18.21
N ILE A 594 -19.59 45.73 -17.90
CA ILE A 594 -19.06 45.58 -16.55
C ILE A 594 -19.82 46.43 -15.53
N LEU A 595 -20.34 47.58 -15.97
CA LEU A 595 -21.05 48.47 -15.07
C LEU A 595 -22.46 47.97 -14.75
N ARG A 596 -23.13 47.35 -15.71
CA ARG A 596 -24.43 46.76 -15.44
C ARG A 596 -24.28 45.45 -14.66
N LEU A 597 -23.16 44.76 -14.85
CA LEU A 597 -22.87 43.57 -14.06
C LEU A 597 -22.70 43.95 -12.60
N LEU A 598 -21.96 45.01 -12.34
CA LEU A 598 -21.64 45.44 -10.98
C LEU A 598 -22.75 46.20 -10.27
N GLN A 599 -23.80 46.58 -10.99
CA GLN A 599 -24.89 47.34 -10.38
C GLN A 599 -25.71 46.48 -9.42
N PRO A 600 -26.09 47.06 -8.26
CA PRO A 600 -26.99 46.41 -7.31
C PRO A 600 -28.40 46.30 -7.88
N GLY A 601 -29.34 45.79 -7.08
CA GLY A 601 -30.72 45.66 -7.52
C GLY A 601 -31.67 45.34 -6.37
N PRO A 602 -32.97 45.54 -6.60
CA PRO A 602 -33.98 45.22 -5.59
C PRO A 602 -34.05 43.71 -5.34
N SER A 603 -33.87 43.30 -4.08
CA SER A 603 -33.55 44.19 -2.98
C SER A 603 -32.27 43.69 -2.31
N GLU A 604 -31.14 44.22 -2.75
CA GLU A 604 -29.84 43.68 -2.34
C GLU A 604 -29.27 44.21 -1.04
N HIS A 605 -29.18 45.53 -0.94
CA HIS A 605 -28.12 46.12 -0.15
C HIS A 605 -28.44 46.84 1.17
N SER A 606 -27.53 46.63 2.11
CA SER A 606 -27.26 47.56 3.19
C SER A 606 -25.74 47.65 3.14
N LYS A 607 -25.23 47.56 1.91
CA LYS A 607 -23.79 47.38 1.66
C LYS A 607 -22.91 48.42 2.32
N SER A 608 -21.71 47.99 2.69
CA SER A 608 -20.74 48.83 3.39
C SER A 608 -20.30 50.00 2.52
N PHE A 609 -20.48 49.87 1.21
CA PHE A 609 -19.95 50.84 0.26
C PHE A 609 -21.03 51.62 -0.50
N ASP A 610 -22.22 51.72 0.09
CA ASP A 610 -23.33 52.46 -0.53
C ASP A 610 -23.04 53.96 -0.64
N LYS A 611 -22.24 54.47 0.28
CA LYS A 611 -21.83 55.87 0.27
C LYS A 611 -20.35 55.94 0.62
N TRP A 612 -19.56 55.12 -0.08
CA TRP A 612 -18.18 54.85 0.30
C TRP A 612 -17.27 56.06 0.43
N THR A 613 -17.51 57.10 -0.37
CA THR A 613 -16.64 58.28 -0.36
C THR A 613 -16.68 58.99 1.00
N THR A 614 -17.76 58.78 1.74
CA THR A 614 -17.92 59.37 3.07
C THR A 614 -17.28 58.50 4.15
N LYS A 615 -16.96 57.27 3.78
CA LYS A 615 -16.36 56.33 4.73
C LYS A 615 -14.84 56.44 4.73
N ILE A 616 -14.30 57.05 3.68
CA ILE A 616 -12.86 57.21 3.54
C ILE A 616 -12.37 58.39 4.38
N ASN A 617 -11.07 58.37 4.70
CA ASN A 617 -10.41 59.50 5.34
C ASN A 617 -10.69 60.78 4.58
N GLU A 618 -10.80 61.90 5.29
CA GLU A 618 -11.02 63.18 4.64
C GLU A 618 -9.81 63.60 3.83
N CYS A 619 -8.63 63.38 4.39
CA CYS A 619 -7.39 63.83 3.76
C CYS A 619 -7.06 63.07 2.49
N VAL A 620 -7.13 61.74 2.53
CA VAL A 620 -6.78 60.95 1.36
C VAL A 620 -7.86 61.03 0.28
N MET A 621 -9.11 61.22 0.68
CA MET A 621 -10.20 61.33 -0.28
C MET A 621 -10.09 62.63 -1.06
N LYS A 622 -9.87 63.73 -0.33
CA LYS A 622 -9.74 65.02 -0.98
C LYS A 622 -8.46 65.07 -1.81
N LYS A 623 -7.44 64.34 -1.37
CA LYS A 623 -6.19 64.27 -2.11
C LYS A 623 -6.34 63.46 -3.39
N MET A 624 -7.17 62.42 -3.35
CA MET A 624 -7.45 61.64 -4.55
C MET A 624 -8.36 62.39 -5.52
N ASN A 625 -9.31 63.14 -4.99
CA ASN A 625 -10.22 63.93 -5.80
C ASN A 625 -9.55 65.09 -6.52
N LYS A 626 -8.38 65.50 -6.03
CA LYS A 626 -7.61 66.59 -6.59
C LYS A 626 -7.21 66.31 -8.05
N PHE A 627 -7.06 65.04 -8.37
CA PHE A 627 -6.68 64.62 -9.72
C PHE A 627 -7.72 64.99 -10.78
N TYR A 628 -8.95 65.23 -10.36
CA TYR A 628 -10.04 65.51 -11.31
C TYR A 628 -10.62 66.91 -11.16
N GLU A 629 -9.93 67.81 -10.47
CA GLU A 629 -10.50 69.11 -10.15
C GLU A 629 -10.65 70.04 -11.35
N LYS A 630 -9.93 69.75 -12.43
CA LYS A 630 -10.00 70.59 -13.62
C LYS A 630 -11.32 70.42 -14.37
N ARG A 631 -11.77 69.17 -14.51
CA ARG A 631 -13.04 68.90 -15.16
C ARG A 631 -14.16 68.63 -14.16
N GLY A 632 -13.80 68.40 -12.90
CA GLY A 632 -14.78 68.17 -11.86
C GLY A 632 -15.34 66.76 -11.84
N ASN A 633 -14.67 65.84 -12.54
CA ASN A 633 -15.10 64.44 -12.58
C ASN A 633 -14.71 63.69 -11.30
N PHE A 634 -15.19 64.19 -10.17
CA PHE A 634 -14.84 63.60 -8.88
C PHE A 634 -15.47 62.22 -8.71
N TYR A 635 -14.88 61.41 -7.82
CA TYR A 635 -15.40 60.09 -7.51
C TYR A 635 -16.83 60.17 -7.01
N GLN A 636 -17.69 59.26 -7.45
CA GLN A 636 -19.02 59.17 -6.87
C GLN A 636 -19.28 57.82 -6.19
N ASN A 637 -20.39 57.73 -5.48
CA ASN A 637 -20.69 56.57 -4.64
C ASN A 637 -21.16 55.32 -5.39
N THR A 638 -20.61 55.11 -6.58
CA THR A 638 -20.87 53.89 -7.34
C THR A 638 -19.79 52.85 -7.05
N VAL A 639 -20.13 51.58 -7.21
CA VAL A 639 -19.19 50.50 -6.96
C VAL A 639 -17.99 50.58 -7.90
N GLY A 640 -18.26 51.00 -9.14
CA GLY A 640 -17.21 51.16 -10.13
C GLY A 640 -16.18 52.19 -9.72
N ASP A 641 -16.64 53.36 -9.26
CA ASP A 641 -15.75 54.42 -8.84
C ASP A 641 -14.90 54.01 -7.63
N LEU A 642 -15.48 53.17 -6.78
CA LEU A 642 -14.75 52.62 -5.64
C LEU A 642 -13.63 51.71 -6.10
N LEU A 643 -13.94 50.85 -7.06
CA LEU A 643 -12.93 49.98 -7.65
C LEU A 643 -11.87 50.82 -8.38
N LYS A 644 -12.31 51.87 -9.08
CA LYS A 644 -11.37 52.80 -9.71
C LYS A 644 -10.50 53.47 -8.66
N PHE A 645 -11.13 53.86 -7.55
CA PHE A 645 -10.42 54.49 -6.44
C PHE A 645 -9.33 53.56 -5.92
N ILE A 646 -9.68 52.30 -5.72
CA ILE A 646 -8.74 51.30 -5.23
C ILE A 646 -7.58 51.07 -6.19
N ARG A 647 -7.88 51.00 -7.49
CA ARG A 647 -6.85 50.87 -8.52
C ARG A 647 -5.92 52.08 -8.53
N ASN A 648 -6.50 53.27 -8.46
CA ASN A 648 -5.71 54.49 -8.49
C ASN A 648 -4.85 54.67 -7.24
N LEU A 649 -5.43 54.45 -6.07
CA LEU A 649 -4.68 54.57 -4.82
C LEU A 649 -3.54 53.57 -4.76
N GLY A 650 -3.79 52.36 -5.27
CA GLY A 650 -2.79 51.32 -5.26
C GLY A 650 -1.58 51.70 -6.09
N GLU A 651 -1.82 52.40 -7.19
CA GLU A 651 -0.76 52.75 -8.12
C GLU A 651 0.18 53.81 -7.57
N ASN A 652 -0.37 54.93 -7.11
CA ASN A 652 0.46 56.02 -6.63
C ASN A 652 1.06 55.79 -5.25
N ILE A 653 0.50 54.83 -4.52
CA ILE A 653 1.01 54.50 -3.19
C ILE A 653 2.42 53.93 -3.26
N ASP A 654 2.78 53.39 -4.42
CA ASP A 654 4.13 52.88 -4.65
C ASP A 654 5.12 54.01 -4.88
N LYS A 660 3.31 59.64 2.17
CA LYS A 660 2.36 60.29 3.07
C LYS A 660 1.13 59.42 3.33
N MET A 661 0.46 59.02 2.24
CA MET A 661 -0.77 58.24 2.35
C MET A 661 -0.55 56.86 2.96
N LYS A 662 0.64 56.31 2.76
CA LYS A 662 0.95 54.96 3.20
C LYS A 662 0.79 54.81 4.72
N LEU A 663 1.11 55.86 5.47
CA LEU A 663 0.96 55.84 6.92
C LEU A 663 -0.49 56.02 7.35
N LYS A 664 -1.18 57.00 6.75
CA LYS A 664 -2.57 57.27 7.06
C LYS A 664 -3.49 56.10 6.73
N ILE A 665 -3.06 55.26 5.80
CA ILE A 665 -3.85 54.14 5.33
C ILE A 665 -3.36 52.82 5.92
N GLY A 666 -2.04 52.67 6.05
CA GLY A 666 -1.45 51.43 6.50
C GLY A 666 -1.48 50.41 5.38
N ASP A 667 -1.56 49.13 5.74
CA ASP A 667 -1.66 48.07 4.75
C ASP A 667 -2.92 48.27 3.91
N PRO A 668 -2.72 48.58 2.61
CA PRO A 668 -3.83 48.93 1.71
C PRO A 668 -4.83 47.78 1.56
N SER A 669 -4.34 46.55 1.49
CA SER A 669 -5.22 45.39 1.38
C SER A 669 -6.10 45.31 2.62
N LEU A 670 -5.46 45.41 3.77
CA LEU A 670 -6.14 45.37 5.06
C LEU A 670 -7.10 46.55 5.21
N TYR A 671 -6.74 47.70 4.66
CA TYR A 671 -7.56 48.90 4.82
C TYR A 671 -8.91 48.78 4.11
N PHE A 672 -8.89 48.44 2.82
CA PHE A 672 -10.14 48.33 2.07
C PHE A 672 -11.02 47.19 2.54
N GLN A 673 -10.40 46.09 2.99
CA GLN A 673 -11.16 44.96 3.52
C GLN A 673 -11.81 45.31 4.86
N LYS A 674 -11.12 46.08 5.68
CA LYS A 674 -11.67 46.48 6.98
C LYS A 674 -12.87 47.42 6.84
N THR A 675 -12.74 48.48 6.05
CA THR A 675 -13.83 49.46 5.97
C THR A 675 -14.94 49.02 5.01
N PHE A 676 -14.62 48.11 4.10
CA PHE A 676 -15.63 47.54 3.19
C PHE A 676 -15.54 46.01 3.15
N PRO A 677 -16.02 45.33 4.22
CA PRO A 677 -15.86 43.88 4.41
C PRO A 677 -16.67 43.04 3.42
N ASP A 678 -17.67 43.64 2.78
CA ASP A 678 -18.53 42.90 1.86
C ASP A 678 -18.14 43.08 0.39
N LEU A 679 -17.13 43.92 0.14
CA LEU A 679 -16.75 44.28 -1.22
C LEU A 679 -16.21 43.12 -2.06
N VAL A 680 -15.19 42.43 -1.53
CA VAL A 680 -14.57 41.30 -2.24
C VAL A 680 -15.60 40.25 -2.63
N ILE A 681 -16.42 39.84 -1.66
CA ILE A 681 -17.47 38.84 -1.95
C ILE A 681 -18.48 39.39 -2.95
N TYR A 682 -18.81 40.67 -2.84
CA TYR A 682 -19.73 41.29 -3.79
C TYR A 682 -19.17 41.24 -5.21
N VAL A 683 -17.90 41.62 -5.36
CA VAL A 683 -17.26 41.63 -6.67
C VAL A 683 -17.18 40.22 -7.25
N TYR A 684 -16.82 39.25 -6.41
CA TYR A 684 -16.74 37.86 -6.83
C TYR A 684 -18.09 37.35 -7.29
N THR A 685 -19.12 37.56 -6.46
CA THR A 685 -20.47 37.10 -6.77
C THR A 685 -20.98 37.70 -8.07
N LYS A 686 -20.65 38.97 -8.29
CA LYS A 686 -21.10 39.67 -9.48
C LYS A 686 -20.38 39.20 -10.75
N LEU A 687 -19.09 38.96 -10.67
CA LEU A 687 -18.28 38.63 -11.84
C LEU A 687 -17.92 37.15 -11.96
N GLN A 688 -18.42 36.33 -11.03
CA GLN A 688 -18.08 34.91 -10.93
C GLN A 688 -18.20 34.12 -12.22
N ASN A 689 -19.18 34.48 -13.05
CA ASN A 689 -19.44 33.72 -14.28
C ASN A 689 -19.47 34.58 -15.53
N THR A 690 -18.53 35.51 -15.63
CA THR A 690 -18.39 36.34 -16.82
C THR A 690 -16.92 36.37 -17.24
N GLU A 691 -16.64 36.99 -18.37
CA GLU A 691 -15.27 37.09 -18.88
C GLU A 691 -14.35 37.85 -17.93
N TYR A 692 -14.94 38.60 -17.00
CA TYR A 692 -14.17 39.38 -16.04
C TYR A 692 -13.63 38.51 -14.92
N ARG A 693 -13.88 37.20 -15.02
CA ARG A 693 -13.26 36.19 -14.18
C ARG A 693 -11.75 36.27 -14.29
N LYS A 694 -11.28 36.75 -15.44
CA LYS A 694 -9.84 36.81 -15.72
C LYS A 694 -9.08 37.64 -14.69
N HIS A 695 -9.78 38.55 -14.03
CA HIS A 695 -9.18 39.41 -13.03
C HIS A 695 -8.97 38.69 -11.69
N PHE A 696 -9.64 37.55 -11.52
CA PHE A 696 -9.48 36.72 -10.32
C PHE A 696 -8.08 36.13 -10.30
N PRO A 697 -7.55 35.82 -9.09
CA PRO A 697 -6.16 35.34 -9.01
C PRO A 697 -6.02 33.91 -9.52
N ASN C 6 25.31 -6.20 39.43
CA ASN C 6 23.89 -6.42 39.19
C ASN C 6 23.61 -7.29 37.97
N HIS C 7 24.29 -6.99 36.87
CA HIS C 7 24.17 -7.81 35.66
C HIS C 7 24.86 -9.16 35.82
N LEU C 8 26.00 -9.16 36.50
CA LEU C 8 26.77 -10.38 36.74
C LEU C 8 25.97 -11.40 37.56
N LEU C 9 25.15 -10.91 38.49
CA LEU C 9 24.34 -11.80 39.31
C LEU C 9 23.30 -12.54 38.49
N ILE C 10 22.58 -11.80 37.65
CA ILE C 10 21.59 -12.42 36.79
C ILE C 10 22.25 -13.44 35.86
N LYS C 11 23.40 -13.09 35.31
CA LYS C 11 24.13 -14.00 34.43
C LYS C 11 24.60 -15.26 35.16
N ALA C 12 25.07 -15.09 36.39
CA ALA C 12 25.49 -16.23 37.21
C ALA C 12 24.33 -17.19 37.43
N VAL C 13 23.15 -16.65 37.68
CA VAL C 13 21.94 -17.45 37.86
C VAL C 13 21.57 -18.17 36.57
N GLN C 14 21.65 -17.45 35.45
CA GLN C 14 21.29 -18.01 34.15
C GLN C 14 22.19 -19.17 33.73
N ASN C 15 23.44 -19.14 34.20
CA ASN C 15 24.39 -20.21 33.93
C ASN C 15 24.41 -21.29 35.02
N GLU C 16 23.48 -21.18 35.98
CA GLU C 16 23.36 -22.14 37.07
C GLU C 16 24.68 -22.34 37.82
N ASP C 17 25.42 -21.26 38.00
CA ASP C 17 26.71 -21.30 38.67
C ASP C 17 26.55 -20.97 40.14
N VAL C 18 26.16 -21.97 40.92
CA VAL C 18 25.85 -21.80 42.35
C VAL C 18 26.97 -21.09 43.11
N ASP C 19 28.20 -21.53 42.88
CA ASP C 19 29.36 -20.95 43.56
C ASP C 19 29.53 -19.47 43.24
N LEU C 20 29.32 -19.12 41.96
CA LEU C 20 29.45 -17.74 41.54
C LEU C 20 28.33 -16.88 42.13
N VAL C 21 27.12 -17.42 42.13
CA VAL C 21 26.00 -16.77 42.81
C VAL C 21 26.31 -16.58 44.29
N GLN C 22 26.83 -17.62 44.93
CA GLN C 22 27.21 -17.54 46.34
C GLN C 22 28.19 -16.40 46.58
N GLN C 23 29.19 -16.27 45.70
CA GLN C 23 30.22 -15.25 45.87
C GLN C 23 29.69 -13.84 45.64
N LEU C 24 28.90 -13.66 44.58
CA LEU C 24 28.35 -12.35 44.26
C LEU C 24 27.39 -11.86 45.35
N LEU C 25 26.54 -12.76 45.84
CA LEU C 25 25.61 -12.42 46.92
C LEU C 25 26.35 -12.09 48.22
N GLU C 26 27.32 -12.93 48.57
CA GLU C 26 28.12 -12.71 49.78
C GLU C 26 29.03 -11.48 49.61
N GLY C 27 29.23 -11.07 48.36
CA GLY C 27 30.01 -9.89 48.04
C GLY C 27 29.19 -8.61 48.01
N GLY C 28 27.89 -8.72 48.24
CA GLY C 28 27.02 -7.56 48.33
C GLY C 28 26.34 -7.12 47.04
N ALA C 29 26.08 -8.06 46.14
CA ALA C 29 25.34 -7.74 44.92
C ALA C 29 23.87 -7.50 45.24
N ASN C 30 23.22 -6.63 44.47
CA ASN C 30 21.80 -6.36 44.67
C ASN C 30 20.96 -7.58 44.31
N VAL C 31 20.22 -8.10 45.28
CA VAL C 31 19.48 -9.35 45.12
C VAL C 31 18.15 -9.13 44.42
N ASN C 32 17.63 -7.91 44.46
CA ASN C 32 16.36 -7.57 43.83
C ASN C 32 16.50 -6.68 42.61
N PHE C 33 17.68 -6.69 41.98
CA PHE C 33 17.89 -5.95 40.75
C PHE C 33 16.92 -6.42 39.67
N GLN C 34 16.30 -5.47 38.97
CA GLN C 34 15.42 -5.80 37.85
C GLN C 34 16.01 -5.29 36.54
N GLU C 35 16.20 -6.19 35.58
CA GLU C 35 16.70 -5.79 34.27
C GLU C 35 15.65 -4.97 33.51
N GLU C 36 16.11 -4.18 32.56
CA GLU C 36 15.28 -3.12 31.96
C GLU C 36 14.15 -3.60 31.05
N GLU C 37 14.42 -4.58 30.20
CA GLU C 37 13.44 -5.02 29.21
C GLU C 37 12.16 -5.62 29.79
N GLY C 38 12.29 -6.58 30.69
CA GLY C 38 11.12 -7.29 31.19
C GLY C 38 10.88 -7.21 32.68
N GLY C 39 11.76 -6.49 33.38
CA GLY C 39 11.67 -6.40 34.83
C GLY C 39 12.07 -7.68 35.53
N TRP C 40 12.83 -8.53 34.84
CA TRP C 40 13.30 -9.79 35.41
C TRP C 40 14.30 -9.59 36.55
N THR C 41 14.14 -10.38 37.61
CA THR C 41 15.05 -10.37 38.74
C THR C 41 15.90 -11.65 38.73
N PRO C 42 16.94 -11.70 39.58
CA PRO C 42 17.66 -12.98 39.73
C PRO C 42 16.73 -14.11 40.15
N LEU C 43 15.74 -13.81 40.99
CA LEU C 43 14.80 -14.80 41.45
C LEU C 43 13.92 -15.35 40.32
N HIS C 44 13.44 -14.46 39.46
CA HIS C 44 12.63 -14.88 38.32
C HIS C 44 13.42 -15.87 37.45
N ASN C 45 14.67 -15.53 37.18
CA ASN C 45 15.56 -16.40 36.42
C ASN C 45 15.80 -17.75 37.09
N ALA C 46 16.03 -17.74 38.40
CA ALA C 46 16.28 -18.96 39.15
C ALA C 46 15.08 -19.91 39.10
N VAL C 47 13.89 -19.34 39.17
CA VAL C 47 12.65 -20.11 39.10
C VAL C 47 12.44 -20.65 37.69
N GLN C 48 12.73 -19.83 36.69
CA GLN C 48 12.61 -20.22 35.29
C GLN C 48 13.53 -21.40 35.00
N MET C 49 14.70 -21.40 35.63
CA MET C 49 15.68 -22.47 35.46
C MET C 49 15.35 -23.66 36.36
N SER C 50 14.32 -23.51 37.18
CA SER C 50 13.87 -24.54 38.10
C SER C 50 14.95 -24.97 39.10
N ARG C 51 15.77 -24.02 39.53
CA ARG C 51 16.85 -24.30 40.48
C ARG C 51 16.47 -23.90 41.90
N GLU C 52 15.86 -24.82 42.64
CA GLU C 52 15.40 -24.51 43.99
C GLU C 52 16.55 -24.12 44.92
N ASP C 53 17.72 -24.73 44.71
CA ASP C 53 18.89 -24.38 45.51
C ASP C 53 19.28 -22.92 45.29
N ILE C 54 19.27 -22.46 44.04
CA ILE C 54 19.58 -21.07 43.74
C ILE C 54 18.49 -20.14 44.26
N VAL C 55 17.23 -20.53 44.11
CA VAL C 55 16.10 -19.78 44.65
C VAL C 55 16.24 -19.58 46.14
N GLU C 56 16.54 -20.67 46.85
CA GLU C 56 16.67 -20.64 48.30
C GLU C 56 17.82 -19.72 48.69
N LEU C 57 18.89 -19.77 47.91
CA LEU C 57 20.05 -18.90 48.13
C LEU C 57 19.68 -17.42 48.04
N LEU C 58 18.93 -17.06 47.00
CA LEU C 58 18.51 -15.68 46.79
C LEU C 58 17.59 -15.20 47.91
N LEU C 59 16.65 -16.06 48.31
CA LEU C 59 15.73 -15.76 49.40
C LEU C 59 16.48 -15.49 50.71
N ARG C 60 17.49 -16.30 50.99
CA ARG C 60 18.28 -16.15 52.22
C ARG C 60 19.16 -14.91 52.21
N HIS C 61 19.32 -14.32 51.03
CA HIS C 61 20.02 -13.05 50.88
C HIS C 61 19.05 -11.88 50.72
N GLY C 62 17.76 -12.15 50.89
CA GLY C 62 16.76 -11.09 50.96
C GLY C 62 15.92 -10.83 49.72
N ALA C 63 15.93 -11.76 48.77
CA ALA C 63 15.09 -11.61 47.58
C ALA C 63 13.62 -11.52 47.96
N ASP C 64 12.94 -10.52 47.42
CA ASP C 64 11.50 -10.37 47.60
C ASP C 64 10.81 -11.54 46.90
N PRO C 65 10.13 -12.40 47.67
CA PRO C 65 9.52 -13.63 47.14
C PRO C 65 8.31 -13.41 46.23
N VAL C 66 7.71 -12.23 46.25
CA VAL C 66 6.50 -11.99 45.47
C VAL C 66 6.64 -10.82 44.49
N LEU C 67 7.86 -10.34 44.31
CA LEU C 67 8.12 -9.23 43.39
C LEU C 67 7.81 -9.62 41.94
N ARG C 68 6.89 -8.90 41.32
CA ARG C 68 6.47 -9.18 39.95
C ARG C 68 7.39 -8.54 38.91
N LYS C 69 7.46 -9.13 37.72
CA LYS C 69 8.12 -8.48 36.59
C LYS C 69 7.10 -7.66 35.79
N LYS C 70 7.53 -7.07 34.68
CA LYS C 70 6.72 -6.09 33.96
C LYS C 70 5.33 -6.59 33.53
N ASN C 71 5.23 -7.85 33.12
CA ASN C 71 3.94 -8.39 32.70
C ASN C 71 3.07 -8.85 33.88
N GLY C 72 3.56 -8.64 35.10
CA GLY C 72 2.82 -8.96 36.31
C GLY C 72 3.04 -10.35 36.87
N ALA C 73 3.84 -11.16 36.19
CA ALA C 73 4.10 -12.52 36.65
C ALA C 73 4.93 -12.55 37.94
N THR C 74 4.53 -13.41 38.87
CA THR C 74 5.23 -13.58 40.12
C THR C 74 6.15 -14.80 40.01
N PRO C 75 7.12 -14.92 40.93
CA PRO C 75 7.92 -16.16 40.98
C PRO C 75 7.04 -17.40 41.07
N PHE C 76 5.95 -17.32 41.83
CA PHE C 76 5.00 -18.41 41.97
C PHE C 76 4.43 -18.85 40.62
N ILE C 77 4.00 -17.87 39.82
CA ILE C 77 3.48 -18.17 38.50
C ILE C 77 4.57 -18.78 37.61
N LEU C 78 5.79 -18.27 37.69
CA LEU C 78 6.90 -18.84 36.93
C LEU C 78 7.18 -20.29 37.33
N ALA C 79 6.93 -20.62 38.59
CA ALA C 79 7.16 -21.97 39.07
C ALA C 79 6.23 -22.97 38.40
N ALA C 80 5.01 -22.53 38.10
CA ALA C 80 4.05 -23.37 37.40
C ALA C 80 4.49 -23.60 35.95
N ILE C 81 5.01 -22.55 35.31
CA ILE C 81 5.54 -22.68 33.96
C ILE C 81 6.69 -23.69 33.95
N ALA C 82 7.53 -23.63 34.98
CA ALA C 82 8.67 -24.54 35.07
C ALA C 82 8.23 -25.94 35.48
N GLY C 83 7.05 -26.04 36.09
CA GLY C 83 6.50 -27.32 36.49
C GLY C 83 7.02 -27.83 37.82
N SER C 84 7.59 -26.93 38.63
CA SER C 84 8.19 -27.32 39.90
C SER C 84 7.21 -27.25 41.07
N VAL C 85 6.77 -28.41 41.54
CA VAL C 85 5.90 -28.49 42.71
C VAL C 85 6.58 -27.94 43.96
N LYS C 86 7.86 -28.25 44.15
CA LYS C 86 8.60 -27.74 45.30
C LYS C 86 8.61 -26.21 45.33
N LEU C 87 8.79 -25.59 44.17
CA LEU C 87 8.82 -24.13 44.12
C LEU C 87 7.42 -23.51 44.30
N LEU C 88 6.40 -24.16 43.75
CA LEU C 88 5.02 -23.72 43.96
C LEU C 88 4.67 -23.76 45.44
N LYS C 89 5.06 -24.85 46.09
CA LYS C 89 4.83 -25.05 47.51
C LYS C 89 5.59 -23.99 48.31
N LEU C 90 6.85 -23.76 47.94
CA LEU C 90 7.69 -22.76 48.60
C LEU C 90 7.07 -21.36 48.54
N PHE C 91 6.61 -20.94 47.38
CA PHE C 91 6.08 -19.59 47.25
C PHE C 91 4.71 -19.39 47.91
N LEU C 92 3.91 -20.44 47.96
CA LEU C 92 2.64 -20.39 48.70
C LEU C 92 2.90 -20.13 50.18
N SER C 93 4.00 -20.64 50.70
CA SER C 93 4.35 -20.45 52.10
C SER C 93 5.01 -19.08 52.31
N LYS C 94 5.30 -18.40 51.21
CA LYS C 94 5.93 -17.08 51.25
C LYS C 94 4.94 -15.96 50.92
N GLY C 95 3.65 -16.28 50.89
CA GLY C 95 2.64 -15.26 50.68
C GLY C 95 1.95 -15.23 49.33
N ALA C 96 2.32 -16.14 48.43
CA ALA C 96 1.64 -16.21 47.14
C ALA C 96 0.22 -16.69 47.34
N ASP C 97 -0.71 -16.19 46.52
CA ASP C 97 -2.07 -16.73 46.52
C ASP C 97 -2.23 -17.64 45.32
N VAL C 98 -2.88 -18.78 45.52
CA VAL C 98 -2.97 -19.81 44.48
C VAL C 98 -3.65 -19.30 43.20
N ASN C 99 -4.59 -18.38 43.36
CA ASN C 99 -5.34 -17.85 42.22
C ASN C 99 -4.86 -16.50 41.71
N GLU C 100 -3.69 -16.06 42.15
CA GLU C 100 -3.14 -14.80 41.65
C GLU C 100 -2.85 -14.89 40.16
N CYS C 101 -2.79 -13.75 39.49
CA CYS C 101 -2.59 -13.76 38.05
C CYS C 101 -1.73 -12.60 37.56
N ASP C 102 -1.14 -12.76 36.38
CA ASP C 102 -0.37 -11.67 35.78
C ASP C 102 -1.31 -10.64 35.16
N PHE C 103 -0.76 -9.61 34.54
CA PHE C 103 -1.57 -8.50 34.05
C PHE C 103 -2.45 -8.85 32.84
N TYR C 104 -2.27 -10.04 32.29
CA TYR C 104 -3.12 -10.51 31.20
C TYR C 104 -4.05 -11.63 31.69
N GLY C 105 -4.05 -11.87 32.99
CA GLY C 105 -4.98 -12.82 33.59
C GLY C 105 -4.49 -14.24 33.78
N PHE C 106 -3.25 -14.54 33.37
CA PHE C 106 -2.72 -15.90 33.53
C PHE C 106 -2.47 -16.26 35.00
N THR C 107 -3.10 -17.34 35.45
CA THR C 107 -2.86 -17.89 36.78
C THR C 107 -1.82 -19.01 36.68
N ALA C 108 -1.32 -19.46 37.82
CA ALA C 108 -0.36 -20.57 37.84
C ALA C 108 -0.98 -21.83 37.21
N PHE C 109 -2.26 -22.06 37.49
CA PHE C 109 -2.98 -23.23 36.98
C PHE C 109 -3.06 -23.21 35.45
N MET C 110 -3.41 -22.07 34.87
CA MET C 110 -3.45 -21.93 33.42
C MET C 110 -2.07 -22.18 32.82
N GLU C 111 -1.03 -21.65 33.47
CA GLU C 111 0.32 -21.82 32.97
C GLU C 111 0.76 -23.27 33.00
N ALA C 112 0.35 -24.01 34.02
CA ALA C 112 0.64 -25.44 34.08
C ALA C 112 -0.04 -26.16 32.93
N ALA C 113 -1.25 -25.73 32.59
CA ALA C 113 -1.97 -26.31 31.47
C ALA C 113 -1.32 -25.93 30.14
N VAL C 114 -0.93 -24.67 30.00
CA VAL C 114 -0.25 -24.18 28.80
C VAL C 114 1.02 -25.00 28.54
N TYR C 115 1.80 -25.21 29.58
CA TYR C 115 3.08 -25.88 29.47
C TYR C 115 3.01 -27.39 29.70
N GLY C 116 1.81 -27.91 29.90
CA GLY C 116 1.61 -29.35 30.01
C GLY C 116 2.29 -29.96 31.22
N LYS C 117 2.30 -29.22 32.32
CA LYS C 117 2.98 -29.66 33.53
C LYS C 117 2.01 -30.38 34.48
N VAL C 118 1.93 -31.71 34.36
CA VAL C 118 0.94 -32.51 35.07
C VAL C 118 1.03 -32.43 36.59
N LYS C 119 2.23 -32.64 37.12
CA LYS C 119 2.41 -32.61 38.58
C LYS C 119 2.09 -31.24 39.17
N ALA C 120 2.53 -30.18 38.51
CA ALA C 120 2.20 -28.83 38.94
C ALA C 120 0.68 -28.62 38.91
N LEU C 121 0.05 -29.03 37.81
CA LEU C 121 -1.39 -28.88 37.66
C LEU C 121 -2.15 -29.57 38.79
N LYS C 122 -1.77 -30.81 39.10
CA LYS C 122 -2.43 -31.56 40.16
C LYS C 122 -2.23 -30.94 41.54
N PHE C 123 -1.01 -30.48 41.81
CA PHE C 123 -0.71 -29.84 43.07
C PHE C 123 -1.54 -28.57 43.25
N LEU C 124 -1.62 -27.76 42.20
CA LEU C 124 -2.37 -26.51 42.24
C LEU C 124 -3.86 -26.72 42.50
N TYR C 125 -4.45 -27.70 41.80
CA TYR C 125 -5.85 -28.05 41.99
C TYR C 125 -6.13 -28.40 43.44
N LYS C 126 -5.25 -29.21 44.03
CA LYS C 126 -5.42 -29.62 45.42
C LYS C 126 -5.18 -28.48 46.41
N ARG C 127 -4.47 -27.44 45.96
CA ARG C 127 -4.29 -26.24 46.79
C ARG C 127 -5.36 -25.21 46.52
N GLY C 128 -6.39 -25.60 45.76
CA GLY C 128 -7.56 -24.76 45.57
C GLY C 128 -7.57 -23.84 44.36
N ALA C 129 -6.77 -24.15 43.35
CA ALA C 129 -6.80 -23.39 42.10
C ALA C 129 -8.20 -23.44 41.52
N ASN C 130 -8.68 -22.30 41.04
CA ASN C 130 -9.96 -22.23 40.35
C ASN C 130 -9.77 -22.69 38.92
N VAL C 131 -10.37 -23.84 38.60
CA VAL C 131 -10.17 -24.53 37.33
C VAL C 131 -10.81 -23.80 36.15
N ASN C 132 -11.94 -23.16 36.41
CA ASN C 132 -12.77 -22.60 35.35
C ASN C 132 -12.71 -21.09 35.22
N LEU C 133 -11.68 -20.47 35.81
CA LEU C 133 -11.45 -19.04 35.63
C LEU C 133 -11.22 -18.67 34.17
N ARG C 134 -11.87 -17.60 33.73
CA ARG C 134 -11.65 -17.05 32.41
C ARG C 134 -10.72 -15.85 32.55
N ARG C 135 -9.70 -15.77 31.71
CA ARG C 135 -8.70 -14.71 31.82
C ARG C 135 -9.30 -13.31 31.78
N LYS C 136 -8.97 -12.52 32.79
CA LYS C 136 -9.32 -11.12 32.83
C LYS C 136 -8.11 -10.32 32.39
N THR C 137 -8.24 -9.57 31.30
CA THR C 137 -7.10 -8.81 30.80
C THR C 137 -7.36 -7.31 30.82
N LYS C 138 -6.43 -6.53 30.28
CA LYS C 138 -6.54 -5.07 30.28
C LYS C 138 -7.74 -4.59 29.48
N GLU C 139 -8.25 -3.42 29.82
CA GLU C 139 -9.45 -2.88 29.17
C GLU C 139 -9.29 -2.76 27.66
N ASP C 140 -8.10 -2.33 27.24
CA ASP C 140 -7.82 -2.13 25.82
C ASP C 140 -7.91 -3.44 25.06
N GLN C 141 -7.25 -4.48 25.57
CA GLN C 141 -7.27 -5.80 24.93
C GLN C 141 -8.70 -6.35 24.84
N GLU C 142 -9.51 -6.05 25.86
CA GLU C 142 -10.87 -6.57 25.93
C GLU C 142 -11.78 -5.97 24.85
N ARG C 143 -11.57 -4.69 24.55
CA ARG C 143 -12.28 -4.03 23.46
C ARG C 143 -11.96 -4.70 22.13
N LEU C 144 -10.80 -5.35 22.07
CA LEU C 144 -10.38 -6.10 20.90
C LEU C 144 -10.89 -7.55 20.99
N ARG C 145 -11.63 -7.85 22.05
CA ARG C 145 -12.16 -9.20 22.33
C ARG C 145 -11.08 -10.23 22.62
N LYS C 146 -9.98 -9.78 23.18
CA LYS C 146 -9.00 -10.68 23.77
C LYS C 146 -9.46 -11.04 25.17
N GLY C 147 -8.82 -12.02 25.80
CA GLY C 147 -9.21 -12.44 27.13
C GLY C 147 -10.31 -13.49 27.14
N GLY C 148 -10.64 -13.97 28.33
CA GLY C 148 -11.73 -14.93 28.50
C GLY C 148 -11.35 -16.40 28.37
N ALA C 149 -10.10 -16.71 28.06
CA ALA C 149 -9.70 -18.10 27.88
C ALA C 149 -9.48 -18.84 29.20
N THR C 150 -9.55 -20.16 29.13
CA THR C 150 -9.44 -21.01 30.32
C THR C 150 -8.29 -21.99 30.18
N ALA C 151 -7.95 -22.65 31.28
CA ALA C 151 -6.92 -23.68 31.28
C ALA C 151 -7.23 -24.81 30.29
N LEU C 152 -8.50 -25.18 30.17
CA LEU C 152 -8.88 -26.23 29.22
C LEU C 152 -8.57 -25.83 27.78
N MET C 153 -8.83 -24.56 27.44
CA MET C 153 -8.53 -24.08 26.10
C MET C 153 -7.02 -24.07 25.87
N ASP C 154 -6.26 -23.74 26.91
CA ASP C 154 -4.81 -23.78 26.83
C ASP C 154 -4.30 -25.19 26.54
N ALA C 155 -4.80 -26.17 27.28
CA ALA C 155 -4.38 -27.55 27.07
C ALA C 155 -4.76 -28.02 25.66
N ALA C 156 -5.96 -27.66 25.23
CA ALA C 156 -6.45 -28.03 23.91
C ALA C 156 -5.56 -27.43 22.82
N GLU C 157 -5.35 -26.12 22.89
CA GLU C 157 -4.58 -25.42 21.87
C GLU C 157 -3.13 -25.88 21.82
N LYS C 158 -2.57 -26.25 22.98
CA LYS C 158 -1.16 -26.66 23.03
C LYS C 158 -0.95 -28.16 22.86
N GLY C 159 -2.03 -28.89 22.62
CA GLY C 159 -1.95 -30.31 22.33
C GLY C 159 -1.58 -31.21 23.50
N HIS C 160 -1.89 -30.78 24.72
CA HIS C 160 -1.59 -31.57 25.91
C HIS C 160 -2.75 -32.49 26.31
N VAL C 161 -2.72 -33.70 25.76
CA VAL C 161 -3.81 -34.67 25.89
C VAL C 161 -4.04 -35.15 27.32
N GLU C 162 -2.97 -35.53 27.99
CA GLU C 162 -3.10 -36.01 29.37
C GLU C 162 -3.63 -34.92 30.31
N VAL C 163 -3.15 -33.69 30.13
CA VAL C 163 -3.66 -32.55 30.89
C VAL C 163 -5.16 -32.33 30.62
N LEU C 164 -5.54 -32.43 29.35
CA LEU C 164 -6.93 -32.24 28.95
C LEU C 164 -7.85 -33.25 29.62
N LYS C 165 -7.46 -34.52 29.61
CA LYS C 165 -8.23 -35.58 30.24
C LYS C 165 -8.35 -35.38 31.74
N ILE C 166 -7.24 -34.98 32.37
CA ILE C 166 -7.26 -34.70 33.80
C ILE C 166 -8.21 -33.54 34.10
N LEU C 167 -8.14 -32.48 33.31
CA LEU C 167 -9.04 -31.34 33.50
C LEU C 167 -10.50 -31.76 33.41
N LEU C 168 -10.81 -32.55 32.38
CA LEU C 168 -12.19 -32.99 32.13
C LEU C 168 -12.69 -34.01 33.14
N ASP C 169 -11.90 -35.04 33.40
CA ASP C 169 -12.33 -36.19 34.20
C ASP C 169 -12.09 -36.07 35.69
N GLU C 170 -11.12 -35.24 36.08
CA GLU C 170 -10.74 -35.18 37.50
C GLU C 170 -10.96 -33.81 38.16
N MET C 171 -11.04 -32.76 37.35
CA MET C 171 -11.02 -31.41 37.91
C MET C 171 -12.25 -30.55 37.58
N GLY C 172 -13.26 -31.17 36.98
CA GLY C 172 -14.53 -30.49 36.73
C GLY C 172 -14.47 -29.30 35.78
N ALA C 173 -13.56 -29.35 34.80
CA ALA C 173 -13.47 -28.28 33.81
C ALA C 173 -14.72 -28.19 32.94
N ASP C 174 -15.16 -26.96 32.66
CA ASP C 174 -16.31 -26.69 31.81
C ASP C 174 -15.91 -26.86 30.35
N VAL C 175 -16.42 -27.93 29.72
CA VAL C 175 -16.05 -28.27 28.36
C VAL C 175 -16.50 -27.20 27.36
N ASN C 176 -17.55 -26.46 27.72
CA ASN C 176 -18.15 -25.51 26.78
C ASN C 176 -18.02 -24.01 27.09
N ALA C 177 -17.10 -23.66 27.98
CA ALA C 177 -16.79 -22.24 28.20
C ALA C 177 -16.23 -21.60 26.92
N CYS C 178 -16.47 -20.30 26.76
CA CYS C 178 -15.98 -19.57 25.60
C CYS C 178 -15.17 -18.33 26.01
N ASP C 179 -14.12 -18.04 25.25
CA ASP C 179 -13.35 -16.82 25.49
C ASP C 179 -14.10 -15.60 24.95
N ASN C 180 -13.47 -14.42 25.02
CA ASN C 180 -14.14 -13.18 24.59
C ASN C 180 -14.34 -13.09 23.08
N MET C 181 -13.65 -13.94 22.33
CA MET C 181 -13.84 -14.06 20.89
C MET C 181 -14.95 -15.04 20.60
N GLY C 182 -15.45 -15.69 21.66
CA GLY C 182 -16.50 -16.68 21.52
C GLY C 182 -15.99 -18.08 21.18
N ARG C 183 -14.69 -18.28 21.29
CA ARG C 183 -14.10 -19.60 21.02
C ARG C 183 -14.17 -20.53 22.23
N ASN C 184 -14.57 -21.78 22.00
CA ASN C 184 -14.48 -22.80 23.04
C ASN C 184 -13.21 -23.64 22.90
N ALA C 185 -13.06 -24.66 23.74
CA ALA C 185 -11.88 -25.52 23.72
C ALA C 185 -11.71 -26.26 22.39
N LEU C 186 -12.84 -26.66 21.79
CA LEU C 186 -12.82 -27.37 20.51
C LEU C 186 -12.23 -26.49 19.41
N ILE C 187 -12.67 -25.24 19.34
CA ILE C 187 -12.12 -24.29 18.39
C ILE C 187 -10.63 -24.12 18.63
N HIS C 188 -10.26 -23.92 19.89
CA HIS C 188 -8.86 -23.77 20.27
C HIS C 188 -8.02 -24.97 19.86
N ALA C 189 -8.59 -26.16 19.95
CA ALA C 189 -7.89 -27.37 19.58
C ALA C 189 -7.54 -27.35 18.10
N LEU C 190 -8.46 -26.81 17.30
CA LEU C 190 -8.31 -26.78 15.85
C LEU C 190 -7.43 -25.61 15.39
N LEU C 191 -6.93 -24.84 16.36
CA LEU C 191 -5.96 -23.77 16.09
C LEU C 191 -4.56 -24.17 16.55
N SER C 192 -4.42 -25.37 17.09
CA SER C 192 -3.11 -25.89 17.47
C SER C 192 -2.17 -25.88 16.27
N SER C 193 -0.95 -25.40 16.47
CA SER C 193 0.09 -25.49 15.45
C SER C 193 0.73 -26.86 15.56
N ASP C 194 0.15 -27.69 16.41
CA ASP C 194 0.65 -29.02 16.70
C ASP C 194 -0.41 -30.07 16.36
N ASP C 195 -0.48 -30.43 15.07
CA ASP C 195 -1.47 -31.40 14.59
C ASP C 195 -1.17 -32.84 15.01
N SER C 196 -0.17 -33.01 15.87
CA SER C 196 0.22 -34.33 16.36
C SER C 196 -0.87 -34.95 17.24
N ASP C 197 -1.61 -34.10 17.96
CA ASP C 197 -2.59 -34.59 18.92
C ASP C 197 -4.00 -34.02 18.69
N VAL C 198 -4.18 -33.27 17.62
CA VAL C 198 -5.46 -32.62 17.36
C VAL C 198 -6.63 -33.61 17.29
N GLU C 199 -6.38 -34.79 16.73
CA GLU C 199 -7.42 -35.81 16.65
C GLU C 199 -7.85 -36.31 18.02
N ALA C 200 -6.87 -36.68 18.84
CA ALA C 200 -7.14 -37.15 20.19
C ALA C 200 -7.83 -36.07 21.02
N ILE C 201 -7.34 -34.84 20.92
CA ILE C 201 -7.95 -33.74 21.65
C ILE C 201 -9.40 -33.54 21.19
N THR C 202 -9.61 -33.55 19.88
CA THR C 202 -10.94 -33.35 19.32
C THR C 202 -11.89 -34.46 19.75
N HIS C 203 -11.42 -35.71 19.62
CA HIS C 203 -12.21 -36.88 20.01
C HIS C 203 -12.65 -36.79 21.48
N LEU C 204 -11.70 -36.45 22.34
CA LEU C 204 -11.97 -36.34 23.78
C LEU C 204 -12.97 -35.23 24.12
N LEU C 205 -12.83 -34.08 23.48
CA LEU C 205 -13.75 -32.96 23.72
C LEU C 205 -15.17 -33.32 23.28
N LEU C 206 -15.30 -33.91 22.10
CA LEU C 206 -16.60 -34.33 21.59
C LEU C 206 -17.26 -35.36 22.51
N ASP C 207 -16.45 -36.31 22.98
CA ASP C 207 -16.95 -37.36 23.87
C ASP C 207 -17.42 -36.78 25.20
N HIS C 208 -16.89 -35.61 25.58
CA HIS C 208 -17.34 -34.92 26.77
C HIS C 208 -18.41 -33.85 26.49
N GLY C 209 -18.98 -33.89 25.28
CA GLY C 209 -20.10 -33.03 24.94
C GLY C 209 -19.77 -31.61 24.51
N ALA C 210 -18.60 -31.42 23.90
CA ALA C 210 -18.26 -30.12 23.33
C ALA C 210 -19.24 -29.73 22.22
N ASP C 211 -19.61 -28.46 22.17
CA ASP C 211 -20.50 -27.94 21.13
C ASP C 211 -19.79 -27.86 19.79
N VAL C 212 -20.25 -28.64 18.81
CA VAL C 212 -19.63 -28.69 17.48
C VAL C 212 -19.93 -27.50 16.59
N ASN C 213 -20.90 -26.68 16.97
CA ASN C 213 -21.36 -25.62 16.10
C ASN C 213 -20.88 -24.21 16.47
N VAL C 214 -19.94 -24.14 17.40
CA VAL C 214 -19.36 -22.87 17.81
C VAL C 214 -18.40 -22.33 16.75
N ARG C 215 -18.54 -21.05 16.40
CA ARG C 215 -17.73 -20.44 15.35
C ARG C 215 -16.34 -20.04 15.79
N GLY C 216 -15.39 -20.17 14.88
CA GLY C 216 -14.05 -19.65 15.05
C GLY C 216 -13.95 -18.26 14.44
N GLU C 217 -12.72 -17.81 14.22
CA GLU C 217 -12.47 -16.41 13.87
C GLU C 217 -12.50 -16.07 12.38
N ARG C 218 -13.55 -16.52 11.69
CA ARG C 218 -13.96 -15.97 10.39
C ARG C 218 -15.22 -16.69 9.94
N GLY C 219 -16.15 -16.87 10.87
CA GLY C 219 -17.33 -17.67 10.62
C GLY C 219 -17.01 -19.16 10.49
N LYS C 220 -15.76 -19.51 10.75
CA LYS C 220 -15.29 -20.89 10.62
C LYS C 220 -15.86 -21.82 11.69
N THR C 221 -16.65 -22.81 11.26
CA THR C 221 -17.07 -23.88 12.15
C THR C 221 -15.94 -24.89 12.31
N PRO C 222 -16.01 -25.75 13.35
CA PRO C 222 -15.04 -26.83 13.45
C PRO C 222 -14.99 -27.71 12.20
N LEU C 223 -16.14 -27.94 11.56
CA LEU C 223 -16.18 -28.72 10.32
C LEU C 223 -15.37 -28.04 9.22
N ILE C 224 -15.58 -26.74 9.05
CA ILE C 224 -14.86 -25.98 8.05
C ILE C 224 -13.36 -25.98 8.34
N LEU C 225 -13.00 -25.75 9.61
CA LEU C 225 -11.61 -25.77 10.02
C LEU C 225 -10.95 -27.12 9.78
N ALA C 226 -11.70 -28.20 9.98
CA ALA C 226 -11.16 -29.54 9.76
C ALA C 226 -10.91 -29.79 8.28
N VAL C 227 -11.84 -29.32 7.43
CA VAL C 227 -11.67 -29.43 5.99
C VAL C 227 -10.42 -28.68 5.53
N GLU C 228 -10.23 -27.48 6.05
CA GLU C 228 -9.07 -26.66 5.71
C GLU C 228 -7.73 -27.28 6.16
N LYS C 229 -7.80 -28.16 7.16
CA LYS C 229 -6.63 -28.94 7.56
C LYS C 229 -6.43 -30.14 6.64
N LYS C 230 -7.38 -30.37 5.74
CA LYS C 230 -7.32 -31.50 4.82
C LYS C 230 -7.28 -32.83 5.59
N HIS C 231 -7.95 -32.83 6.74
CA HIS C 231 -7.87 -33.93 7.69
C HIS C 231 -9.13 -34.79 7.68
N LEU C 232 -9.09 -35.93 6.98
CA LEU C 232 -10.25 -36.79 6.84
C LEU C 232 -10.77 -37.35 8.17
N GLY C 233 -9.85 -37.68 9.07
CA GLY C 233 -10.22 -38.21 10.37
C GLY C 233 -11.01 -37.23 11.20
N LEU C 234 -10.55 -35.98 11.23
CA LEU C 234 -11.29 -34.92 11.91
C LEU C 234 -12.67 -34.71 11.28
N VAL C 235 -12.72 -34.69 9.95
CA VAL C 235 -13.98 -34.52 9.25
C VAL C 235 -14.96 -35.65 9.54
N GLN C 236 -14.46 -36.89 9.50
CA GLN C 236 -15.27 -38.06 9.80
C GLN C 236 -15.85 -37.99 11.20
N ARG C 237 -15.01 -37.63 12.17
CA ARG C 237 -15.45 -37.60 13.56
C ARG C 237 -16.49 -36.51 13.79
N LEU C 238 -16.29 -35.35 13.17
CA LEU C 238 -17.24 -34.25 13.32
C LEU C 238 -18.60 -34.58 12.69
N LEU C 239 -18.59 -35.22 11.52
CA LEU C 239 -19.84 -35.60 10.86
C LEU C 239 -20.65 -36.63 11.64
N GLU C 240 -20.01 -37.33 12.58
CA GLU C 240 -20.70 -38.31 13.42
C GLU C 240 -21.47 -37.65 14.55
N GLN C 241 -21.23 -36.37 14.80
CA GLN C 241 -21.94 -35.65 15.84
C GLN C 241 -23.37 -35.36 15.39
N GLU C 242 -24.33 -35.56 16.29
CA GLU C 242 -25.73 -35.54 15.88
C GLU C 242 -26.23 -34.17 15.38
N HIS C 243 -25.87 -33.09 16.06
CA HIS C 243 -26.34 -31.78 15.66
C HIS C 243 -25.30 -30.96 14.89
N ILE C 244 -24.42 -31.65 14.16
CA ILE C 244 -23.45 -30.95 13.32
C ILE C 244 -24.20 -30.15 12.26
N GLU C 245 -23.79 -28.90 12.05
CA GLU C 245 -24.40 -28.07 11.02
C GLU C 245 -23.53 -28.08 9.76
N ILE C 246 -23.87 -28.99 8.86
CA ILE C 246 -23.02 -29.30 7.72
C ILE C 246 -23.09 -28.23 6.64
N ASN C 247 -24.14 -27.42 6.67
CA ASN C 247 -24.35 -26.41 5.64
C ASN C 247 -23.95 -24.98 6.03
N ASP C 248 -23.36 -24.83 7.21
CA ASP C 248 -22.89 -23.51 7.66
C ASP C 248 -21.86 -22.92 6.70
N THR C 249 -21.87 -21.59 6.58
CA THR C 249 -20.91 -20.89 5.72
C THR C 249 -20.00 -19.97 6.54
N ASP C 250 -18.74 -19.88 6.14
CA ASP C 250 -17.82 -18.94 6.79
C ASP C 250 -18.11 -17.50 6.38
N SER C 251 -17.28 -16.55 6.80
CA SER C 251 -17.52 -15.14 6.51
C SER C 251 -17.35 -14.81 5.03
N ASP C 252 -16.78 -15.74 4.27
CA ASP C 252 -16.72 -15.61 2.81
C ASP C 252 -17.93 -16.26 2.14
N GLY C 253 -18.88 -16.73 2.96
CA GLY C 253 -20.04 -17.43 2.46
C GLY C 253 -19.76 -18.82 1.90
N LYS C 254 -18.60 -19.37 2.25
CA LYS C 254 -18.22 -20.70 1.77
C LYS C 254 -18.60 -21.83 2.75
N THR C 255 -19.16 -22.91 2.22
CA THR C 255 -19.45 -24.10 3.02
C THR C 255 -18.23 -25.01 3.09
N ALA C 256 -18.31 -26.00 3.98
CA ALA C 256 -17.28 -27.02 4.08
C ALA C 256 -17.09 -27.78 2.77
N LEU C 257 -18.19 -28.05 2.06
CA LEU C 257 -18.11 -28.77 0.79
C LEU C 257 -17.43 -27.97 -0.32
N LEU C 258 -17.79 -26.70 -0.45
CA LEU C 258 -17.16 -25.85 -1.45
C LEU C 258 -15.66 -25.77 -1.21
N LEU C 259 -15.28 -25.54 0.04
CA LEU C 259 -13.87 -25.52 0.40
C LEU C 259 -13.17 -26.85 0.13
N ALA C 260 -13.87 -27.96 0.38
CA ALA C 260 -13.29 -29.26 0.09
C ALA C 260 -13.02 -29.42 -1.40
N VAL C 261 -13.96 -28.98 -2.24
CA VAL C 261 -13.78 -29.06 -3.68
C VAL C 261 -12.64 -28.14 -4.15
N GLU C 262 -12.62 -26.91 -3.66
CA GLU C 262 -11.56 -25.96 -3.99
C GLU C 262 -10.19 -26.47 -3.57
N LEU C 263 -10.14 -27.19 -2.46
CA LEU C 263 -8.87 -27.71 -1.95
C LEU C 263 -8.55 -29.06 -2.55
N LYS C 264 -9.39 -29.51 -3.49
CA LYS C 264 -9.20 -30.78 -4.19
C LYS C 264 -9.16 -31.97 -3.25
N LEU C 265 -10.04 -31.94 -2.23
CA LEU C 265 -10.16 -33.04 -1.28
C LEU C 265 -11.31 -33.96 -1.65
N LYS C 266 -11.05 -34.91 -2.55
CA LYS C 266 -12.11 -35.75 -3.12
C LYS C 266 -12.84 -36.61 -2.09
N LYS C 267 -12.09 -37.32 -1.25
CA LYS C 267 -12.69 -38.18 -0.25
C LYS C 267 -13.53 -37.37 0.73
N ILE C 268 -12.97 -36.25 1.20
CA ILE C 268 -13.69 -35.37 2.11
C ILE C 268 -14.95 -34.81 1.47
N ALA C 269 -14.85 -34.36 0.22
CA ALA C 269 -16.02 -33.84 -0.49
C ALA C 269 -17.10 -34.91 -0.67
N GLU C 270 -16.67 -36.13 -1.00
CA GLU C 270 -17.61 -37.22 -1.21
C GLU C 270 -18.30 -37.61 0.10
N LEU C 271 -17.54 -37.61 1.19
CA LEU C 271 -18.08 -37.90 2.51
C LEU C 271 -19.13 -36.85 2.89
N LEU C 272 -18.81 -35.58 2.65
CA LEU C 272 -19.75 -34.49 2.89
C LEU C 272 -21.04 -34.68 2.09
N CYS C 273 -20.89 -35.02 0.81
CA CYS C 273 -22.04 -35.30 -0.03
C CYS C 273 -22.88 -36.46 0.52
N LYS C 274 -22.21 -37.52 0.94
CA LYS C 274 -22.91 -38.69 1.50
C LYS C 274 -23.63 -38.37 2.81
N ARG C 275 -23.09 -37.43 3.55
CA ARG C 275 -23.67 -36.99 4.82
C ARG C 275 -24.82 -36.00 4.58
N GLY C 276 -25.10 -35.70 3.30
CA GLY C 276 -26.25 -34.91 2.94
C GLY C 276 -26.03 -33.42 2.74
N ALA C 277 -24.77 -33.02 2.57
CA ALA C 277 -24.43 -31.62 2.35
C ALA C 277 -25.14 -31.05 1.12
N SER C 278 -25.65 -29.83 1.24
CA SER C 278 -26.27 -29.14 0.12
C SER C 278 -25.25 -28.91 -0.98
N THR C 279 -25.67 -29.10 -2.23
CA THR C 279 -24.79 -28.86 -3.38
C THR C 279 -25.12 -27.55 -4.08
N ASP C 280 -25.90 -26.71 -3.42
CA ASP C 280 -26.13 -25.35 -3.91
C ASP C 280 -25.22 -24.40 -3.12
N CYS C 281 -23.90 -24.60 -3.27
CA CYS C 281 -22.90 -23.92 -2.45
C CYS C 281 -22.06 -22.89 -3.21
N GLY C 282 -21.97 -23.06 -4.52
CA GLY C 282 -21.13 -22.23 -5.35
C GLY C 282 -20.87 -22.98 -6.64
N ASP C 283 -19.83 -22.60 -7.37
CA ASP C 283 -19.48 -23.35 -8.59
C ASP C 283 -18.72 -24.62 -8.23
N LEU C 284 -19.44 -25.58 -7.64
CA LEU C 284 -18.84 -26.84 -7.22
C LEU C 284 -18.32 -27.63 -8.42
N VAL C 285 -19.21 -27.87 -9.38
CA VAL C 285 -18.89 -28.71 -10.53
C VAL C 285 -17.78 -28.12 -11.38
N MET C 286 -17.91 -26.83 -11.70
CA MET C 286 -16.94 -26.15 -12.55
C MET C 286 -15.55 -26.13 -11.90
N THR C 287 -15.51 -25.98 -10.57
CA THR C 287 -14.26 -26.06 -9.83
C THR C 287 -13.63 -27.45 -9.99
N ALA C 288 -14.45 -28.49 -9.89
CA ALA C 288 -13.95 -29.85 -10.07
C ALA C 288 -13.44 -30.10 -11.50
N ARG C 289 -14.14 -29.55 -12.50
CA ARG C 289 -13.68 -29.61 -13.88
C ARG C 289 -12.32 -28.95 -14.06
N ARG C 290 -12.18 -27.75 -13.50
CA ARG C 290 -10.94 -26.99 -13.60
C ARG C 290 -9.78 -27.75 -13.02
N ASN C 291 -10.07 -28.60 -12.04
CA ASN C 291 -9.04 -29.41 -11.42
C ASN C 291 -8.94 -30.79 -12.06
N TYR C 292 -9.66 -30.96 -13.17
CA TYR C 292 -9.60 -32.20 -13.95
C TYR C 292 -9.99 -33.45 -13.16
N ASP C 293 -10.84 -33.27 -12.16
CA ASP C 293 -11.25 -34.39 -11.32
C ASP C 293 -12.59 -34.96 -11.79
N HIS C 294 -12.54 -35.84 -12.78
CA HIS C 294 -13.75 -36.42 -13.37
C HIS C 294 -14.60 -37.17 -12.34
N SER C 295 -13.96 -37.91 -11.47
CA SER C 295 -14.65 -38.66 -10.43
C SER C 295 -15.41 -37.74 -9.47
N LEU C 296 -14.80 -36.62 -9.11
CA LEU C 296 -15.45 -35.64 -8.25
C LEU C 296 -16.62 -34.98 -8.97
N VAL C 297 -16.44 -34.66 -10.25
CA VAL C 297 -17.53 -34.11 -11.05
C VAL C 297 -18.77 -35.02 -10.99
N LYS C 298 -18.55 -36.31 -11.20
CA LYS C 298 -19.65 -37.27 -11.19
C LYS C 298 -20.28 -37.44 -9.82
N VAL C 299 -19.48 -37.42 -8.77
CA VAL C 299 -20.01 -37.50 -7.42
C VAL C 299 -20.90 -36.29 -7.14
N LEU C 300 -20.39 -35.11 -7.47
CA LEU C 300 -21.15 -33.86 -7.30
C LEU C 300 -22.47 -33.89 -8.05
N LEU C 301 -22.41 -34.23 -9.34
CA LEU C 301 -23.62 -34.29 -10.18
C LEU C 301 -24.64 -35.29 -9.65
N SER C 302 -24.17 -36.45 -9.20
CA SER C 302 -25.06 -37.49 -8.70
C SER C 302 -25.72 -37.10 -7.37
N HIS C 303 -25.12 -36.12 -6.69
CA HIS C 303 -25.74 -35.58 -5.48
C HIS C 303 -26.48 -34.28 -5.78
N GLY C 304 -26.78 -34.06 -7.05
CA GLY C 304 -27.67 -32.98 -7.47
C GLY C 304 -27.06 -31.61 -7.62
N ALA C 305 -25.74 -31.53 -7.74
CA ALA C 305 -25.08 -30.24 -7.96
C ALA C 305 -25.51 -29.57 -9.26
N LYS C 306 -25.49 -28.23 -9.26
CA LYS C 306 -25.99 -27.44 -10.38
C LYS C 306 -25.01 -27.32 -11.54
N GLU C 307 -25.54 -27.44 -12.75
CA GLU C 307 -24.73 -27.23 -13.94
C GLU C 307 -24.79 -25.78 -14.39
N TRP C 316 -19.01 -4.29 -13.07
CA TRP C 316 -17.69 -3.71 -12.82
C TRP C 316 -17.13 -2.99 -14.04
N LYS C 317 -16.36 -1.93 -13.80
CA LYS C 317 -15.83 -1.11 -14.88
C LYS C 317 -14.38 -0.73 -14.61
N PRO C 318 -13.48 -0.94 -15.59
CA PRO C 318 -12.07 -0.56 -15.44
C PRO C 318 -11.93 0.95 -15.47
N GLN C 319 -10.84 1.47 -14.93
CA GLN C 319 -10.56 2.89 -15.00
C GLN C 319 -9.73 3.21 -16.23
N SER C 320 -8.73 2.38 -16.50
CA SER C 320 -7.85 2.58 -17.65
C SER C 320 -8.60 2.51 -18.98
N SER C 321 -8.19 3.35 -19.93
CA SER C 321 -8.71 3.29 -21.29
C SER C 321 -7.90 2.34 -22.16
N HIS C 322 -6.58 2.53 -22.17
CA HIS C 322 -5.68 1.73 -23.01
C HIS C 322 -5.77 0.25 -22.65
N TRP C 323 -5.44 -0.05 -21.40
CA TRP C 323 -5.82 -1.30 -20.80
C TRP C 323 -7.27 -1.04 -20.46
N GLY C 324 -8.11 -2.08 -20.45
CA GLY C 324 -9.52 -1.86 -20.21
C GLY C 324 -10.27 -3.07 -20.72
N ALA C 325 -10.17 -3.30 -22.02
CA ALA C 325 -10.71 -4.50 -22.63
C ALA C 325 -10.05 -5.73 -21.99
N ALA C 326 -8.74 -5.66 -21.83
CA ALA C 326 -7.98 -6.76 -21.27
C ALA C 326 -8.26 -6.92 -19.77
N LEU C 327 -8.43 -5.80 -19.08
CA LEU C 327 -8.78 -5.79 -17.67
C LEU C 327 -10.16 -6.41 -17.45
N LYS C 328 -11.09 -6.14 -18.36
CA LYS C 328 -12.43 -6.73 -18.28
C LYS C 328 -12.36 -8.25 -18.38
N ASP C 329 -11.56 -8.74 -19.33
CA ASP C 329 -11.37 -10.18 -19.48
C ASP C 329 -10.73 -10.77 -18.24
N LEU C 330 -9.66 -10.14 -17.77
CA LEU C 330 -8.92 -10.61 -16.59
C LEU C 330 -9.80 -10.62 -15.35
N HIS C 331 -10.71 -9.66 -15.26
CA HIS C 331 -11.62 -9.57 -14.13
C HIS C 331 -12.57 -10.75 -14.13
N ARG C 332 -12.96 -11.20 -15.31
CA ARG C 332 -13.99 -12.23 -15.46
C ARG C 332 -13.48 -13.67 -15.34
N ILE C 333 -12.32 -13.95 -15.93
CA ILE C 333 -11.82 -15.33 -15.98
C ILE C 333 -11.46 -15.87 -14.61
N TYR C 334 -11.48 -17.20 -14.47
CA TYR C 334 -10.96 -17.80 -13.25
C TYR C 334 -9.45 -17.60 -13.17
N ARG C 335 -8.97 -17.26 -11.98
CA ARG C 335 -7.54 -17.27 -11.69
C ARG C 335 -7.34 -17.61 -10.22
N PRO C 336 -6.31 -18.41 -9.91
CA PRO C 336 -6.00 -18.64 -8.51
C PRO C 336 -5.39 -17.38 -7.90
N MET C 337 -5.76 -17.07 -6.66
CA MET C 337 -5.22 -15.90 -5.98
C MET C 337 -3.81 -16.17 -5.47
N ILE C 338 -2.97 -15.15 -5.55
CA ILE C 338 -1.69 -15.17 -4.86
C ILE C 338 -1.75 -14.08 -3.80
N GLY C 339 -2.13 -14.46 -2.59
CA GLY C 339 -2.38 -13.50 -1.54
C GLY C 339 -3.48 -12.54 -1.96
N LYS C 340 -3.16 -11.25 -2.01
CA LYS C 340 -4.13 -10.25 -2.42
C LYS C 340 -4.15 -10.03 -3.95
N LEU C 341 -3.27 -10.72 -4.66
CA LEU C 341 -3.11 -10.49 -6.10
C LEU C 341 -3.80 -11.48 -7.03
N LYS C 342 -4.56 -10.96 -7.98
CA LYS C 342 -5.09 -11.77 -9.06
C LYS C 342 -4.48 -11.35 -10.39
N PHE C 343 -3.70 -12.23 -11.00
CA PHE C 343 -3.13 -11.95 -12.32
C PHE C 343 -2.77 -13.20 -13.10
N PHE C 344 -2.36 -13.00 -14.35
CA PHE C 344 -2.11 -14.09 -15.26
C PHE C 344 -0.88 -13.76 -16.10
N ILE C 345 0.21 -14.47 -15.85
CA ILE C 345 1.39 -14.32 -16.68
C ILE C 345 1.10 -14.92 -18.04
N ASP C 346 0.79 -14.05 -18.99
CA ASP C 346 0.32 -14.45 -20.31
C ASP C 346 0.40 -13.25 -21.25
N GLU C 347 0.66 -13.51 -22.53
CA GLU C 347 0.85 -12.47 -23.53
C GLU C 347 -0.31 -11.49 -23.61
N LYS C 348 -1.53 -12.00 -23.50
CA LYS C 348 -2.72 -11.17 -23.58
C LYS C 348 -2.75 -10.08 -22.52
N TYR C 349 -2.14 -10.35 -21.37
CA TYR C 349 -2.18 -9.42 -20.25
C TYR C 349 -0.80 -8.82 -19.97
N LYS C 350 0.13 -8.98 -20.91
CA LYS C 350 1.47 -8.45 -20.72
C LYS C 350 1.60 -6.99 -21.17
N ILE C 351 2.17 -6.17 -20.31
CA ILE C 351 2.42 -4.76 -20.64
C ILE C 351 3.77 -4.59 -21.33
N ALA C 352 4.79 -5.28 -20.80
CA ALA C 352 6.14 -5.15 -21.35
C ALA C 352 7.03 -6.34 -20.96
N ASP C 353 8.08 -6.57 -21.74
CA ASP C 353 9.08 -7.56 -21.40
C ASP C 353 10.08 -6.95 -20.45
N THR C 354 10.67 -7.80 -19.60
CA THR C 354 11.51 -7.34 -18.50
C THR C 354 12.61 -8.36 -18.24
N SER C 355 13.72 -7.92 -17.63
CA SER C 355 14.86 -8.80 -17.39
C SER C 355 14.50 -10.06 -16.57
N GLU C 356 13.64 -9.91 -15.57
CA GLU C 356 13.20 -11.04 -14.76
C GLU C 356 11.71 -11.36 -14.92
N GLY C 357 11.25 -11.34 -16.17
CA GLY C 357 9.86 -11.67 -16.48
C GLY C 357 9.19 -10.61 -17.33
N GLY C 358 8.24 -9.89 -16.74
CA GLY C 358 7.60 -8.79 -17.44
C GLY C 358 6.75 -7.91 -16.54
N ILE C 359 6.08 -6.96 -17.16
CA ILE C 359 5.04 -6.17 -16.49
C ILE C 359 3.69 -6.68 -16.97
N TYR C 360 2.77 -6.89 -16.05
CA TYR C 360 1.47 -7.48 -16.40
C TYR C 360 0.33 -6.74 -15.73
N LEU C 361 -0.85 -6.87 -16.32
CA LEU C 361 -2.07 -6.37 -15.69
C LEU C 361 -2.36 -7.21 -14.46
N GLY C 362 -2.99 -6.61 -13.47
CA GLY C 362 -3.40 -7.36 -12.28
C GLY C 362 -4.44 -6.64 -11.44
N PHE C 363 -4.98 -7.37 -10.47
CA PHE C 363 -5.84 -6.78 -9.44
C PHE C 363 -5.25 -7.09 -8.06
N TYR C 364 -4.83 -6.04 -7.35
CA TYR C 364 -4.12 -6.25 -6.09
C TYR C 364 -4.97 -6.28 -4.82
N GLU C 365 -6.08 -5.58 -4.80
CA GLU C 365 -7.02 -5.68 -3.69
C GLU C 365 -8.33 -5.26 -4.28
N LYS C 366 -8.66 -5.93 -5.38
CA LYS C 366 -9.77 -5.59 -6.28
C LYS C 366 -9.45 -4.32 -7.08
N GLN C 367 -8.23 -3.81 -6.96
CA GLN C 367 -7.81 -2.59 -7.66
C GLN C 367 -6.91 -2.94 -8.85
N GLU C 368 -7.17 -2.34 -9.99
CA GLU C 368 -6.32 -2.56 -11.16
C GLU C 368 -4.92 -2.01 -10.90
N VAL C 369 -3.90 -2.80 -11.22
CA VAL C 369 -2.51 -2.43 -11.02
C VAL C 369 -1.63 -2.96 -12.14
N ALA C 370 -0.39 -2.50 -12.17
CA ALA C 370 0.64 -3.09 -13.00
C ALA C 370 1.50 -3.96 -12.09
N VAL C 371 1.86 -5.16 -12.56
CA VAL C 371 2.65 -6.07 -11.75
C VAL C 371 4.03 -6.29 -12.37
N LYS C 372 5.07 -5.95 -11.63
CA LYS C 372 6.43 -6.20 -12.08
C LYS C 372 6.95 -7.48 -11.43
N THR C 373 7.40 -8.43 -12.24
CA THR C 373 7.87 -9.71 -11.73
C THR C 373 9.38 -9.73 -11.53
N PHE C 374 9.83 -10.46 -10.51
CA PHE C 374 11.24 -10.59 -10.20
C PHE C 374 11.52 -12.00 -9.71
N CYS C 375 12.75 -12.47 -9.90
CA CYS C 375 13.23 -13.61 -9.13
C CYS C 375 13.40 -13.09 -7.71
N GLU C 376 12.81 -13.78 -6.73
CA GLU C 376 12.66 -13.22 -5.40
C GLU C 376 13.96 -12.76 -4.71
N GLY C 377 15.04 -13.48 -4.91
CA GLY C 377 16.28 -13.09 -4.24
C GLY C 377 17.04 -11.92 -4.85
N SER C 378 16.71 -11.55 -6.09
CA SER C 378 17.61 -10.80 -6.96
C SER C 378 17.98 -9.39 -6.50
N PRO C 379 19.17 -8.91 -6.91
CA PRO C 379 19.57 -7.54 -6.61
C PRO C 379 18.55 -6.52 -7.14
N ARG C 380 18.03 -6.75 -8.34
CA ARG C 380 17.00 -5.87 -8.89
C ARG C 380 15.75 -5.85 -8.01
N ALA C 381 15.35 -7.02 -7.53
CA ALA C 381 14.18 -7.14 -6.66
C ALA C 381 14.38 -6.35 -5.36
N GLN C 382 15.55 -6.54 -4.73
CA GLN C 382 15.85 -5.85 -3.49
C GLN C 382 15.84 -4.35 -3.67
N ARG C 383 16.45 -3.88 -4.75
CA ARG C 383 16.53 -2.45 -5.00
C ARG C 383 15.15 -1.84 -5.26
N GLU C 384 14.34 -2.51 -6.08
CA GLU C 384 13.00 -2.04 -6.40
C GLU C 384 12.12 -1.98 -5.16
N VAL C 385 12.07 -3.09 -4.42
CA VAL C 385 11.14 -3.20 -3.30
C VAL C 385 11.54 -2.35 -2.09
N SER C 386 12.83 -2.22 -1.82
CA SER C 386 13.28 -1.43 -0.69
C SER C 386 13.03 0.06 -0.94
N CYS C 387 13.20 0.50 -2.18
CA CYS C 387 12.89 1.88 -2.53
C CYS C 387 11.40 2.12 -2.38
N LEU C 388 10.59 1.23 -2.95
CA LEU C 388 9.13 1.38 -2.93
C LEU C 388 8.55 1.38 -1.51
N GLN C 389 9.07 0.51 -0.65
CA GLN C 389 8.63 0.45 0.75
C GLN C 389 8.92 1.75 1.49
N SER C 390 9.96 2.45 1.06
CA SER C 390 10.43 3.65 1.74
C SER C 390 9.88 4.94 1.16
N SER C 391 9.05 4.85 0.12
CA SER C 391 8.68 6.03 -0.64
C SER C 391 7.18 6.27 -0.76
N ARG C 392 6.40 5.69 0.16
CA ARG C 392 4.95 5.78 0.11
C ARG C 392 4.39 7.19 0.29
N GLU C 393 5.17 8.09 0.89
CA GLU C 393 4.69 9.45 1.13
C GLU C 393 4.98 10.39 -0.05
N ASN C 394 5.67 9.85 -1.06
CA ASN C 394 6.04 10.60 -2.25
C ASN C 394 4.94 10.56 -3.30
N SER C 395 4.13 11.60 -3.36
CA SER C 395 2.96 11.62 -4.24
C SER C 395 3.27 11.63 -5.73
N HIS C 396 4.51 11.97 -6.11
CA HIS C 396 4.85 12.02 -7.53
C HIS C 396 5.50 10.76 -8.08
N LEU C 397 5.64 9.77 -7.21
CA LEU C 397 6.08 8.45 -7.66
C LEU C 397 4.86 7.63 -8.01
N VAL C 398 5.05 6.58 -8.79
CA VAL C 398 3.98 5.62 -8.96
C VAL C 398 3.73 5.03 -7.57
N THR C 399 2.46 4.89 -7.19
CA THR C 399 2.14 4.50 -5.82
C THR C 399 2.25 2.98 -5.61
N PHE C 400 2.95 2.61 -4.54
CA PHE C 400 3.19 1.21 -4.20
C PHE C 400 1.95 0.63 -3.53
N TYR C 401 1.33 -0.36 -4.17
CA TYR C 401 0.18 -1.02 -3.58
C TYR C 401 0.63 -2.08 -2.60
N GLY C 402 1.53 -2.95 -3.06
CA GLY C 402 2.04 -4.02 -2.23
C GLY C 402 2.80 -5.03 -3.06
N SER C 403 3.34 -6.06 -2.41
CA SER C 403 4.05 -7.12 -3.10
C SER C 403 3.64 -8.49 -2.60
N GLU C 404 3.74 -9.49 -3.46
CA GLU C 404 3.48 -10.87 -3.09
C GLU C 404 4.69 -11.72 -3.45
N SER C 405 5.07 -12.60 -2.53
CA SER C 405 6.15 -13.54 -2.77
C SER C 405 5.51 -14.93 -2.81
N HIS C 406 5.82 -15.72 -3.84
CA HIS C 406 5.11 -16.97 -4.02
C HIS C 406 6.00 -18.22 -3.91
N ARG C 407 6.69 -18.54 -5.00
CA ARG C 407 7.54 -19.73 -5.05
C ARG C 407 8.90 -19.34 -5.61
N GLY C 408 9.58 -18.43 -4.93
CA GLY C 408 10.84 -17.90 -5.43
C GLY C 408 10.65 -16.76 -6.41
N HIS C 409 9.38 -16.38 -6.62
CA HIS C 409 9.06 -15.23 -7.45
C HIS C 409 8.50 -14.11 -6.60
N LEU C 410 8.84 -12.87 -6.96
CA LEU C 410 8.30 -11.70 -6.29
C LEU C 410 7.46 -10.84 -7.24
N PHE C 411 6.24 -10.54 -6.84
CA PHE C 411 5.35 -9.75 -7.67
C PHE C 411 5.05 -8.40 -7.03
N VAL C 412 5.55 -7.34 -7.66
CA VAL C 412 5.44 -5.98 -7.11
C VAL C 412 4.35 -5.18 -7.84
N CYS C 413 3.38 -4.67 -7.07
CA CYS C 413 2.22 -4.00 -7.66
C CYS C 413 2.23 -2.48 -7.45
N VAL C 414 2.08 -1.74 -8.54
CA VAL C 414 2.08 -0.28 -8.53
C VAL C 414 0.92 0.25 -9.38
N THR C 415 0.64 1.55 -9.33
CA THR C 415 -0.51 2.06 -10.10
C THR C 415 -0.34 1.80 -11.59
N LEU C 416 -1.42 1.37 -12.22
CA LEU C 416 -1.42 1.12 -13.64
C LEU C 416 -1.53 2.45 -14.37
N CYS C 417 -0.57 2.72 -15.23
CA CYS C 417 -0.56 3.94 -16.02
C CYS C 417 -0.86 3.62 -17.47
N GLU C 418 -1.25 4.64 -18.24
CA GLU C 418 -1.69 4.44 -19.62
C GLU C 418 -0.54 4.14 -20.56
N GLN C 419 0.54 4.92 -20.46
CA GLN C 419 1.63 4.83 -21.42
C GLN C 419 2.84 5.56 -20.86
N THR C 420 3.98 5.44 -21.55
CA THR C 420 5.19 6.12 -21.11
C THR C 420 5.25 7.52 -21.70
N LEU C 421 6.22 8.30 -21.23
CA LEU C 421 6.45 9.63 -21.78
C LEU C 421 6.85 9.52 -23.25
N GLU C 422 7.72 8.56 -23.54
CA GLU C 422 8.20 8.35 -24.91
C GLU C 422 7.05 8.04 -25.86
N ALA C 423 6.13 7.16 -25.44
CA ALA C 423 4.99 6.80 -26.27
C ALA C 423 4.06 8.01 -26.47
N CYS C 424 3.89 8.80 -25.42
CA CYS C 424 2.97 9.92 -25.43
C CYS C 424 3.35 11.00 -26.45
N LEU C 425 4.61 11.42 -26.43
CA LEU C 425 5.04 12.49 -27.32
C LEU C 425 5.34 12.02 -28.75
N ASP C 426 5.30 10.71 -28.98
CA ASP C 426 5.35 10.19 -30.34
C ASP C 426 4.11 10.66 -31.08
N VAL C 427 3.01 10.80 -30.34
CA VAL C 427 1.76 11.31 -30.88
C VAL C 427 1.76 12.83 -30.92
N ASN C 435 3.96 27.86 -33.28
CA ASN C 435 3.52 28.95 -32.41
C ASN C 435 3.08 28.47 -31.04
N GLU C 436 2.61 27.23 -30.98
CA GLU C 436 1.96 26.70 -29.78
C GLU C 436 2.87 26.67 -28.56
N GLU C 437 2.35 27.15 -27.43
CA GLU C 437 3.04 27.06 -26.16
C GLU C 437 2.96 25.63 -25.63
N ASP C 438 4.11 25.01 -25.43
CA ASP C 438 4.14 23.63 -24.97
C ASP C 438 3.75 23.50 -23.50
N GLU C 439 2.44 23.52 -23.23
CA GLU C 439 1.91 23.35 -21.90
C GLU C 439 2.33 22.00 -21.30
N PHE C 440 2.29 20.97 -22.13
CA PHE C 440 2.59 19.60 -21.69
C PHE C 440 3.99 19.49 -21.11
N ALA C 441 4.98 20.02 -21.82
CA ALA C 441 6.38 19.93 -21.41
C ALA C 441 6.63 20.50 -20.02
N ARG C 442 6.06 21.65 -19.72
CA ARG C 442 6.22 22.29 -18.41
C ARG C 442 5.57 21.46 -17.31
N ASN C 443 4.38 20.95 -17.58
CA ASN C 443 3.64 20.18 -16.60
C ASN C 443 4.27 18.83 -16.28
N VAL C 444 4.77 18.13 -17.30
CA VAL C 444 5.42 16.84 -17.06
C VAL C 444 6.75 17.02 -16.32
N LEU C 445 7.54 17.99 -16.75
CA LEU C 445 8.84 18.25 -16.13
C LEU C 445 8.71 18.79 -14.70
N SER C 446 7.66 19.55 -14.44
CA SER C 446 7.39 19.99 -13.08
C SER C 446 7.19 18.78 -12.17
N SER C 447 6.33 17.86 -12.61
CA SER C 447 6.04 16.67 -11.82
C SER C 447 7.30 15.83 -11.60
N ILE C 448 8.09 15.65 -12.66
CA ILE C 448 9.31 14.87 -12.58
C ILE C 448 10.33 15.50 -11.64
N PHE C 449 10.45 16.83 -11.70
CA PHE C 449 11.32 17.55 -10.80
C PHE C 449 10.93 17.28 -9.34
N LYS C 450 9.64 17.38 -9.06
CA LYS C 450 9.14 17.14 -7.71
C LYS C 450 9.34 15.67 -7.30
N ALA C 451 9.17 14.77 -8.26
CA ALA C 451 9.39 13.35 -8.04
C ALA C 451 10.83 13.08 -7.59
N VAL C 452 11.79 13.56 -8.38
CA VAL C 452 13.20 13.39 -8.08
C VAL C 452 13.60 14.06 -6.77
N GLN C 453 13.10 15.27 -6.55
CA GLN C 453 13.41 16.02 -5.35
C GLN C 453 12.98 15.27 -4.09
N GLU C 454 11.77 14.72 -4.14
CA GLU C 454 11.24 13.96 -3.01
C GLU C 454 11.99 12.66 -2.82
N LEU C 455 12.37 12.03 -3.93
CA LEU C 455 13.13 10.78 -3.88
C LEU C 455 14.46 11.01 -3.16
N HIS C 456 15.16 12.08 -3.55
CA HIS C 456 16.43 12.42 -2.93
C HIS C 456 16.29 12.83 -1.46
N LEU C 457 15.40 13.79 -1.22
CA LEU C 457 15.34 14.46 0.08
C LEU C 457 14.40 13.81 1.11
N SER C 458 13.29 13.26 0.66
CA SER C 458 12.34 12.61 1.57
C SER C 458 12.59 11.11 1.69
N CYS C 459 12.59 10.43 0.55
CA CYS C 459 12.77 8.98 0.53
C CYS C 459 14.23 8.62 0.76
N GLY C 460 15.12 9.55 0.42
CA GLY C 460 16.54 9.37 0.60
C GLY C 460 17.18 8.39 -0.38
N TYR C 461 16.65 8.32 -1.60
CA TYR C 461 17.23 7.47 -2.63
C TYR C 461 17.61 8.26 -3.88
N THR C 462 18.55 7.71 -4.65
CA THR C 462 18.83 8.20 -5.99
C THR C 462 18.29 7.21 -7.03
N HIS C 463 17.69 7.71 -8.10
CA HIS C 463 17.02 6.85 -9.09
C HIS C 463 17.96 6.05 -9.99
N GLN C 464 18.94 6.74 -10.58
CA GLN C 464 19.97 6.15 -11.44
C GLN C 464 19.52 5.70 -12.84
N ASP C 465 18.24 5.85 -13.15
CA ASP C 465 17.74 5.40 -14.45
C ASP C 465 16.68 6.36 -14.99
N LEU C 466 16.88 7.65 -14.75
CA LEU C 466 16.01 8.69 -15.28
C LEU C 466 16.03 8.69 -16.81
N GLN C 467 14.91 8.31 -17.41
CA GLN C 467 14.81 8.19 -18.86
C GLN C 467 13.33 8.10 -19.22
N PRO C 468 12.97 8.54 -20.45
CA PRO C 468 11.56 8.70 -20.88
C PRO C 468 10.68 7.46 -20.70
N GLN C 469 11.27 6.27 -20.81
CA GLN C 469 10.52 5.03 -20.66
C GLN C 469 10.14 4.76 -19.21
N ASN C 470 10.79 5.47 -18.29
CA ASN C 470 10.50 5.32 -16.86
C ASN C 470 9.59 6.42 -16.33
N ILE C 471 9.18 7.32 -17.22
CA ILE C 471 8.17 8.31 -16.84
C ILE C 471 6.83 7.87 -17.40
N LEU C 472 5.88 7.63 -16.49
CA LEU C 472 4.60 7.06 -16.89
C LEU C 472 3.49 8.09 -16.85
N ILE C 473 2.59 8.01 -17.83
CA ILE C 473 1.53 8.99 -17.95
C ILE C 473 0.17 8.46 -17.54
N ASP C 474 -0.51 9.23 -16.69
CA ASP C 474 -1.85 8.96 -16.21
C ASP C 474 -2.89 9.01 -17.31
N SER C 475 -4.15 8.88 -16.89
CA SER C 475 -5.28 9.16 -17.77
C SER C 475 -5.67 10.63 -17.67
N LYS C 476 -4.74 11.44 -17.13
CA LYS C 476 -5.07 12.80 -16.69
C LYS C 476 -4.72 14.06 -17.54
N LYS C 477 -3.52 14.17 -18.11
CA LYS C 477 -2.48 13.16 -18.14
C LYS C 477 -1.30 13.53 -17.24
N ALA C 478 -1.36 13.11 -15.97
CA ALA C 478 -0.30 13.39 -15.00
C ALA C 478 0.91 12.46 -15.17
N ALA C 479 2.11 12.99 -14.92
CA ALA C 479 3.33 12.19 -15.00
C ALA C 479 3.72 11.56 -13.66
N HIS C 480 4.36 10.39 -13.73
CA HIS C 480 4.83 9.67 -12.54
C HIS C 480 6.21 9.03 -12.78
N LEU C 481 7.07 9.09 -11.76
CA LEU C 481 8.36 8.40 -11.82
C LEU C 481 8.17 6.92 -11.44
N ALA C 482 8.76 6.02 -12.21
CA ALA C 482 8.70 4.59 -11.92
C ALA C 482 10.04 3.92 -12.15
N ASP C 483 10.06 2.60 -11.95
CA ASP C 483 11.25 1.77 -12.18
C ASP C 483 12.39 2.11 -11.23
N PHE C 484 12.48 1.38 -10.13
CA PHE C 484 13.46 1.67 -9.10
C PHE C 484 14.44 0.53 -8.86
N ASP C 485 14.50 -0.41 -9.80
CA ASP C 485 15.35 -1.58 -9.59
C ASP C 485 16.83 -1.31 -9.81
N LYS C 486 17.17 -0.05 -10.07
CA LYS C 486 18.57 0.39 -10.12
C LYS C 486 18.83 1.54 -9.15
N SER C 487 17.84 1.87 -8.33
CA SER C 487 17.98 2.93 -7.33
C SER C 487 19.02 2.59 -6.25
N ILE C 488 19.51 3.62 -5.57
CA ILE C 488 20.59 3.50 -4.57
C ILE C 488 20.26 4.29 -3.28
N LYS C 489 20.88 3.89 -2.16
CA LYS C 489 20.37 4.09 -0.78
C LYS C 489 19.62 5.33 -0.27
N TRP C 490 20.17 6.55 -0.13
CA TRP C 490 21.45 7.11 -0.58
C TRP C 490 22.37 7.35 0.62
N ALA C 491 23.68 7.26 0.41
CA ALA C 491 24.62 7.25 1.54
C ALA C 491 25.45 8.51 1.73
N GLY C 492 25.50 9.39 0.73
CA GLY C 492 26.22 10.63 0.88
C GLY C 492 27.06 11.03 -0.33
N ASP C 493 27.13 10.14 -1.32
CA ASP C 493 27.94 10.37 -2.50
C ASP C 493 27.32 11.43 -3.41
N PRO C 494 27.97 12.59 -3.54
CA PRO C 494 27.44 13.65 -4.40
C PRO C 494 27.36 13.21 -5.86
N GLN C 495 28.25 12.30 -6.25
CA GLN C 495 28.28 11.80 -7.62
C GLN C 495 26.99 11.05 -8.00
N GLU C 496 26.38 10.38 -7.02
CA GLU C 496 25.14 9.68 -7.27
C GLU C 496 23.99 10.64 -7.57
N VAL C 497 23.97 11.76 -6.85
CA VAL C 497 22.98 12.80 -7.07
C VAL C 497 23.26 13.49 -8.41
N LYS C 498 24.54 13.69 -8.68
CA LYS C 498 24.96 14.34 -9.93
C LYS C 498 24.47 13.57 -11.14
N ARG C 499 24.49 12.24 -11.07
CA ARG C 499 24.07 11.43 -12.20
C ARG C 499 22.59 11.62 -12.51
N ASP C 500 21.76 11.61 -11.46
CA ASP C 500 20.34 11.91 -11.61
C ASP C 500 20.12 13.31 -12.22
N LEU C 501 20.88 14.29 -11.74
CA LEU C 501 20.73 15.67 -12.20
C LEU C 501 21.05 15.87 -13.68
N GLU C 502 22.11 15.23 -14.18
CA GLU C 502 22.42 15.35 -15.60
C GLU C 502 21.57 14.48 -16.51
N ASP C 503 21.01 13.39 -15.97
CA ASP C 503 19.98 12.65 -16.68
C ASP C 503 18.75 13.53 -16.78
N LEU C 504 18.47 14.27 -15.70
CA LEU C 504 17.31 15.15 -15.63
C LEU C 504 17.43 16.30 -16.64
N GLY C 505 18.64 16.85 -16.75
CA GLY C 505 18.90 17.91 -17.70
C GLY C 505 18.64 17.43 -19.12
N ARG C 506 19.07 16.20 -19.39
CA ARG C 506 18.85 15.60 -20.70
C ARG C 506 17.38 15.27 -20.92
N LEU C 507 16.69 14.94 -19.84
CA LEU C 507 15.26 14.68 -19.91
C LEU C 507 14.52 15.95 -20.30
N VAL C 508 14.99 17.08 -19.77
CA VAL C 508 14.41 18.37 -20.13
C VAL C 508 14.52 18.62 -21.63
N LEU C 509 15.73 18.51 -22.17
CA LEU C 509 15.96 18.69 -23.59
C LEU C 509 15.13 17.69 -24.41
N TYR C 510 15.08 16.44 -23.95
CA TYR C 510 14.33 15.41 -24.65
C TYR C 510 12.86 15.77 -24.80
N VAL C 511 12.26 16.26 -23.74
CA VAL C 511 10.84 16.60 -23.73
C VAL C 511 10.56 17.87 -24.53
N VAL C 512 11.42 18.88 -24.35
CA VAL C 512 11.28 20.14 -25.08
C VAL C 512 11.35 19.88 -26.59
N LYS C 513 12.22 18.95 -27.00
CA LYS C 513 12.36 18.56 -28.40
C LYS C 513 11.25 17.59 -28.86
N LYS C 514 10.28 17.36 -27.99
CA LYS C 514 9.13 16.50 -28.29
C LYS C 514 9.52 15.08 -28.74
N GLY C 515 10.66 14.61 -28.25
CA GLY C 515 11.11 13.26 -28.52
C GLY C 515 11.74 13.06 -29.89
N SER C 516 11.96 14.15 -30.62
CA SER C 516 12.55 14.06 -31.95
C SER C 516 14.02 13.65 -31.90
N ILE C 517 14.63 13.81 -30.73
CA ILE C 517 15.99 13.33 -30.51
C ILE C 517 15.95 12.20 -29.49
N SER C 518 16.52 11.05 -29.83
CA SER C 518 16.48 9.88 -28.96
C SER C 518 17.24 10.15 -27.67
N PHE C 519 16.76 9.57 -26.57
CA PHE C 519 17.41 9.78 -25.29
C PHE C 519 18.80 9.17 -25.23
N GLU C 520 19.03 8.12 -25.99
CA GLU C 520 20.32 7.43 -25.91
C GLU C 520 21.47 8.27 -26.45
N ASP C 521 21.26 8.98 -27.55
CA ASP C 521 22.34 9.83 -28.07
C ASP C 521 22.41 11.17 -27.32
N LEU C 522 21.33 11.55 -26.64
CA LEU C 522 21.40 12.66 -25.70
C LEU C 522 22.37 12.31 -24.58
N LYS C 523 22.32 11.07 -24.12
CA LYS C 523 23.21 10.58 -23.09
C LYS C 523 24.65 10.48 -23.60
N ALA C 524 24.78 10.23 -24.89
CA ALA C 524 26.09 10.02 -25.50
C ALA C 524 26.87 11.33 -25.70
N GLN C 525 26.17 12.45 -25.75
CA GLN C 525 26.85 13.73 -25.91
C GLN C 525 27.04 14.50 -24.61
N SER C 526 28.10 15.30 -24.56
CA SER C 526 28.53 15.98 -23.34
C SER C 526 27.49 16.96 -22.83
N ASN C 527 27.71 17.41 -21.59
CA ASN C 527 26.84 18.41 -20.98
C ASN C 527 26.79 19.71 -21.77
N GLU C 528 27.95 20.15 -22.25
CA GLU C 528 28.04 21.39 -23.02
C GLU C 528 27.28 21.25 -24.34
N GLU C 529 27.33 20.06 -24.92
CA GLU C 529 26.64 19.80 -26.18
C GLU C 529 25.13 19.80 -26.00
N VAL C 530 24.67 19.27 -24.86
CA VAL C 530 23.24 19.25 -24.57
C VAL C 530 22.70 20.65 -24.30
N VAL C 531 23.45 21.43 -23.52
CA VAL C 531 23.08 22.82 -23.24
C VAL C 531 22.97 23.62 -24.55
N GLN C 532 23.90 23.38 -25.46
CA GLN C 532 23.96 24.12 -26.71
C GLN C 532 22.94 23.63 -27.73
N LEU C 533 22.27 22.53 -27.42
CA LEU C 533 21.22 21.98 -28.27
C LEU C 533 19.85 22.61 -27.98
N SER C 534 19.76 23.30 -26.86
CA SER C 534 18.52 23.95 -26.43
C SER C 534 18.01 24.94 -27.48
N PRO C 535 16.72 24.84 -27.83
CA PRO C 535 16.08 25.66 -28.87
C PRO C 535 15.64 27.04 -28.37
N ASP C 536 15.56 27.21 -27.06
CA ASP C 536 15.22 28.51 -26.48
C ASP C 536 16.04 28.77 -25.22
N GLU C 537 16.13 30.04 -24.83
CA GLU C 537 17.00 30.45 -23.73
C GLU C 537 16.56 29.95 -22.36
N GLU C 538 15.27 29.73 -22.18
CA GLU C 538 14.77 29.24 -20.89
C GLU C 538 15.22 27.81 -20.63
N THR C 539 15.10 26.94 -21.63
CA THR C 539 15.56 25.56 -21.47
C THR C 539 17.08 25.54 -21.39
N LYS C 540 17.72 26.43 -22.13
CA LYS C 540 19.17 26.52 -22.13
C LYS C 540 19.69 26.84 -20.74
N ASP C 541 19.12 27.88 -20.13
CA ASP C 541 19.53 28.31 -18.81
C ASP C 541 19.19 27.28 -17.72
N LEU C 542 18.01 26.66 -17.82
CA LEU C 542 17.60 25.66 -16.84
C LEU C 542 18.50 24.43 -16.87
N ILE C 543 18.80 23.95 -18.07
CA ILE C 543 19.68 22.80 -18.24
C ILE C 543 21.09 23.09 -17.73
N HIS C 544 21.59 24.29 -18.01
CA HIS C 544 22.90 24.69 -17.52
C HIS C 544 22.95 24.69 -15.99
N ARG C 545 21.85 25.11 -15.36
CA ARG C 545 21.78 25.17 -13.90
C ARG C 545 21.72 23.77 -13.29
N LEU C 546 21.08 22.84 -13.99
CA LEU C 546 21.05 21.45 -13.54
C LEU C 546 22.44 20.84 -13.63
N PHE C 547 23.17 21.19 -14.68
CA PHE C 547 24.52 20.68 -14.90
C PHE C 547 25.52 21.37 -13.99
N HIS C 548 25.19 22.57 -13.53
CA HIS C 548 26.09 23.32 -12.67
C HIS C 548 25.39 23.87 -11.43
N PRO C 549 24.97 22.98 -10.51
CA PRO C 549 24.41 23.50 -9.26
C PRO C 549 25.53 24.07 -8.41
N GLY C 550 25.18 24.92 -7.45
CA GLY C 550 26.18 25.56 -6.61
C GLY C 550 26.43 24.80 -5.33
N GLU C 551 26.70 25.54 -4.25
CA GLU C 551 26.83 24.96 -2.93
C GLU C 551 25.44 24.54 -2.43
N HIS C 552 24.40 25.07 -3.08
CA HIS C 552 23.02 24.70 -2.75
C HIS C 552 22.50 23.56 -3.63
N VAL C 553 23.16 22.40 -3.54
CA VAL C 553 22.72 21.25 -4.33
C VAL C 553 21.37 20.73 -3.82
N ARG C 554 21.20 20.71 -2.51
CA ARG C 554 20.00 20.18 -1.89
C ARG C 554 18.72 20.92 -2.29
N ASP C 555 18.85 22.22 -2.50
CA ASP C 555 17.70 23.07 -2.86
C ASP C 555 17.57 23.28 -4.37
N CYS C 556 18.45 22.62 -5.13
CA CYS C 556 18.55 22.81 -6.58
C CYS C 556 17.20 22.72 -7.28
N LEU C 557 16.55 21.58 -7.16
CA LEU C 557 15.29 21.33 -7.84
C LEU C 557 14.16 22.20 -7.29
N SER C 558 14.19 22.47 -6.00
CA SER C 558 13.21 23.36 -5.38
C SER C 558 13.32 24.77 -5.96
N ASP C 559 14.55 25.29 -6.06
CA ASP C 559 14.77 26.62 -6.61
C ASP C 559 14.36 26.69 -8.07
N LEU C 560 14.74 25.67 -8.84
CA LEU C 560 14.48 25.64 -10.28
C LEU C 560 13.00 25.53 -10.64
N LEU C 561 12.16 25.17 -9.68
CA LEU C 561 10.72 25.18 -9.94
C LEU C 561 10.21 26.61 -10.12
N GLY C 562 11.01 27.59 -9.68
CA GLY C 562 10.71 28.99 -9.86
C GLY C 562 11.39 29.61 -11.07
N HIS C 563 12.09 28.78 -11.84
CA HIS C 563 12.78 29.22 -13.05
C HIS C 563 11.78 29.56 -14.15
N PRO C 564 12.10 30.57 -14.98
CA PRO C 564 11.23 31.03 -16.08
C PRO C 564 10.81 29.93 -17.04
N PHE C 565 11.58 28.84 -17.10
CA PHE C 565 11.17 27.68 -17.89
C PHE C 565 9.78 27.22 -17.50
N PHE C 566 9.44 27.32 -16.22
CA PHE C 566 8.14 26.88 -15.72
C PHE C 566 7.08 27.98 -15.68
N TRP C 567 7.44 29.20 -16.06
CA TRP C 567 6.47 30.28 -16.18
C TRP C 567 5.71 30.13 -17.50
N THR C 568 4.38 30.26 -17.45
CA THR C 568 3.60 30.27 -18.68
C THR C 568 3.92 31.55 -19.47
N TRP C 569 3.59 31.56 -20.76
CA TRP C 569 3.87 32.72 -21.60
C TRP C 569 3.15 33.96 -21.08
N GLU C 570 1.96 33.76 -20.52
CA GLU C 570 1.20 34.84 -19.92
C GLU C 570 1.95 35.41 -18.72
N SER C 571 2.51 34.52 -17.90
CA SER C 571 3.24 34.94 -16.72
C SER C 571 4.56 35.62 -17.05
N ARG C 572 5.24 35.15 -18.09
CA ARG C 572 6.48 35.80 -18.54
C ARG C 572 6.17 37.22 -18.99
N TYR C 573 5.11 37.35 -19.78
CA TYR C 573 4.63 38.63 -20.28
C TYR C 573 4.28 39.55 -19.12
N ARG C 574 3.58 38.99 -18.13
CA ARG C 574 3.15 39.75 -16.97
C ARG C 574 4.32 40.31 -16.13
N THR C 575 5.33 39.48 -15.86
CA THR C 575 6.46 39.96 -15.05
C THR C 575 7.19 41.09 -15.76
N LEU C 576 7.31 40.99 -17.07
CA LEU C 576 7.94 42.05 -17.86
C LEU C 576 7.14 43.35 -17.68
N ARG C 577 5.83 43.25 -17.79
CA ARG C 577 4.95 44.40 -17.59
C ARG C 577 5.10 44.92 -16.16
N ASN C 578 5.18 44.01 -15.20
CA ASN C 578 5.34 44.38 -13.80
C ASN C 578 6.63 45.20 -13.58
N VAL C 579 7.74 44.71 -14.13
CA VAL C 579 9.01 45.41 -14.00
C VAL C 579 8.98 46.75 -14.76
N GLY C 580 8.35 46.75 -15.93
CA GLY C 580 8.22 47.96 -16.72
C GLY C 580 7.35 49.03 -16.07
N ASN C 581 6.62 48.64 -15.03
CA ASN C 581 5.71 49.55 -14.33
C ASN C 581 6.36 50.30 -13.17
N GLU C 582 7.61 49.97 -12.87
CA GLU C 582 8.34 50.67 -11.82
C GLU C 582 8.48 52.15 -12.16
N SER C 583 8.27 53.00 -11.16
CA SER C 583 8.31 54.44 -11.36
C SER C 583 9.67 54.91 -11.86
N ASP C 584 10.75 54.30 -11.35
CA ASP C 584 12.10 54.67 -11.77
C ASP C 584 12.33 54.40 -13.24
N ILE C 585 11.66 53.39 -13.79
CA ILE C 585 11.76 53.10 -15.21
C ILE C 585 11.03 54.15 -16.05
N LYS C 586 9.82 54.51 -15.62
CA LYS C 586 9.05 55.56 -16.28
C LYS C 586 9.77 56.89 -16.20
N THR C 587 10.23 57.23 -15.00
CA THR C 587 11.01 58.44 -14.77
C THR C 587 12.47 58.06 -14.66
N ARG C 588 13.16 57.98 -15.79
CA ARG C 588 14.55 57.53 -15.86
C ARG C 588 15.43 58.17 -14.79
N LYS C 589 15.26 57.71 -13.55
CA LYS C 589 15.90 58.35 -12.41
C LYS C 589 17.42 58.28 -12.49
N SER C 590 18.06 59.33 -11.97
CA SER C 590 19.51 59.49 -12.05
C SER C 590 20.25 58.32 -11.40
N GLU C 591 19.90 58.02 -10.15
CA GLU C 591 20.56 56.93 -9.43
C GLU C 591 19.53 55.99 -8.83
N SER C 592 18.90 55.18 -9.68
CA SER C 592 17.91 54.22 -9.19
C SER C 592 18.47 52.82 -9.12
N GLU C 593 18.04 52.07 -8.10
CA GLU C 593 18.54 50.72 -7.88
C GLU C 593 18.16 49.79 -9.02
N ILE C 594 16.93 49.92 -9.52
CA ILE C 594 16.46 48.99 -10.54
C ILE C 594 17.13 49.21 -11.90
N LEU C 595 17.43 50.46 -12.24
CA LEU C 595 18.10 50.75 -13.49
C LEU C 595 19.54 50.23 -13.49
N ARG C 596 20.23 50.37 -12.36
CA ARG C 596 21.60 49.86 -12.28
C ARG C 596 21.61 48.34 -12.23
N LEU C 597 20.58 47.74 -11.65
CA LEU C 597 20.44 46.29 -11.66
C LEU C 597 20.25 45.81 -13.09
N LEU C 598 19.39 46.49 -13.84
CA LEU C 598 19.09 46.08 -15.21
C LEU C 598 20.21 46.42 -16.20
N GLN C 599 21.13 47.27 -15.78
CA GLN C 599 22.21 47.71 -16.67
C GLN C 599 23.20 46.58 -16.96
N PRO C 600 23.48 46.35 -18.25
CA PRO C 600 24.35 45.26 -18.71
C PRO C 600 25.79 45.38 -18.21
N GLY C 601 26.64 46.06 -18.97
CA GLY C 601 28.02 46.25 -18.60
C GLY C 601 28.98 45.22 -19.17
N PRO C 602 30.27 45.36 -18.87
CA PRO C 602 31.34 44.47 -19.36
C PRO C 602 31.35 43.13 -18.64
N SER C 603 31.51 42.05 -19.39
CA SER C 603 31.57 42.12 -20.85
C SER C 603 30.38 41.37 -21.44
N GLU C 604 29.18 41.71 -20.97
CA GLU C 604 27.95 41.08 -21.44
C GLU C 604 27.81 41.26 -22.95
N HIS C 605 27.74 40.14 -23.66
CA HIS C 605 27.74 40.14 -25.11
C HIS C 605 26.43 40.63 -25.72
N SER C 606 26.45 40.92 -27.01
CA SER C 606 25.34 41.59 -27.69
C SER C 606 24.00 40.88 -27.56
N LYS C 607 23.16 41.42 -26.68
CA LYS C 607 21.80 40.93 -26.49
C LYS C 607 20.91 41.34 -27.67
N SER C 608 19.81 40.64 -27.86
CA SER C 608 18.91 40.90 -28.98
C SER C 608 18.19 42.24 -28.83
N PHE C 609 18.16 42.77 -27.62
CA PHE C 609 17.46 44.01 -27.35
C PHE C 609 18.38 45.24 -27.28
N ASP C 610 19.62 45.08 -27.75
CA ASP C 610 20.60 46.16 -27.67
C ASP C 610 20.21 47.41 -28.46
N LYS C 611 19.50 47.23 -29.57
CA LYS C 611 19.00 48.35 -30.37
C LYS C 611 17.53 48.10 -30.66
N TRP C 612 16.77 47.85 -29.60
CA TRP C 612 15.44 47.27 -29.74
C TRP C 612 14.43 48.09 -30.51
N THR C 613 14.53 49.42 -30.42
CA THR C 613 13.58 50.28 -31.12
C THR C 613 13.64 50.07 -32.63
N THR C 614 14.80 49.63 -33.12
CA THR C 614 14.98 49.34 -34.53
C THR C 614 14.39 48.00 -34.94
N LYS C 615 14.07 47.16 -33.95
CA LYS C 615 13.51 45.84 -34.22
C LYS C 615 11.98 45.85 -34.24
N ILE C 616 11.38 46.90 -33.69
CA ILE C 616 9.92 47.03 -33.62
C ILE C 616 9.33 47.27 -35.02
N ASN C 617 8.02 47.16 -35.13
CA ASN C 617 7.28 46.97 -36.39
C ASN C 617 7.74 47.63 -37.72
N GLU C 618 7.83 48.96 -37.82
CA GLU C 618 7.75 49.91 -36.73
C GLU C 618 6.69 51.00 -36.97
N CYS C 619 5.53 50.60 -37.48
CA CYS C 619 4.37 51.48 -37.47
C CYS C 619 3.82 51.48 -36.05
N VAL C 620 4.01 50.35 -35.38
CA VAL C 620 3.67 50.21 -33.96
C VAL C 620 4.52 51.18 -33.16
N MET C 621 5.77 51.34 -33.59
CA MET C 621 6.74 52.15 -32.87
C MET C 621 6.37 53.64 -32.86
N LYS C 622 5.91 54.16 -34.00
CA LYS C 622 5.53 55.56 -34.03
C LYS C 622 4.23 55.81 -33.28
N LYS C 623 3.31 54.85 -33.33
CA LYS C 623 2.09 54.94 -32.53
C LYS C 623 2.42 54.97 -31.04
N MET C 624 3.44 54.23 -30.64
CA MET C 624 3.83 54.18 -29.22
C MET C 624 4.52 55.48 -28.79
N ASN C 625 5.39 56.00 -29.65
CA ASN C 625 6.07 57.26 -29.37
C ASN C 625 5.12 58.45 -29.32
N LYS C 626 3.95 58.28 -29.92
CA LYS C 626 2.94 59.33 -29.97
C LYS C 626 2.51 59.76 -28.56
N PHE C 627 2.59 58.83 -27.62
CA PHE C 627 2.23 59.10 -26.24
C PHE C 627 3.22 60.03 -25.54
N TYR C 628 4.40 60.22 -26.14
CA TYR C 628 5.42 61.05 -25.52
C TYR C 628 5.84 62.28 -26.31
N GLU C 629 5.10 62.62 -27.36
CA GLU C 629 5.48 63.79 -28.13
C GLU C 629 5.14 65.10 -27.43
N LYS C 630 4.03 65.14 -26.70
CA LYS C 630 3.68 66.34 -25.95
C LYS C 630 4.45 66.43 -24.63
N ARG C 631 4.40 65.35 -23.86
CA ARG C 631 5.03 65.33 -22.55
C ARG C 631 5.90 64.08 -22.43
N GLY C 632 7.14 64.27 -21.99
CA GLY C 632 8.07 63.16 -21.83
C GLY C 632 9.02 63.00 -22.99
N ASN C 633 9.67 61.85 -23.05
CA ASN C 633 10.66 61.59 -24.10
C ASN C 633 10.35 60.33 -24.89
N PHE C 634 10.79 60.29 -26.14
CA PHE C 634 10.60 59.11 -26.98
C PHE C 634 11.42 57.94 -26.43
N TYR C 635 11.02 56.73 -26.79
CA TYR C 635 11.70 55.54 -26.29
C TYR C 635 13.15 55.51 -26.75
N GLN C 636 14.07 55.23 -25.81
CA GLN C 636 15.46 55.01 -26.20
C GLN C 636 15.83 53.53 -26.11
N ASN C 637 17.00 53.18 -26.62
CA ASN C 637 17.41 51.78 -26.72
C ASN C 637 17.92 51.16 -25.42
N THR C 638 17.41 51.63 -24.28
CA THR C 638 17.78 51.06 -22.98
C THR C 638 16.85 49.90 -22.61
N VAL C 639 17.32 49.01 -21.75
CA VAL C 639 16.52 47.87 -21.31
C VAL C 639 15.28 48.33 -20.54
N GLY C 640 15.45 49.37 -19.73
CA GLY C 640 14.34 49.91 -18.97
C GLY C 640 13.22 50.39 -19.89
N ASP C 641 13.60 51.06 -20.98
CA ASP C 641 12.63 51.58 -21.93
C ASP C 641 11.88 50.47 -22.65
N LEU C 642 12.55 49.36 -22.93
CA LEU C 642 11.89 48.22 -23.56
C LEU C 642 10.84 47.62 -22.62
N LEU C 643 11.19 47.53 -21.34
CA LEU C 643 10.25 47.01 -20.35
C LEU C 643 9.06 47.96 -20.19
N LYS C 644 9.34 49.26 -20.18
CA LYS C 644 8.28 50.27 -20.16
C LYS C 644 7.40 50.14 -21.40
N PHE C 645 8.05 49.94 -22.54
CA PHE C 645 7.36 49.75 -23.82
C PHE C 645 6.39 48.57 -23.73
N ILE C 646 6.88 47.47 -23.15
CA ILE C 646 6.06 46.26 -22.99
C ILE C 646 4.87 46.52 -22.08
N ARG C 647 5.13 47.17 -20.94
CA ARG C 647 4.06 47.54 -20.02
C ARG C 647 3.01 48.43 -20.69
N ASN C 648 3.46 49.49 -21.36
CA ASN C 648 2.54 50.41 -22.04
C ASN C 648 1.70 49.72 -23.12
N LEU C 649 2.35 48.91 -23.94
CA LEU C 649 1.65 48.21 -25.03
C LEU C 649 0.60 47.26 -24.48
N GLY C 650 0.90 46.64 -23.34
CA GLY C 650 -0.03 45.74 -22.69
C GLY C 650 -1.28 46.49 -22.28
N GLU C 651 -1.08 47.70 -21.77
CA GLU C 651 -2.18 48.55 -21.35
C GLU C 651 -3.02 49.01 -22.55
N ASN C 652 -2.33 49.36 -23.64
CA ASN C 652 -3.00 49.80 -24.85
C ASN C 652 -3.85 48.69 -25.49
N ILE C 653 -3.23 47.54 -25.68
CA ILE C 653 -3.92 46.38 -26.28
C ILE C 653 -5.14 45.96 -25.46
N ASP C 654 -5.02 46.03 -24.13
CA ASP C 654 -6.14 45.72 -23.24
C ASP C 654 -7.33 46.66 -23.42
N GLU C 655 -7.05 47.91 -23.80
CA GLU C 655 -8.12 48.88 -24.02
C GLU C 655 -8.87 48.58 -25.32
N MET C 661 -4.26 47.63 -32.99
CA MET C 661 -2.98 47.26 -32.39
C MET C 661 -2.82 45.75 -32.28
N LYS C 662 -3.91 45.05 -31.97
CA LYS C 662 -3.87 43.61 -31.82
C LYS C 662 -3.56 42.91 -33.14
N LEU C 663 -4.06 43.46 -34.23
CA LEU C 663 -3.85 42.88 -35.56
C LEU C 663 -2.39 42.95 -36.00
N LYS C 664 -1.72 44.04 -35.63
CA LYS C 664 -0.33 44.24 -36.03
C LYS C 664 0.58 43.31 -35.23
N ILE C 665 0.41 43.32 -33.92
CA ILE C 665 1.28 42.55 -33.02
C ILE C 665 0.93 41.08 -32.97
N GLY C 666 -0.37 40.78 -32.97
CA GLY C 666 -0.82 39.43 -32.70
C GLY C 666 -0.65 39.20 -31.21
N ASP C 667 -0.51 37.95 -30.80
CA ASP C 667 -0.31 37.63 -29.39
C ASP C 667 0.95 38.30 -28.86
N PRO C 668 0.79 39.22 -27.90
CA PRO C 668 1.89 40.08 -27.42
C PRO C 668 3.01 39.32 -26.71
N SER C 669 2.67 38.34 -25.88
CA SER C 669 3.68 37.55 -25.20
C SER C 669 4.58 36.84 -26.21
N LEU C 670 3.95 36.19 -27.19
CA LEU C 670 4.68 35.52 -28.27
C LEU C 670 5.55 36.54 -28.99
N TYR C 671 4.98 37.72 -29.24
CA TYR C 671 5.67 38.74 -30.00
C TYR C 671 6.98 39.14 -29.35
N PHE C 672 6.94 39.55 -28.09
CA PHE C 672 8.16 40.00 -27.42
C PHE C 672 9.18 38.88 -27.23
N GLN C 673 8.70 37.68 -26.92
CA GLN C 673 9.58 36.52 -26.80
C GLN C 673 10.23 36.16 -28.14
N LYS C 674 9.46 36.26 -29.24
CA LYS C 674 10.01 36.00 -30.57
C LYS C 674 11.16 36.94 -30.92
N THR C 675 10.92 38.24 -30.88
CA THR C 675 11.94 39.18 -31.32
C THR C 675 13.01 39.47 -30.27
N PHE C 676 12.72 39.15 -29.01
CA PHE C 676 13.72 39.28 -27.95
C PHE C 676 13.80 38.00 -27.09
N PRO C 677 14.31 36.90 -27.66
CA PRO C 677 14.33 35.58 -27.02
C PRO C 677 15.16 35.52 -25.74
N ASP C 678 16.07 36.47 -25.57
CA ASP C 678 16.97 36.45 -24.42
C ASP C 678 16.53 37.38 -23.30
N LEU C 679 15.41 38.09 -23.51
CA LEU C 679 14.94 39.10 -22.58
C LEU C 679 14.44 38.55 -21.24
N VAL C 680 13.62 37.51 -21.29
CA VAL C 680 13.03 36.95 -20.07
C VAL C 680 14.09 36.43 -19.11
N ILE C 681 15.04 35.66 -19.63
CA ILE C 681 16.12 35.11 -18.81
C ILE C 681 17.05 36.20 -18.29
N TYR C 682 17.25 37.23 -19.10
CA TYR C 682 18.06 38.37 -18.69
C TYR C 682 17.46 39.04 -17.46
N VAL C 683 16.17 39.38 -17.54
CA VAL C 683 15.48 40.03 -16.43
C VAL C 683 15.45 39.14 -15.19
N TYR C 684 15.25 37.84 -15.39
CA TYR C 684 15.25 36.90 -14.29
C TYR C 684 16.61 36.85 -13.59
N THR C 685 17.68 36.73 -14.39
CA THR C 685 19.02 36.62 -13.85
C THR C 685 19.42 37.90 -13.11
N LYS C 686 19.02 39.04 -13.66
CA LYS C 686 19.37 40.34 -13.10
C LYS C 686 18.65 40.62 -11.79
N LEU C 687 17.42 40.11 -11.66
CA LEU C 687 16.56 40.48 -10.54
C LEU C 687 16.35 39.34 -9.54
N GLN C 688 16.85 38.16 -9.88
CA GLN C 688 16.63 36.92 -9.10
C GLN C 688 16.81 37.07 -7.59
N ASN C 689 17.93 37.66 -7.17
CA ASN C 689 18.21 37.79 -5.74
C ASN C 689 18.03 39.21 -5.21
N THR C 690 17.00 39.90 -5.70
CA THR C 690 16.69 41.25 -5.26
C THR C 690 15.23 41.34 -4.84
N GLU C 691 14.86 42.45 -4.22
CA GLU C 691 13.47 42.67 -3.82
C GLU C 691 12.53 42.70 -5.03
N TYR C 692 13.09 42.97 -6.20
CA TYR C 692 12.31 43.04 -7.44
C TYR C 692 11.84 41.66 -7.93
N ARG C 693 12.21 40.62 -7.20
CA ARG C 693 11.71 39.28 -7.46
C ARG C 693 10.22 39.20 -7.17
N LYS C 694 9.70 40.21 -6.47
CA LYS C 694 8.28 40.31 -6.18
C LYS C 694 7.44 40.39 -7.45
N HIS C 695 8.07 40.80 -8.55
CA HIS C 695 7.38 40.91 -9.83
C HIS C 695 7.23 39.56 -10.54
N PHE C 696 7.94 38.55 -10.06
CA PHE C 696 7.90 37.20 -10.63
C PHE C 696 6.55 36.53 -10.33
N PRO C 697 6.22 35.45 -11.06
CA PRO C 697 5.01 34.68 -10.76
C PRO C 697 5.02 34.05 -9.37
N GLN C 698 3.89 33.45 -8.98
CA GLN C 698 3.66 33.02 -7.60
C GLN C 698 4.40 31.77 -7.11
N THR C 699 4.44 30.72 -7.93
CA THR C 699 5.02 29.45 -7.49
C THR C 699 6.54 29.53 -7.29
#